data_7Q4W
#
_entry.id   7Q4W
#
loop_
_entity.id
_entity.type
_entity.pdbx_description
1 polymer 'Iron hydrogenase HydA1'
2 polymer 'Iron hydrogenase HydB'
3 polymer 'Iron hydrogenase HydC'
4 non-polymer 'IRON/SULFUR CLUSTER'
5 non-polymer 'FE2/S2 (INORGANIC) CLUSTER'
6 non-polymer 'FLAVIN MONONUCLEOTIDE'
7 non-polymer 'ZINC ION'
#
loop_
_entity_poly.entity_id
_entity_poly.type
_entity_poly.pdbx_seq_one_letter_code
_entity_poly.pdbx_strand_id
1 'polypeptide(L)'
;MKEITFKINGQEMIVPEGTTILEAARMNNIDIPTLCYLKDINEIGACRMCLVEIAGARALQAACVYPVANGIEVLTNSPK
VREARRVNLELILSNHNRECTTCIRSENCELQTLATDLGVSDIPFEGEKSGKLIDDLSTSVVRDESKCILCKRCVSVCRD
VQSVAVLGTVGRGFTSQVQPVFNKSLADVGCINCGQCIINCPVGALKEKSDIQRVWDAIADPSKTVIVQTAPAVRAALGE
EFGYPMGTSVTGKMAAALRRLGFDKVFDTDFGADVCIMEEGTELIGRVTNGGVLPMITSCSPGWIKFIETYYPEAIPHLS
SCKSPQNITGALLKNHYAQTNNIDPKDMVVVSIMPCTAKKYEVQREELCTDGNADVDISITTRELARMIKEARILFNKLP
DEDFDDYYGESTGAAVIFGATGGVMEAAVRTVADVLNKKDIQEIDYQIVRGVDGIKKASVEVTPDLTVNLVVAHGGANIR
EVMEQLKAGELADTHFIELMACPGGCVNGGGQPIVSAKDKMDIDIRTERAKALYDEDANVLTYRKSHQNPSVIRLYEEYL
EEPNSPKAHHILHTKYSAKPKLV
;
A,E
2 'polypeptide(L)'
;NIDEYIGFDGYLALEKVLLTMSPVDVINEVKASGLRGRGGGGFPTGLKWQFAHDAVSEDGIKYVACNADEGDPGAFMDRS
VLEGDPHAVIEAMAIAGYAVGASKGYVYVRAEYPIAVNRLQIAIDQAKEYGILGENIFETDFSFDLEIRLGAGAFVCGEE
TALMNSIEGKRGEPRPRPPFPANKGLFGKPTVLNNVETYANIPKIILNGAEWFASVGTEKSKGTKVFALGGKINNTGLLE
IPMGTTLREIIYEIGGGIPNGKAFKAAQTGGPSGGCLPESLLDTEIDYDNLIAAGSMMGSGGLIVMDEDNCMVDVARFFL
DFTQDESCGKCPPCRIGTKRMLEILERICDGKGVEGDIERLEELAVGIKSSALCGLGQTAPNPVLSTIRFFRDEYEAHIR
DKKCPAGVCKHLLDFKINADTCKGCGICAKKCPADAISGEKKKPYNIDTSKCIKCGACIEACPFGSISKA
;
B,F
3 'polypeptide(L)'
;MAELIPVENLDVVKAIVAEHREVPGCLMQILQETQLKYGYLPLELQGTIADELGIPLTEVYGVATFYSQFTLKPKGKYKI
GICLGTACYVRGSQAIIDKVNSVLGTQVGDTTEDGKWSVDATRCVGACGLAPVMMINEEVFGRLTVDEIPGILEKY
;
C,G
#
# COMPACT_ATOMS: atom_id res chain seq x y z
N MET A 1 21.93 -43.11 12.06
CA MET A 1 21.90 -41.66 12.13
C MET A 1 23.31 -41.09 12.15
N LYS A 2 23.60 -40.26 11.15
CA LYS A 2 24.94 -39.71 10.95
C LYS A 2 25.06 -38.35 11.62
N GLU A 3 26.22 -38.08 12.22
CA GLU A 3 26.48 -36.82 12.89
C GLU A 3 27.30 -35.90 11.99
N ILE A 4 26.79 -34.69 11.76
CA ILE A 4 27.43 -33.68 10.91
C ILE A 4 27.87 -32.53 11.81
N THR A 5 29.10 -32.07 11.60
CA THR A 5 29.68 -30.96 12.35
C THR A 5 29.74 -29.74 11.44
N PHE A 6 29.25 -28.60 11.92
CA PHE A 6 29.35 -27.41 11.07
C PHE A 6 29.55 -26.17 11.93
N LYS A 7 30.23 -25.20 11.34
CA LYS A 7 30.71 -24.01 12.02
C LYS A 7 30.09 -22.79 11.36
N ILE A 8 29.23 -22.08 12.10
CA ILE A 8 28.59 -20.88 11.60
C ILE A 8 28.74 -19.75 12.61
N ASN A 9 29.27 -18.62 12.12
CA ASN A 9 29.16 -17.33 12.78
C ASN A 9 29.69 -17.36 14.23
N GLY A 10 30.78 -18.10 14.44
CA GLY A 10 31.39 -18.20 15.75
C GLY A 10 30.98 -19.39 16.60
N GLN A 11 30.05 -20.22 16.14
CA GLN A 11 29.54 -21.33 16.94
C GLN A 11 29.50 -22.61 16.12
N GLU A 12 29.93 -23.73 16.71
CA GLU A 12 29.92 -25.02 16.05
C GLU A 12 28.83 -25.93 16.62
N MET A 13 28.25 -26.77 15.76
CA MET A 13 27.17 -27.67 16.16
C MET A 13 27.31 -29.05 15.54
N ILE A 14 26.75 -30.03 16.25
CA ILE A 14 26.57 -31.40 15.78
C ILE A 14 25.07 -31.61 15.54
N VAL A 15 24.72 -32.10 14.35
CA VAL A 15 23.31 -32.33 14.00
C VAL A 15 23.20 -33.68 13.30
N PRO A 16 22.00 -34.26 13.29
CA PRO A 16 21.79 -35.47 12.48
C PRO A 16 21.83 -35.18 10.98
N GLU A 17 22.00 -36.26 10.22
CA GLU A 17 21.93 -36.18 8.76
C GLU A 17 20.55 -35.72 8.31
N GLY A 18 20.51 -35.00 7.20
CA GLY A 18 19.28 -34.43 6.69
C GLY A 18 18.94 -33.07 7.25
N THR A 19 19.74 -32.57 8.19
CA THR A 19 19.51 -31.25 8.78
C THR A 19 19.67 -30.16 7.73
N THR A 20 18.82 -29.14 7.82
CA THR A 20 18.97 -27.94 7.02
C THR A 20 19.48 -26.80 7.88
N ILE A 21 20.16 -25.85 7.24
CA ILE A 21 20.79 -24.75 7.96
C ILE A 21 19.75 -23.82 8.55
N LEU A 22 18.57 -23.74 7.93
CA LEU A 22 17.52 -22.84 8.39
C LEU A 22 17.07 -23.16 9.80
N GLU A 23 16.47 -24.34 10.00
CA GLU A 23 16.00 -24.70 11.33
C GLU A 23 17.15 -24.96 12.28
N ALA A 24 18.35 -25.24 11.77
CA ALA A 24 19.53 -25.29 12.62
C ALA A 24 19.80 -23.92 13.25
N ALA A 25 19.70 -22.85 12.45
CA ALA A 25 19.88 -21.51 12.98
C ALA A 25 18.71 -21.11 13.88
N ARG A 26 17.49 -21.56 13.54
CA ARG A 26 16.34 -21.36 14.40
C ARG A 26 16.59 -21.94 15.78
N MET A 27 17.12 -23.16 15.83
CA MET A 27 17.48 -23.78 17.10
C MET A 27 18.60 -23.02 17.80
N ASN A 28 19.50 -22.41 17.04
CA ASN A 28 20.63 -21.67 17.58
C ASN A 28 20.38 -20.18 17.67
N ASN A 29 19.11 -19.76 17.65
CA ASN A 29 18.69 -18.38 17.91
C ASN A 29 19.21 -17.43 16.83
N ILE A 30 18.93 -17.78 15.58
CA ILE A 30 19.17 -16.91 14.42
C ILE A 30 18.00 -17.09 13.46
N ASP A 31 17.49 -15.99 12.92
CA ASP A 31 16.33 -16.01 12.04
C ASP A 31 16.72 -15.65 10.61
N ILE A 32 16.09 -16.31 9.65
CA ILE A 32 16.32 -16.09 8.22
C ILE A 32 14.95 -15.96 7.53
N PRO A 33 14.77 -15.02 6.62
CA PRO A 33 13.44 -14.80 6.02
C PRO A 33 12.96 -15.99 5.22
N THR A 34 11.65 -16.21 5.23
CA THR A 34 11.04 -17.30 4.49
C THR A 34 9.78 -16.82 3.78
N LEU A 35 9.65 -17.17 2.50
CA LEU A 35 8.40 -17.02 1.78
C LEU A 35 7.83 -18.36 1.34
N CYS A 36 8.58 -19.14 0.55
CA CYS A 36 8.06 -20.36 -0.04
C CYS A 36 8.24 -21.58 0.84
N TYR A 37 8.77 -21.41 2.04
CA TYR A 37 9.07 -22.54 2.90
C TYR A 37 7.91 -22.81 3.85
N LEU A 38 7.49 -24.07 3.89
CA LEU A 38 6.55 -24.57 4.88
C LEU A 38 7.15 -25.83 5.49
N LYS A 39 6.92 -26.04 6.78
CA LYS A 39 7.51 -27.19 7.44
C LYS A 39 6.99 -28.49 6.84
N ASP A 40 7.87 -29.20 6.14
CA ASP A 40 7.64 -30.54 5.60
C ASP A 40 6.57 -30.57 4.52
N ILE A 41 6.23 -29.44 3.91
CA ILE A 41 5.19 -29.41 2.90
C ILE A 41 5.75 -28.87 1.58
N ASN A 42 6.30 -27.67 1.59
CA ASN A 42 6.84 -27.03 0.40
C ASN A 42 8.31 -26.69 0.66
N GLU A 43 9.21 -27.52 0.15
CA GLU A 43 10.65 -27.28 0.22
C GLU A 43 11.19 -27.40 -1.20
N ILE A 44 11.19 -26.28 -1.93
CA ILE A 44 11.63 -26.30 -3.32
C ILE A 44 12.67 -25.24 -3.64
N GLY A 45 12.70 -24.11 -2.94
CA GLY A 45 13.69 -23.09 -3.26
C GLY A 45 13.26 -22.10 -4.32
N ALA A 46 11.97 -21.84 -4.43
CA ALA A 46 11.50 -20.85 -5.41
C ALA A 46 11.43 -19.43 -4.85
N CYS A 47 11.39 -19.27 -3.53
CA CYS A 47 11.21 -17.93 -2.95
C CYS A 47 12.37 -17.03 -3.32
N ARG A 48 13.59 -17.55 -3.19
CA ARG A 48 14.82 -16.84 -3.53
C ARG A 48 14.97 -15.60 -2.65
N MET A 49 14.69 -15.76 -1.36
CA MET A 49 14.80 -14.72 -0.34
C MET A 49 15.97 -14.92 0.62
N CYS A 50 16.27 -16.16 0.96
CA CYS A 50 16.99 -16.55 2.16
C CYS A 50 18.48 -16.74 1.94
N LEU A 51 19.10 -15.91 1.12
CA LEU A 51 20.45 -16.18 0.64
C LEU A 51 21.46 -16.00 1.78
N VAL A 52 22.47 -16.87 1.81
CA VAL A 52 23.56 -16.78 2.79
C VAL A 52 24.87 -17.09 2.09
N GLU A 53 25.92 -16.40 2.52
CA GLU A 53 27.25 -16.62 1.97
C GLU A 53 27.79 -17.98 2.42
N ILE A 54 28.36 -18.73 1.49
CA ILE A 54 28.92 -20.05 1.76
C ILE A 54 30.39 -20.02 1.37
N ALA A 55 31.25 -20.50 2.26
CA ALA A 55 32.68 -20.51 2.00
C ALA A 55 33.01 -21.38 0.81
N GLY A 56 33.83 -20.85 -0.10
CA GLY A 56 34.22 -21.58 -1.29
C GLY A 56 33.20 -21.61 -2.40
N ALA A 57 32.07 -20.92 -2.24
CA ALA A 57 31.01 -20.95 -3.23
C ALA A 57 31.18 -19.80 -4.23
N ARG A 58 30.94 -20.12 -5.51
CA ARG A 58 31.05 -19.10 -6.56
C ARG A 58 30.02 -18.00 -6.36
N ALA A 59 28.78 -18.38 -6.06
CA ALA A 59 27.71 -17.42 -5.86
C ALA A 59 26.99 -17.79 -4.57
N LEU A 60 25.86 -17.14 -4.34
CA LEU A 60 25.12 -17.36 -3.11
C LEU A 60 24.24 -18.60 -3.24
N GLN A 61 23.92 -19.20 -2.10
CA GLN A 61 23.02 -20.35 -2.06
C GLN A 61 21.84 -20.06 -1.15
N ALA A 62 20.71 -20.68 -1.47
CA ALA A 62 19.46 -20.47 -0.75
C ALA A 62 19.43 -21.37 0.47
N ALA A 63 19.39 -20.76 1.65
CA ALA A 63 19.43 -21.50 2.91
C ALA A 63 18.20 -22.34 3.16
N CYS A 64 17.10 -22.12 2.43
CA CYS A 64 15.86 -22.82 2.73
C CYS A 64 15.95 -24.31 2.44
N VAL A 65 16.65 -24.68 1.37
CA VAL A 65 16.62 -26.07 0.91
C VAL A 65 18.07 -26.56 0.90
N TYR A 66 18.97 -25.74 1.43
CA TYR A 66 20.39 -26.05 1.39
C TYR A 66 20.73 -27.10 2.45
N PRO A 67 21.16 -28.29 2.07
CA PRO A 67 21.55 -29.29 3.06
C PRO A 67 22.85 -28.90 3.72
N VAL A 68 23.01 -29.32 4.97
CA VAL A 68 24.24 -29.03 5.69
C VAL A 68 25.36 -29.93 5.18
N ALA A 69 26.59 -29.49 5.39
CA ALA A 69 27.77 -30.26 5.03
C ALA A 69 28.82 -30.10 6.13
N ASN A 70 29.78 -31.02 6.14
CA ASN A 70 30.78 -31.05 7.20
C ASN A 70 31.87 -30.02 6.95
N GLY A 71 32.28 -29.34 8.01
CA GLY A 71 33.42 -28.45 7.95
C GLY A 71 33.21 -27.16 7.19
N ILE A 72 31.98 -26.75 6.96
CA ILE A 72 31.69 -25.57 6.16
C ILE A 72 31.71 -24.33 7.05
N GLU A 73 31.84 -23.17 6.41
CA GLU A 73 31.76 -21.89 7.08
C GLU A 73 30.66 -21.05 6.43
N VAL A 74 29.80 -20.49 7.26
CA VAL A 74 28.63 -19.75 6.80
C VAL A 74 28.60 -18.39 7.49
N LEU A 75 28.48 -17.33 6.70
CA LEU A 75 28.34 -15.98 7.22
C LEU A 75 27.10 -15.35 6.62
N THR A 76 26.26 -14.76 7.46
CA THR A 76 24.91 -14.33 7.08
C THR A 76 24.73 -12.82 7.05
N ASN A 77 25.81 -12.05 7.09
CA ASN A 77 25.68 -10.60 7.14
C ASN A 77 26.71 -9.91 6.25
N SER A 78 26.95 -10.46 5.07
CA SER A 78 27.82 -9.79 4.12
C SER A 78 27.06 -8.68 3.40
N PRO A 79 27.76 -7.66 2.89
CA PRO A 79 27.09 -6.66 2.06
C PRO A 79 26.45 -7.24 0.80
N LYS A 80 27.04 -8.28 0.21
CA LYS A 80 26.44 -8.90 -0.97
C LYS A 80 25.07 -9.48 -0.65
N VAL A 81 24.93 -10.12 0.51
CA VAL A 81 23.66 -10.71 0.90
C VAL A 81 22.59 -9.63 1.03
N ARG A 82 22.92 -8.53 1.71
CA ARG A 82 21.96 -7.46 1.90
C ARG A 82 21.56 -6.83 0.57
N GLU A 83 22.53 -6.59 -0.31
CA GLU A 83 22.21 -6.00 -1.60
C GLU A 83 21.36 -6.94 -2.46
N ALA A 84 21.68 -8.24 -2.43
CA ALA A 84 20.88 -9.21 -3.17
C ALA A 84 19.45 -9.26 -2.66
N ARG A 85 19.27 -9.25 -1.33
CA ARG A 85 17.93 -9.24 -0.78
C ARG A 85 17.17 -7.98 -1.17
N ARG A 86 17.82 -6.81 -1.09
CA ARG A 86 17.14 -5.57 -1.45
C ARG A 86 16.72 -5.58 -2.92
N VAL A 87 17.63 -5.95 -3.82
CA VAL A 87 17.31 -5.91 -5.25
C VAL A 87 16.24 -6.95 -5.58
N ASN A 88 16.28 -8.10 -4.92
CA ASN A 88 15.33 -9.15 -5.27
C ASN A 88 13.94 -8.77 -4.76
N LEU A 89 13.85 -8.15 -3.58
CA LEU A 89 12.56 -7.65 -3.13
C LEU A 89 12.04 -6.54 -4.04
N GLU A 90 12.94 -5.66 -4.52
CA GLU A 90 12.52 -4.65 -5.48
C GLU A 90 11.95 -5.29 -6.74
N LEU A 91 12.58 -6.38 -7.19
CA LEU A 91 12.11 -7.07 -8.39
C LEU A 91 10.73 -7.69 -8.16
N ILE A 92 10.58 -8.44 -7.05
CA ILE A 92 9.33 -9.17 -6.82
C ILE A 92 8.18 -8.23 -6.50
N LEU A 93 8.48 -7.08 -5.87
CA LEU A 93 7.42 -6.15 -5.52
C LEU A 93 6.88 -5.39 -6.71
N SER A 94 7.55 -5.45 -7.87
CA SER A 94 7.09 -4.74 -9.05
C SER A 94 5.89 -5.40 -9.70
N ASN A 95 5.47 -6.58 -9.24
CA ASN A 95 4.30 -7.25 -9.76
C ASN A 95 3.10 -7.15 -8.83
N HIS A 96 3.29 -7.44 -7.55
CA HIS A 96 2.21 -7.39 -6.57
C HIS A 96 1.62 -5.99 -6.52
N ASN A 97 0.33 -5.89 -6.83
CA ASN A 97 -0.38 -4.62 -6.83
C ASN A 97 -0.22 -3.92 -5.49
N ARG A 98 0.43 -2.76 -5.51
CA ARG A 98 0.94 -2.14 -4.29
C ARG A 98 -0.11 -1.38 -3.51
N GLU A 99 -1.40 -1.56 -3.80
CA GLU A 99 -2.45 -0.90 -3.01
C GLU A 99 -2.74 -1.77 -1.80
N CYS A 100 -1.89 -1.68 -0.80
CA CYS A 100 -2.04 -2.51 0.39
C CYS A 100 -2.98 -1.90 1.41
N THR A 101 -3.73 -0.86 1.06
CA THR A 101 -4.79 -0.43 1.96
C THR A 101 -6.00 -1.35 1.90
N THR A 102 -6.19 -2.08 0.81
CA THR A 102 -7.44 -2.80 0.58
C THR A 102 -7.29 -4.30 0.44
N CYS A 103 -6.09 -4.87 0.64
CA CYS A 103 -5.98 -6.31 0.73
C CYS A 103 -6.69 -6.80 1.98
N ILE A 104 -7.31 -7.98 1.89
CA ILE A 104 -7.91 -8.59 3.07
C ILE A 104 -6.83 -8.89 4.11
N ARG A 105 -5.69 -9.41 3.67
CA ARG A 105 -4.62 -9.73 4.60
C ARG A 105 -4.09 -8.48 5.29
N SER A 106 -3.73 -7.47 4.50
CA SER A 106 -3.35 -6.15 5.01
C SER A 106 -2.25 -6.19 6.05
N GLU A 107 -2.63 -6.19 7.33
CA GLU A 107 -1.66 -6.02 8.40
C GLU A 107 -0.70 -7.20 8.54
N ASN A 108 -1.12 -8.43 8.22
CA ASN A 108 -0.25 -9.59 8.39
C ASN A 108 0.08 -10.28 7.07
N CYS A 109 0.18 -9.51 5.99
CA CYS A 109 0.79 -10.02 4.76
C CYS A 109 2.28 -10.20 5.00
N GLU A 110 2.78 -11.43 4.88
CA GLU A 110 4.20 -11.67 5.13
C GLU A 110 5.08 -10.90 4.17
N LEU A 111 4.61 -10.67 2.96
CA LEU A 111 5.35 -9.84 2.01
C LEU A 111 5.50 -8.42 2.54
N GLN A 112 4.45 -7.88 3.14
CA GLN A 112 4.52 -6.54 3.73
C GLN A 112 5.50 -6.49 4.89
N THR A 113 5.48 -7.51 5.75
CA THR A 113 6.42 -7.54 6.87
C THR A 113 7.85 -7.61 6.39
N LEU A 114 8.11 -8.40 5.35
CA LEU A 114 9.45 -8.40 4.75
C LEU A 114 9.80 -7.05 4.16
N ALA A 115 8.85 -6.40 3.50
CA ALA A 115 9.12 -5.10 2.88
C ALA A 115 9.49 -4.05 3.91
N THR A 116 8.77 -4.02 5.03
CA THR A 116 9.12 -3.10 6.10
C THR A 116 10.44 -3.50 6.76
N ASP A 117 10.66 -4.80 6.93
CA ASP A 117 11.84 -5.28 7.64
C ASP A 117 13.12 -4.92 6.89
N LEU A 118 13.14 -5.10 5.58
CA LEU A 118 14.34 -4.79 4.81
C LEU A 118 14.53 -3.29 4.60
N GLY A 119 13.50 -2.49 4.87
CA GLY A 119 13.60 -1.04 4.78
C GLY A 119 13.90 -0.53 3.39
N VAL A 120 13.45 -1.23 2.36
CA VAL A 120 13.77 -0.87 0.99
C VAL A 120 12.80 0.20 0.53
N SER A 121 13.20 1.47 0.68
CA SER A 121 12.27 2.57 0.45
C SER A 121 11.91 2.71 -1.03
N ASP A 122 12.90 2.75 -1.91
CA ASP A 122 12.66 3.08 -3.30
C ASP A 122 12.43 1.85 -4.17
N ILE A 123 11.67 2.04 -5.24
CA ILE A 123 11.47 1.01 -6.25
C ILE A 123 11.87 1.62 -7.60
N PRO A 124 13.13 1.49 -8.01
CA PRO A 124 13.58 2.16 -9.23
C PRO A 124 13.04 1.53 -10.51
N PHE A 125 12.65 0.26 -10.48
CA PHE A 125 12.34 -0.48 -11.70
C PHE A 125 10.83 -0.52 -11.89
N GLU A 126 10.37 -0.06 -13.05
CA GLU A 126 8.96 -0.07 -13.38
C GLU A 126 8.58 -1.44 -13.90
N GLY A 127 7.40 -1.56 -14.51
CA GLY A 127 7.03 -2.84 -15.07
C GLY A 127 5.63 -2.83 -15.64
N GLU A 128 5.26 -3.99 -16.16
CA GLU A 128 3.93 -4.25 -16.71
C GLU A 128 3.42 -5.54 -16.08
N LYS A 129 2.48 -5.41 -15.15
CA LYS A 129 2.00 -6.55 -14.40
C LYS A 129 1.19 -7.49 -15.30
N SER A 130 1.03 -8.73 -14.84
CA SER A 130 0.31 -9.73 -15.60
C SER A 130 -1.18 -9.39 -15.64
N GLY A 131 -1.89 -10.08 -16.53
CA GLY A 131 -3.29 -9.82 -16.77
C GLY A 131 -4.18 -9.98 -15.55
N LYS A 132 -5.06 -9.02 -15.32
CA LYS A 132 -5.99 -9.05 -14.20
C LYS A 132 -7.24 -9.84 -14.62
N LEU A 133 -7.48 -10.96 -13.95
CA LEU A 133 -8.59 -11.86 -14.28
C LEU A 133 -9.23 -12.31 -12.97
N ILE A 134 -10.25 -11.57 -12.53
CA ILE A 134 -10.93 -11.88 -11.28
C ILE A 134 -11.91 -13.02 -11.53
N ASP A 135 -11.75 -14.12 -10.79
CA ASP A 135 -12.64 -15.27 -10.92
C ASP A 135 -13.70 -15.21 -9.82
N ASP A 136 -14.57 -14.22 -9.96
CA ASP A 136 -15.66 -14.01 -9.00
C ASP A 136 -16.92 -14.74 -9.44
N LEU A 137 -16.79 -16.06 -9.56
CA LEU A 137 -17.88 -16.90 -10.04
C LEU A 137 -18.18 -18.10 -9.16
N SER A 138 -17.19 -18.63 -8.45
CA SER A 138 -17.39 -19.82 -7.65
C SER A 138 -18.17 -19.50 -6.38
N THR A 139 -18.46 -20.54 -5.60
CA THR A 139 -19.31 -20.42 -4.43
C THR A 139 -18.54 -20.06 -3.17
N SER A 140 -17.30 -20.50 -3.03
CA SER A 140 -16.63 -20.29 -1.76
C SER A 140 -15.30 -19.56 -1.89
N VAL A 141 -14.50 -19.87 -2.91
CA VAL A 141 -13.15 -19.35 -3.04
C VAL A 141 -13.12 -18.32 -4.16
N VAL A 142 -12.46 -17.19 -3.90
CA VAL A 142 -12.30 -16.13 -4.89
C VAL A 142 -10.81 -15.93 -5.11
N ARG A 143 -10.40 -15.92 -6.38
CA ARG A 143 -9.01 -15.81 -6.79
C ARG A 143 -8.75 -14.44 -7.39
N ASP A 144 -7.59 -13.87 -7.08
CA ASP A 144 -7.14 -12.65 -7.74
C ASP A 144 -5.71 -12.90 -8.21
N GLU A 145 -5.47 -12.65 -9.49
CA GLU A 145 -4.17 -12.91 -10.09
C GLU A 145 -3.25 -11.71 -10.08
N SER A 146 -3.75 -10.54 -9.67
CA SER A 146 -2.87 -9.38 -9.59
C SER A 146 -1.93 -9.43 -8.39
N LYS A 147 -2.12 -10.39 -7.48
CA LYS A 147 -1.32 -10.46 -6.26
C LYS A 147 -0.35 -11.62 -6.23
N CYS A 148 -0.62 -12.70 -6.95
CA CYS A 148 0.07 -13.96 -6.73
C CYS A 148 1.56 -13.84 -7.02
N ILE A 149 2.37 -14.51 -6.21
CA ILE A 149 3.82 -14.36 -6.19
C ILE A 149 4.50 -15.63 -6.73
N LEU A 150 3.71 -16.61 -7.18
CA LEU A 150 4.19 -17.94 -7.55
C LEU A 150 4.93 -18.59 -6.38
N CYS A 151 4.36 -18.48 -5.18
CA CYS A 151 4.95 -19.10 -4.00
C CYS A 151 4.90 -20.62 -4.07
N LYS A 152 3.93 -21.17 -4.81
CA LYS A 152 3.70 -22.60 -4.99
C LYS A 152 3.23 -23.31 -3.73
N ARG A 153 2.93 -22.59 -2.65
CA ARG A 153 2.41 -23.24 -1.44
C ARG A 153 1.01 -23.80 -1.67
N CYS A 154 0.16 -23.04 -2.35
CA CYS A 154 -1.22 -23.47 -2.55
C CYS A 154 -1.30 -24.75 -3.37
N VAL A 155 -0.51 -24.84 -4.44
CA VAL A 155 -0.56 -26.03 -5.28
C VAL A 155 0.00 -27.23 -4.54
N SER A 156 1.06 -27.05 -3.75
CA SER A 156 1.61 -28.17 -2.99
C SER A 156 0.61 -28.66 -1.94
N VAL A 157 -0.10 -27.74 -1.30
CA VAL A 157 -1.09 -28.14 -0.30
C VAL A 157 -2.22 -28.91 -0.96
N CYS A 158 -2.73 -28.39 -2.08
CA CYS A 158 -3.86 -29.07 -2.72
C CYS A 158 -3.43 -30.37 -3.38
N ARG A 159 -2.14 -30.55 -3.66
CA ARG A 159 -1.69 -31.82 -4.23
C ARG A 159 -1.39 -32.85 -3.15
N ASP A 160 -0.53 -32.51 -2.19
CA ASP A 160 -0.06 -33.50 -1.23
C ASP A 160 -1.07 -33.71 -0.10
N VAL A 161 -1.37 -32.62 0.63
CA VAL A 161 -2.13 -32.75 1.88
C VAL A 161 -3.56 -33.20 1.60
N GLN A 162 -4.18 -32.67 0.56
CA GLN A 162 -5.59 -32.95 0.29
C GLN A 162 -5.81 -34.03 -0.74
N SER A 163 -4.79 -34.41 -1.51
CA SER A 163 -4.87 -35.47 -2.52
C SER A 163 -5.99 -35.21 -3.53
N VAL A 164 -6.18 -33.96 -3.89
CA VAL A 164 -7.16 -33.55 -4.89
C VAL A 164 -6.46 -33.03 -6.14
N ALA A 165 -5.64 -31.98 -5.99
CA ALA A 165 -4.78 -31.45 -7.04
C ALA A 165 -5.58 -31.00 -8.26
N VAL A 166 -6.35 -29.94 -8.06
CA VAL A 166 -7.03 -29.26 -9.14
C VAL A 166 -6.39 -27.92 -9.48
N LEU A 167 -5.17 -27.68 -9.01
CA LEU A 167 -4.43 -26.49 -9.38
C LEU A 167 -3.10 -26.88 -10.02
N GLY A 168 -2.69 -26.09 -11.00
CA GLY A 168 -1.43 -26.33 -11.69
C GLY A 168 -0.88 -25.04 -12.23
N THR A 169 0.29 -25.15 -12.86
CA THR A 169 0.96 -24.00 -13.46
C THR A 169 0.94 -24.12 -14.97
N VAL A 170 0.81 -22.98 -15.65
CA VAL A 170 0.76 -22.95 -17.10
C VAL A 170 1.69 -21.86 -17.62
N GLY A 171 2.10 -22.01 -18.87
CA GLY A 171 2.86 -20.99 -19.55
C GLY A 171 4.32 -20.92 -19.16
N ARG A 172 4.97 -19.90 -19.69
CA ARG A 172 6.40 -19.67 -19.49
C ARG A 172 6.63 -18.17 -19.41
N GLY A 173 7.58 -17.78 -18.55
CA GLY A 173 7.81 -16.36 -18.32
C GLY A 173 6.62 -15.70 -17.66
N PHE A 174 6.21 -14.56 -18.21
CA PHE A 174 5.00 -13.89 -17.70
C PHE A 174 3.75 -14.72 -17.90
N THR A 175 3.71 -15.56 -18.93
CA THR A 175 2.53 -16.39 -19.13
C THR A 175 2.37 -17.46 -18.06
N SER A 176 3.39 -17.70 -17.25
CA SER A 176 3.30 -18.70 -16.20
C SER A 176 2.36 -18.21 -15.12
N GLN A 177 1.26 -18.92 -14.92
CA GLN A 177 0.26 -18.56 -13.92
C GLN A 177 -0.28 -19.82 -13.30
N VAL A 178 -0.81 -19.71 -12.09
CA VAL A 178 -1.46 -20.83 -11.43
C VAL A 178 -2.95 -20.78 -11.76
N GLN A 179 -3.47 -21.88 -12.26
CA GLN A 179 -4.84 -21.96 -12.75
C GLN A 179 -5.41 -23.34 -12.48
N PRO A 180 -6.73 -23.47 -12.46
CA PRO A 180 -7.34 -24.79 -12.59
C PRO A 180 -7.20 -25.30 -14.02
N VAL A 181 -7.60 -26.55 -14.20
CA VAL A 181 -7.49 -27.20 -15.50
C VAL A 181 -8.52 -26.60 -16.46
N PHE A 182 -8.19 -26.60 -17.76
CA PHE A 182 -9.11 -26.26 -18.86
C PHE A 182 -9.51 -24.79 -18.85
N ASN A 183 -8.81 -23.94 -18.10
CA ASN A 183 -9.11 -22.51 -18.01
C ASN A 183 -10.54 -22.25 -17.50
N LYS A 184 -11.05 -23.15 -16.66
CA LYS A 184 -12.40 -23.01 -16.15
C LYS A 184 -12.39 -22.26 -14.82
N SER A 185 -13.54 -22.19 -14.15
CA SER A 185 -13.61 -21.63 -12.81
C SER A 185 -13.41 -22.73 -11.77
N LEU A 186 -13.18 -22.29 -10.54
CA LEU A 186 -12.92 -23.23 -9.45
C LEU A 186 -14.12 -24.14 -9.20
N ALA A 187 -15.32 -23.57 -9.23
CA ALA A 187 -16.52 -24.36 -9.00
C ALA A 187 -16.84 -25.31 -10.14
N ASP A 188 -16.23 -25.11 -11.32
CA ASP A 188 -16.52 -25.97 -12.46
C ASP A 188 -15.75 -27.28 -12.43
N VAL A 189 -14.84 -27.47 -11.46
CA VAL A 189 -14.05 -28.68 -11.34
C VAL A 189 -14.26 -29.27 -9.96
N GLY A 190 -13.55 -30.35 -9.68
CA GLY A 190 -13.78 -31.10 -8.46
C GLY A 190 -13.14 -30.53 -7.21
N CYS A 191 -13.24 -29.22 -7.01
CA CYS A 191 -12.77 -28.64 -5.76
C CYS A 191 -13.68 -29.05 -4.62
N ILE A 192 -13.08 -29.27 -3.45
CA ILE A 192 -13.78 -29.85 -2.32
C ILE A 192 -14.16 -28.79 -1.28
N ASN A 193 -13.82 -27.53 -1.54
CA ASN A 193 -13.87 -26.46 -0.54
C ASN A 193 -13.11 -26.85 0.72
N CYS A 194 -11.85 -27.26 0.51
CA CYS A 194 -11.00 -27.71 1.61
C CYS A 194 -10.76 -26.59 2.62
N GLY A 195 -10.45 -25.39 2.13
CA GLY A 195 -10.08 -24.31 3.00
C GLY A 195 -8.60 -24.26 3.38
N GLN A 196 -7.84 -25.33 3.15
CA GLN A 196 -6.41 -25.25 3.41
C GLN A 196 -5.71 -24.31 2.45
N CYS A 197 -6.11 -24.32 1.17
CA CYS A 197 -5.48 -23.46 0.18
C CYS A 197 -5.65 -22.00 0.53
N ILE A 198 -6.83 -21.62 1.03
CA ILE A 198 -7.08 -20.22 1.35
C ILE A 198 -6.36 -19.81 2.63
N ILE A 199 -6.12 -20.76 3.54
CA ILE A 199 -5.49 -20.40 4.80
C ILE A 199 -3.97 -20.36 4.70
N ASN A 200 -3.35 -21.13 3.81
CA ASN A 200 -1.89 -21.20 3.83
C ASN A 200 -1.19 -20.15 2.97
N CYS A 201 -1.91 -19.36 2.20
CA CYS A 201 -1.27 -18.44 1.28
C CYS A 201 -0.68 -17.24 2.01
N PRO A 202 0.60 -16.93 1.83
CA PRO A 202 1.23 -15.83 2.57
C PRO A 202 1.08 -14.45 1.94
N VAL A 203 0.15 -14.26 1.01
CA VAL A 203 0.05 -12.97 0.32
C VAL A 203 -1.37 -12.42 0.31
N GLY A 204 -2.40 -13.25 0.31
CA GLY A 204 -3.74 -12.71 0.12
C GLY A 204 -4.22 -12.72 -1.31
N ALA A 205 -3.64 -13.58 -2.14
CA ALA A 205 -4.16 -13.76 -3.49
C ALA A 205 -5.50 -14.47 -3.51
N LEU A 206 -5.84 -15.19 -2.45
CA LEU A 206 -7.12 -15.88 -2.33
C LEU A 206 -7.92 -15.30 -1.18
N LYS A 207 -9.23 -15.23 -1.36
CA LYS A 207 -10.12 -14.79 -0.30
C LYS A 207 -11.39 -15.63 -0.33
N GLU A 208 -12.17 -15.55 0.74
CA GLU A 208 -13.41 -16.30 0.83
C GLU A 208 -14.57 -15.45 0.36
N LYS A 209 -15.65 -16.12 -0.02
CA LYS A 209 -16.84 -15.43 -0.47
C LYS A 209 -17.45 -14.63 0.67
N SER A 210 -17.54 -13.33 0.50
CA SER A 210 -17.98 -12.42 1.56
C SER A 210 -19.48 -12.19 1.45
N ASP A 211 -20.19 -12.43 2.55
CA ASP A 211 -21.63 -12.23 2.60
C ASP A 211 -22.02 -11.27 3.71
N ILE A 212 -21.05 -10.45 4.18
CA ILE A 212 -21.31 -9.54 5.28
C ILE A 212 -22.34 -8.48 4.89
N GLN A 213 -22.42 -8.13 3.60
CA GLN A 213 -23.46 -7.21 3.15
C GLN A 213 -24.84 -7.81 3.33
N ARG A 214 -25.00 -9.09 3.01
CA ARG A 214 -26.27 -9.76 3.24
C ARG A 214 -26.60 -9.82 4.73
N VAL A 215 -25.59 -10.00 5.58
CA VAL A 215 -25.81 -10.03 7.03
C VAL A 215 -26.31 -8.68 7.52
N TRP A 216 -25.67 -7.60 7.07
CA TRP A 216 -26.10 -6.27 7.48
C TRP A 216 -27.48 -5.94 6.94
N ASP A 217 -27.80 -6.41 5.73
CA ASP A 217 -29.14 -6.22 5.21
C ASP A 217 -30.17 -6.96 6.04
N ALA A 218 -29.85 -8.20 6.45
CA ALA A 218 -30.79 -9.00 7.23
C ALA A 218 -31.03 -8.39 8.61
N ILE A 219 -29.96 -7.97 9.29
CA ILE A 219 -30.12 -7.40 10.62
C ILE A 219 -30.82 -6.04 10.54
N ALA A 220 -30.74 -5.36 9.40
CA ALA A 220 -31.39 -4.06 9.25
C ALA A 220 -32.90 -4.15 9.16
N ASP A 221 -33.45 -5.36 9.01
CA ASP A 221 -34.89 -5.52 8.85
C ASP A 221 -35.55 -5.60 10.23
N PRO A 222 -36.40 -4.65 10.60
CA PRO A 222 -37.16 -4.81 11.85
C PRO A 222 -38.22 -5.89 11.76
N SER A 223 -38.76 -6.16 10.56
CA SER A 223 -39.77 -7.18 10.39
C SER A 223 -39.20 -8.59 10.51
N LYS A 224 -37.88 -8.74 10.44
CA LYS A 224 -37.23 -10.04 10.52
C LYS A 224 -36.45 -10.14 11.83
N THR A 225 -36.73 -11.20 12.59
CA THR A 225 -36.00 -11.49 13.82
C THR A 225 -34.89 -12.49 13.53
N VAL A 226 -33.75 -12.29 14.19
CA VAL A 226 -32.52 -13.01 13.85
C VAL A 226 -32.18 -13.99 14.96
N ILE A 227 -31.79 -15.20 14.54
CA ILE A 227 -31.42 -16.30 15.42
C ILE A 227 -29.99 -16.67 15.06
N VAL A 228 -29.04 -16.32 15.93
CA VAL A 228 -27.63 -16.57 15.66
C VAL A 228 -27.20 -17.80 16.45
N GLN A 229 -26.39 -18.65 15.85
CA GLN A 229 -25.93 -19.85 16.53
C GLN A 229 -24.44 -20.04 16.36
N THR A 230 -23.84 -20.65 17.38
CA THR A 230 -22.40 -20.67 17.58
C THR A 230 -21.86 -22.10 17.57
N ALA A 231 -20.61 -22.23 17.13
CA ALA A 231 -19.86 -23.48 17.17
C ALA A 231 -19.14 -23.64 18.50
N PRO A 232 -18.82 -24.86 18.91
CA PRO A 232 -17.91 -25.03 20.05
C PRO A 232 -16.49 -24.58 19.76
N ALA A 233 -16.10 -24.46 18.49
CA ALA A 233 -14.73 -24.18 18.12
C ALA A 233 -14.47 -22.71 17.77
N VAL A 234 -15.46 -21.83 17.95
CA VAL A 234 -15.23 -20.42 17.66
C VAL A 234 -14.38 -19.78 18.76
N ARG A 235 -14.59 -20.18 20.02
CA ARG A 235 -13.77 -19.65 21.10
C ARG A 235 -12.42 -20.34 21.18
N ALA A 236 -12.15 -21.30 20.29
CA ALA A 236 -10.87 -21.99 20.34
C ALA A 236 -9.73 -21.11 19.84
N ALA A 237 -10.00 -20.21 18.90
CA ALA A 237 -8.93 -19.43 18.30
C ALA A 237 -9.25 -17.96 18.09
N LEU A 238 -10.45 -17.49 18.43
CA LEU A 238 -10.81 -16.11 18.12
C LEU A 238 -10.01 -15.11 18.96
N GLY A 239 -9.61 -15.50 20.17
CA GLY A 239 -8.83 -14.61 21.01
C GLY A 239 -7.51 -14.20 20.39
N GLU A 240 -6.95 -15.06 19.52
CA GLU A 240 -5.73 -14.74 18.81
C GLU A 240 -5.87 -13.47 17.98
N GLU A 241 -7.09 -13.13 17.57
CA GLU A 241 -7.30 -11.90 16.80
C GLU A 241 -6.98 -10.67 17.65
N PHE A 242 -7.29 -10.71 18.94
CA PHE A 242 -7.20 -9.54 19.80
C PHE A 242 -5.90 -9.50 20.61
N GLY A 243 -4.88 -10.25 20.19
CA GLY A 243 -3.63 -10.27 20.90
C GLY A 243 -3.60 -11.14 22.15
N TYR A 244 -4.67 -11.87 22.43
CA TYR A 244 -4.68 -12.77 23.57
C TYR A 244 -3.74 -13.95 23.32
N PRO A 245 -3.19 -14.53 24.39
CA PRO A 245 -2.37 -15.73 24.23
C PRO A 245 -3.22 -16.90 23.76
N MET A 246 -2.52 -17.89 23.19
CA MET A 246 -3.21 -19.07 22.67
C MET A 246 -3.86 -19.85 23.81
N GLY A 247 -5.15 -20.16 23.63
CA GLY A 247 -5.90 -20.90 24.62
C GLY A 247 -6.73 -20.09 25.59
N THR A 248 -7.48 -19.10 25.10
CA THR A 248 -8.34 -18.27 25.94
C THR A 248 -9.81 -18.52 25.59
N SER A 249 -10.63 -18.71 26.62
CA SER A 249 -12.07 -18.91 26.46
C SER A 249 -12.78 -17.59 26.74
N VAL A 250 -13.54 -17.11 25.76
CA VAL A 250 -14.25 -15.83 25.87
C VAL A 250 -15.74 -16.04 25.63
N THR A 251 -16.26 -17.18 26.07
CA THR A 251 -17.62 -17.60 25.71
C THR A 251 -18.66 -16.58 26.18
N GLY A 252 -18.61 -16.20 27.45
CA GLY A 252 -19.52 -15.18 27.94
C GLY A 252 -19.26 -13.83 27.30
N LYS A 253 -17.99 -13.51 27.06
CA LYS A 253 -17.67 -12.29 26.32
C LYS A 253 -18.24 -12.34 24.91
N MET A 254 -18.17 -13.51 24.26
CA MET A 254 -18.75 -13.66 22.94
C MET A 254 -20.25 -13.42 22.97
N ALA A 255 -20.94 -14.01 23.95
CA ALA A 255 -22.38 -13.81 24.07
C ALA A 255 -22.72 -12.35 24.29
N ALA A 256 -21.97 -11.68 25.16
CA ALA A 256 -22.22 -10.26 25.42
C ALA A 256 -22.02 -9.43 24.17
N ALA A 257 -20.92 -9.68 23.44
CA ALA A 257 -20.63 -8.92 22.24
C ALA A 257 -21.70 -9.13 21.18
N LEU A 258 -22.15 -10.37 20.99
CA LEU A 258 -23.21 -10.64 20.04
C LEU A 258 -24.52 -9.98 20.45
N ARG A 259 -24.79 -9.91 21.76
CA ARG A 259 -25.98 -9.19 22.22
C ARG A 259 -25.85 -7.69 21.95
N ARG A 260 -24.64 -7.15 21.99
CA ARG A 260 -24.45 -5.74 21.66
C ARG A 260 -24.71 -5.44 20.19
N LEU A 261 -24.61 -6.45 19.32
CA LEU A 261 -24.99 -6.26 17.92
C LEU A 261 -26.50 -6.16 17.72
N GLY A 262 -27.29 -6.46 18.74
CA GLY A 262 -28.73 -6.41 18.61
C GLY A 262 -29.37 -7.67 18.07
N PHE A 263 -28.67 -8.80 18.08
CA PHE A 263 -29.28 -10.05 17.67
C PHE A 263 -30.39 -10.45 18.63
N ASP A 264 -31.52 -10.89 18.07
CA ASP A 264 -32.69 -11.20 18.89
C ASP A 264 -32.44 -12.42 19.76
N LYS A 265 -31.95 -13.52 19.18
CA LYS A 265 -31.61 -14.68 20.01
C LYS A 265 -30.22 -15.19 19.70
N VAL A 266 -29.51 -15.59 20.76
CA VAL A 266 -28.20 -16.23 20.67
C VAL A 266 -28.37 -17.68 21.10
N PHE A 267 -27.71 -18.58 20.40
CA PHE A 267 -27.96 -19.99 20.62
C PHE A 267 -26.74 -20.81 20.20
N ASP A 268 -26.73 -22.05 20.64
CA ASP A 268 -25.65 -22.98 20.34
C ASP A 268 -26.17 -24.09 19.44
N THR A 269 -25.30 -24.58 18.57
CA THR A 269 -25.62 -25.75 17.75
C THR A 269 -25.59 -27.04 18.54
N ASP A 270 -25.28 -26.96 19.84
CA ASP A 270 -25.06 -28.14 20.67
C ASP A 270 -26.32 -28.99 20.80
N PHE A 271 -27.49 -28.37 20.91
CA PHE A 271 -28.70 -29.11 21.24
C PHE A 271 -29.07 -30.07 20.11
N GLY A 272 -29.12 -29.57 18.88
CA GLY A 272 -29.32 -30.44 17.73
C GLY A 272 -28.20 -31.42 17.53
N ALA A 273 -26.98 -31.06 17.94
CA ALA A 273 -25.86 -32.00 17.90
C ALA A 273 -26.13 -33.21 18.78
N ASP A 274 -26.61 -32.99 20.00
CA ASP A 274 -27.00 -34.09 20.88
C ASP A 274 -28.14 -34.89 20.26
N VAL A 275 -29.08 -34.19 19.61
CA VAL A 275 -30.18 -34.88 18.95
C VAL A 275 -29.65 -35.84 17.89
N CYS A 276 -28.71 -35.39 17.06
CA CYS A 276 -28.23 -36.28 16.02
C CYS A 276 -27.30 -37.36 16.57
N ILE A 277 -26.65 -37.12 17.71
CA ILE A 277 -25.92 -38.21 18.36
C ILE A 277 -26.87 -39.34 18.75
N MET A 278 -27.98 -38.97 19.40
CA MET A 278 -29.05 -39.95 19.64
C MET A 278 -29.50 -40.62 18.35
N GLU A 279 -29.60 -39.84 17.28
CA GLU A 279 -29.98 -40.38 15.98
C GLU A 279 -29.03 -41.50 15.55
N GLU A 280 -27.75 -41.16 15.32
CA GLU A 280 -26.80 -42.16 14.81
C GLU A 280 -26.71 -43.36 15.74
N GLY A 281 -26.88 -43.16 17.05
CA GLY A 281 -27.00 -44.30 17.94
C GLY A 281 -28.20 -45.17 17.61
N THR A 282 -29.34 -44.53 17.29
CA THR A 282 -30.55 -45.30 16.99
C THR A 282 -30.40 -46.13 15.72
N GLU A 283 -29.87 -45.55 14.63
CA GLU A 283 -29.70 -46.43 13.47
C GLU A 283 -28.51 -47.36 13.61
N LEU A 284 -27.56 -47.09 14.51
CA LEU A 284 -26.61 -48.12 14.88
C LEU A 284 -27.32 -49.34 15.46
N ILE A 285 -28.24 -49.09 16.40
CA ILE A 285 -29.01 -50.19 16.99
C ILE A 285 -29.81 -50.90 15.91
N GLY A 286 -30.43 -50.14 15.01
CA GLY A 286 -31.21 -50.74 13.94
C GLY A 286 -30.38 -51.58 12.99
N ARG A 287 -29.25 -51.04 12.53
CA ARG A 287 -28.41 -51.74 11.58
C ARG A 287 -27.77 -52.96 12.22
N VAL A 288 -27.53 -52.92 13.52
CA VAL A 288 -27.11 -54.13 14.22
C VAL A 288 -28.24 -55.16 14.21
N THR A 289 -29.46 -54.72 14.52
CA THR A 289 -30.59 -55.64 14.64
C THR A 289 -31.25 -56.00 13.32
N ASN A 290 -30.96 -55.26 12.24
CA ASN A 290 -31.56 -55.52 10.94
C ASN A 290 -30.54 -55.85 9.86
N GLY A 291 -29.26 -55.94 10.21
CA GLY A 291 -28.23 -56.21 9.22
C GLY A 291 -28.09 -55.10 8.21
N GLY A 292 -28.05 -53.86 8.68
CA GLY A 292 -27.96 -52.71 7.80
C GLY A 292 -26.62 -52.65 7.07
N VAL A 293 -26.53 -51.67 6.17
CA VAL A 293 -25.32 -51.53 5.36
C VAL A 293 -24.16 -51.14 6.27
N LEU A 294 -23.08 -51.92 6.18
CA LEU A 294 -21.89 -51.73 7.00
C LEU A 294 -20.65 -51.74 6.11
N PRO A 295 -19.59 -51.03 6.50
CA PRO A 295 -19.41 -50.16 7.69
C PRO A 295 -20.18 -48.86 7.62
N MET A 296 -20.40 -48.25 8.78
CA MET A 296 -21.13 -46.99 8.88
C MET A 296 -20.18 -45.82 8.96
N ILE A 297 -20.54 -44.74 8.27
CA ILE A 297 -19.81 -43.47 8.33
C ILE A 297 -20.83 -42.38 8.64
N THR A 298 -20.31 -41.27 9.16
CA THR A 298 -21.17 -40.16 9.55
C THR A 298 -21.55 -39.34 8.32
N SER A 299 -22.23 -38.21 8.54
CA SER A 299 -22.49 -37.23 7.50
C SER A 299 -22.30 -35.84 8.06
N CYS A 300 -21.26 -35.65 8.88
CA CYS A 300 -21.12 -34.41 9.62
C CYS A 300 -20.59 -33.30 8.73
N SER A 301 -19.40 -33.47 8.20
CA SER A 301 -18.73 -32.39 7.48
C SER A 301 -19.16 -32.38 6.02
N PRO A 302 -19.58 -31.23 5.49
CA PRO A 302 -19.97 -31.17 4.07
C PRO A 302 -18.84 -31.49 3.12
N GLY A 303 -17.59 -31.25 3.52
CA GLY A 303 -16.49 -31.37 2.57
C GLY A 303 -16.29 -32.79 2.08
N TRP A 304 -16.18 -33.75 2.99
CA TRP A 304 -15.79 -35.07 2.53
C TRP A 304 -16.97 -35.80 1.92
N ILE A 305 -18.19 -35.49 2.35
CA ILE A 305 -19.36 -36.05 1.68
C ILE A 305 -19.51 -35.48 0.28
N LYS A 306 -19.14 -34.20 0.10
CA LYS A 306 -19.00 -33.66 -1.25
C LYS A 306 -17.97 -34.44 -2.06
N PHE A 307 -16.86 -34.77 -1.41
CA PHE A 307 -15.82 -35.55 -2.09
C PHE A 307 -16.32 -36.94 -2.49
N ILE A 308 -17.08 -37.58 -1.62
CA ILE A 308 -17.62 -38.91 -1.91
C ILE A 308 -18.61 -38.84 -3.06
N GLU A 309 -19.49 -37.83 -3.04
CA GLU A 309 -20.42 -37.65 -4.16
C GLU A 309 -19.68 -37.43 -5.46
N THR A 310 -18.63 -36.60 -5.44
CA THR A 310 -17.97 -36.23 -6.68
C THR A 310 -17.12 -37.36 -7.24
N TYR A 311 -16.38 -38.05 -6.40
CA TYR A 311 -15.37 -39.00 -6.86
C TYR A 311 -15.77 -40.46 -6.73
N TYR A 312 -16.33 -40.87 -5.59
CA TYR A 312 -16.57 -42.28 -5.30
C TYR A 312 -18.03 -42.50 -4.92
N PRO A 313 -18.93 -42.50 -5.92
CA PRO A 313 -20.35 -42.71 -5.60
C PRO A 313 -20.66 -44.09 -5.07
N GLU A 314 -19.79 -45.08 -5.30
CA GLU A 314 -20.11 -46.47 -4.99
C GLU A 314 -20.32 -46.72 -3.50
N ALA A 315 -19.87 -45.82 -2.65
CA ALA A 315 -20.09 -45.94 -1.21
C ALA A 315 -21.31 -45.20 -0.71
N ILE A 316 -22.21 -44.79 -1.62
CA ILE A 316 -23.41 -44.07 -1.23
C ILE A 316 -24.37 -44.90 -0.35
N PRO A 317 -24.41 -46.25 -0.40
CA PRO A 317 -25.22 -46.92 0.64
C PRO A 317 -24.63 -46.78 2.04
N HIS A 318 -23.33 -46.50 2.16
CA HIS A 318 -22.68 -46.50 3.46
C HIS A 318 -22.86 -45.21 4.24
N LEU A 319 -23.33 -44.14 3.60
CA LEU A 319 -23.46 -42.87 4.29
C LEU A 319 -24.63 -42.89 5.27
N SER A 320 -24.60 -41.96 6.21
CA SER A 320 -25.69 -41.78 7.15
C SER A 320 -26.77 -40.90 6.54
N SER A 321 -28.03 -41.31 6.68
CA SER A 321 -29.14 -40.53 6.14
C SER A 321 -29.39 -39.24 6.92
N CYS A 322 -28.77 -39.08 8.09
CA CYS A 322 -29.02 -37.92 8.90
C CYS A 322 -28.45 -36.67 8.25
N LYS A 323 -29.10 -35.54 8.53
CA LYS A 323 -28.67 -34.25 8.04
C LYS A 323 -27.76 -33.63 9.10
N SER A 324 -27.02 -32.58 8.72
CA SER A 324 -25.91 -32.11 9.53
C SER A 324 -26.41 -31.47 10.83
N PRO A 325 -25.59 -31.47 11.90
CA PRO A 325 -26.02 -30.80 13.15
C PRO A 325 -26.41 -29.35 12.95
N GLN A 326 -25.70 -28.62 12.08
CA GLN A 326 -26.17 -27.34 11.60
C GLN A 326 -27.56 -27.45 11.01
N ASN A 327 -27.75 -28.39 10.08
CA ASN A 327 -29.06 -28.56 9.46
C ASN A 327 -30.11 -29.03 10.46
N ILE A 328 -29.72 -29.91 11.40
CA ILE A 328 -30.67 -30.35 12.42
C ILE A 328 -31.17 -29.19 13.25
N THR A 329 -30.26 -28.39 13.79
CA THR A 329 -30.72 -27.30 14.65
C THR A 329 -31.40 -26.19 13.85
N GLY A 330 -30.99 -25.99 12.60
CA GLY A 330 -31.67 -25.01 11.77
C GLY A 330 -33.13 -25.38 11.52
N ALA A 331 -33.36 -26.64 11.14
CA ALA A 331 -34.73 -27.09 10.94
C ALA A 331 -35.52 -27.08 12.25
N LEU A 332 -34.85 -27.43 13.36
CA LEU A 332 -35.53 -27.44 14.64
C LEU A 332 -36.01 -26.05 15.04
N LEU A 333 -35.14 -25.04 14.89
CA LEU A 333 -35.56 -23.67 15.17
C LEU A 333 -36.63 -23.19 14.18
N LYS A 334 -36.49 -23.55 12.91
CA LYS A 334 -37.48 -23.07 11.94
C LYS A 334 -38.83 -23.76 12.08
N ASN A 335 -38.91 -24.89 12.79
CA ASN A 335 -40.19 -25.57 12.95
C ASN A 335 -40.73 -25.51 14.38
N HIS A 336 -40.00 -26.06 15.36
CA HIS A 336 -40.56 -26.21 16.69
C HIS A 336 -40.62 -24.87 17.43
N TYR A 337 -39.54 -24.08 17.33
CA TYR A 337 -39.54 -22.75 17.92
C TYR A 337 -40.58 -21.85 17.26
N ALA A 338 -40.75 -22.00 15.94
CA ALA A 338 -41.79 -21.25 15.25
C ALA A 338 -43.19 -21.64 15.72
N GLN A 339 -43.41 -22.94 15.94
CA GLN A 339 -44.69 -23.39 16.46
C GLN A 339 -44.95 -22.84 17.86
N THR A 340 -43.94 -22.89 18.73
CA THR A 340 -44.12 -22.40 20.09
C THR A 340 -44.36 -20.89 20.11
N ASN A 341 -43.63 -20.16 19.28
CA ASN A 341 -43.72 -18.70 19.26
C ASN A 341 -44.81 -18.17 18.33
N ASN A 342 -45.44 -19.05 17.55
CA ASN A 342 -46.55 -18.68 16.66
C ASN A 342 -46.16 -17.57 15.69
N ILE A 343 -44.97 -17.69 15.10
CA ILE A 343 -44.43 -16.71 14.17
C ILE A 343 -44.20 -17.38 12.83
N ASP A 344 -44.52 -16.67 11.75
CA ASP A 344 -44.35 -17.19 10.40
C ASP A 344 -42.90 -17.60 10.17
N PRO A 345 -42.64 -18.84 9.72
CA PRO A 345 -41.24 -19.27 9.56
C PRO A 345 -40.40 -18.40 8.64
N LYS A 346 -41.00 -17.80 7.61
CA LYS A 346 -40.28 -16.86 6.78
C LYS A 346 -39.88 -15.59 7.53
N ASP A 347 -40.47 -15.33 8.69
CA ASP A 347 -40.14 -14.13 9.44
C ASP A 347 -38.90 -14.30 10.31
N MET A 348 -38.32 -15.50 10.39
CA MET A 348 -37.05 -15.71 11.06
C MET A 348 -35.93 -15.72 10.04
N VAL A 349 -34.79 -15.16 10.42
CA VAL A 349 -33.53 -15.31 9.67
C VAL A 349 -32.50 -15.90 10.62
N VAL A 350 -31.89 -17.01 10.21
CA VAL A 350 -30.97 -17.78 11.05
C VAL A 350 -29.58 -17.65 10.47
N VAL A 351 -28.61 -17.29 11.31
CA VAL A 351 -27.23 -17.11 10.89
C VAL A 351 -26.33 -17.96 11.79
N SER A 352 -25.30 -18.55 11.18
CA SER A 352 -24.44 -19.53 11.84
C SER A 352 -22.98 -19.10 11.73
N ILE A 353 -22.27 -19.18 12.85
CA ILE A 353 -20.83 -18.89 12.87
C ILE A 353 -20.06 -20.21 12.94
N MET A 354 -19.79 -20.78 11.77
CA MET A 354 -19.12 -22.07 11.68
C MET A 354 -17.72 -21.92 11.09
N PRO A 355 -16.79 -22.83 11.43
CA PRO A 355 -15.44 -22.71 10.89
C PRO A 355 -15.21 -23.39 9.54
N CYS A 356 -16.03 -24.35 9.13
CA CYS A 356 -15.88 -24.85 7.77
C CYS A 356 -16.29 -23.77 6.78
N THR A 357 -15.57 -23.68 5.68
CA THR A 357 -16.02 -22.88 4.54
C THR A 357 -16.83 -23.67 3.55
N ALA A 358 -16.78 -25.01 3.62
CA ALA A 358 -17.61 -25.83 2.75
C ALA A 358 -19.09 -25.61 3.02
N LYS A 359 -19.44 -25.10 4.19
CA LYS A 359 -20.83 -24.81 4.50
C LYS A 359 -21.40 -23.70 3.62
N LYS A 360 -20.53 -22.84 3.06
CA LYS A 360 -20.98 -21.86 2.07
C LYS A 360 -21.63 -22.55 0.88
N TYR A 361 -20.99 -23.61 0.38
CA TYR A 361 -21.62 -24.40 -0.68
C TYR A 361 -22.76 -25.25 -0.15
N GLU A 362 -22.66 -25.72 1.09
CA GLU A 362 -23.66 -26.62 1.66
C GLU A 362 -25.01 -25.94 1.78
N VAL A 363 -25.03 -24.68 2.22
CA VAL A 363 -26.29 -23.95 2.33
C VAL A 363 -26.89 -23.69 0.95
N GLN A 364 -26.05 -23.57 -0.07
CA GLN A 364 -26.55 -23.34 -1.43
C GLN A 364 -27.23 -24.57 -2.02
N ARG A 365 -27.14 -25.72 -1.37
CA ARG A 365 -27.74 -26.94 -1.88
C ARG A 365 -29.27 -26.82 -1.88
N GLU A 366 -29.90 -27.32 -2.94
CA GLU A 366 -31.34 -27.19 -3.06
C GLU A 366 -32.08 -28.09 -2.07
N GLU A 367 -31.55 -29.27 -1.79
CA GLU A 367 -32.30 -30.29 -1.07
C GLU A 367 -32.26 -30.13 0.44
N LEU A 368 -31.46 -29.22 0.98
CA LEU A 368 -31.39 -29.05 2.42
C LEU A 368 -32.40 -28.04 2.92
N CYS A 369 -33.67 -28.24 2.54
CA CYS A 369 -34.76 -27.36 2.92
C CYS A 369 -35.92 -28.20 3.43
N THR A 370 -36.64 -27.65 4.40
CA THR A 370 -37.77 -28.33 5.03
C THR A 370 -39.07 -27.61 4.65
N ASP A 371 -40.03 -28.37 4.12
CA ASP A 371 -41.33 -27.85 3.70
C ASP A 371 -41.20 -26.76 2.66
N GLY A 372 -40.14 -26.82 1.84
CA GLY A 372 -39.87 -25.76 0.90
C GLY A 372 -39.32 -24.49 1.50
N ASN A 373 -38.94 -24.52 2.77
CA ASN A 373 -38.47 -23.33 3.48
C ASN A 373 -37.00 -23.51 3.85
N ALA A 374 -36.25 -22.41 3.79
CA ALA A 374 -34.81 -22.45 4.04
C ALA A 374 -34.55 -22.72 5.52
N ASP A 375 -33.79 -23.79 5.79
CA ASP A 375 -33.45 -24.12 7.18
C ASP A 375 -32.52 -23.07 7.78
N VAL A 376 -31.50 -22.65 7.04
CA VAL A 376 -30.61 -21.57 7.46
C VAL A 376 -30.42 -20.66 6.25
N ASP A 377 -30.14 -19.39 6.53
CA ASP A 377 -30.08 -18.37 5.50
C ASP A 377 -28.66 -17.95 5.15
N ILE A 378 -27.87 -17.53 6.13
CA ILE A 378 -26.53 -17.03 5.90
C ILE A 378 -25.56 -17.76 6.82
N SER A 379 -24.49 -18.29 6.24
CA SER A 379 -23.40 -18.87 7.00
C SER A 379 -22.19 -17.95 6.88
N ILE A 380 -21.47 -17.76 7.99
CA ILE A 380 -20.29 -16.91 8.01
C ILE A 380 -19.16 -17.62 8.75
N THR A 381 -17.94 -17.24 8.40
CA THR A 381 -16.73 -17.82 8.98
C THR A 381 -16.19 -16.94 10.10
N THR A 382 -15.25 -17.48 10.86
CA THR A 382 -14.76 -16.80 12.05
C THR A 382 -14.02 -15.51 11.69
N ARG A 383 -13.23 -15.53 10.62
CA ARG A 383 -12.49 -14.32 10.23
C ARG A 383 -13.43 -13.18 9.90
N GLU A 384 -14.48 -13.44 9.12
CA GLU A 384 -15.36 -12.35 8.74
C GLU A 384 -16.28 -11.91 9.87
N LEU A 385 -16.59 -12.82 10.81
CA LEU A 385 -17.23 -12.35 12.04
C LEU A 385 -16.30 -11.42 12.82
N ALA A 386 -15.01 -11.74 12.84
CA ALA A 386 -14.05 -10.87 13.52
C ALA A 386 -14.04 -9.49 12.87
N ARG A 387 -14.02 -9.44 11.54
CA ARG A 387 -14.03 -8.13 10.88
C ARG A 387 -15.37 -7.41 11.06
N MET A 388 -16.47 -8.16 11.20
CA MET A 388 -17.75 -7.52 11.52
C MET A 388 -17.70 -6.88 12.89
N ILE A 389 -17.13 -7.58 13.87
CA ILE A 389 -16.96 -7.00 15.21
C ILE A 389 -16.06 -5.78 15.16
N LYS A 390 -15.00 -5.83 14.34
CA LYS A 390 -14.12 -4.68 14.22
C LYS A 390 -14.83 -3.48 13.58
N GLU A 391 -15.68 -3.70 12.58
CA GLU A 391 -16.36 -2.54 12.01
C GLU A 391 -17.41 -2.00 12.97
N ALA A 392 -18.05 -2.87 13.76
CA ALA A 392 -18.85 -2.38 14.87
C ALA A 392 -17.98 -1.72 15.94
N ARG A 393 -16.84 -2.35 16.23
CA ARG A 393 -15.73 -1.81 17.04
C ARG A 393 -16.20 -1.48 18.46
N ILE A 394 -16.41 -2.56 19.20
CA ILE A 394 -16.56 -2.54 20.65
C ILE A 394 -15.26 -3.07 21.24
N LEU A 395 -14.75 -2.40 22.26
CA LEU A 395 -13.48 -2.78 22.88
C LEU A 395 -13.65 -4.12 23.57
N PHE A 396 -13.20 -5.17 22.90
CA PHE A 396 -13.56 -6.54 23.29
C PHE A 396 -12.92 -6.96 24.61
N ASN A 397 -11.75 -6.39 24.93
CA ASN A 397 -10.97 -6.89 26.06
C ASN A 397 -11.58 -6.58 27.43
N LYS A 398 -12.62 -5.76 27.51
CA LYS A 398 -13.25 -5.50 28.81
C LYS A 398 -14.71 -5.96 28.88
N LEU A 399 -15.10 -6.93 28.09
CA LEU A 399 -16.48 -7.38 28.19
C LEU A 399 -16.67 -8.31 29.39
N PRO A 400 -17.82 -8.24 30.06
CA PRO A 400 -18.18 -9.28 31.05
C PRO A 400 -18.75 -10.51 30.38
N ASP A 401 -19.24 -11.47 31.17
CA ASP A 401 -19.70 -12.75 30.65
C ASP A 401 -21.23 -12.84 30.71
N GLU A 402 -21.80 -13.61 29.78
CA GLU A 402 -23.23 -13.82 29.69
C GLU A 402 -23.52 -15.28 29.39
N ASP A 403 -24.76 -15.68 29.65
CA ASP A 403 -25.21 -17.06 29.45
C ASP A 403 -26.03 -17.17 28.17
N PHE A 404 -26.35 -18.41 27.80
CA PHE A 404 -27.08 -18.70 26.58
C PHE A 404 -28.57 -18.89 26.87
N ASP A 405 -29.34 -19.16 25.82
CA ASP A 405 -30.79 -19.03 25.87
C ASP A 405 -31.48 -20.39 26.01
N ASP A 406 -32.72 -20.33 26.49
CA ASP A 406 -33.51 -21.53 26.77
C ASP A 406 -34.23 -21.96 25.49
N TYR A 407 -34.20 -23.26 25.17
CA TYR A 407 -33.57 -24.31 25.96
C TYR A 407 -32.28 -24.74 25.29
N TYR A 408 -32.07 -24.24 24.08
CA TYR A 408 -31.19 -24.87 23.11
C TYR A 408 -29.75 -24.37 23.21
N GLY A 409 -29.40 -23.70 24.30
CA GLY A 409 -28.04 -23.28 24.58
C GLY A 409 -27.29 -24.12 25.59
N GLU A 410 -27.95 -25.10 26.21
CA GLU A 410 -27.33 -25.91 27.25
C GLU A 410 -26.23 -26.80 26.65
N SER A 411 -25.26 -27.18 27.49
CA SER A 411 -24.05 -27.80 27.00
C SER A 411 -23.72 -29.06 27.78
N THR A 412 -23.09 -30.02 27.09
CA THR A 412 -22.50 -31.20 27.70
C THR A 412 -21.09 -31.40 27.16
N GLY A 413 -20.22 -31.95 28.01
CA GLY A 413 -18.82 -32.08 27.66
C GLY A 413 -18.55 -33.05 26.51
N ALA A 414 -19.26 -34.18 26.51
CA ALA A 414 -19.14 -35.13 25.40
C ALA A 414 -19.59 -34.49 24.10
N ALA A 415 -20.41 -33.45 24.18
CA ALA A 415 -20.71 -32.64 23.01
C ALA A 415 -19.84 -31.40 22.93
N VAL A 416 -19.11 -31.06 23.99
CA VAL A 416 -18.08 -30.04 23.86
C VAL A 416 -16.96 -30.53 22.95
N ILE A 417 -16.63 -31.82 23.04
CA ILE A 417 -15.48 -32.38 22.33
C ILE A 417 -15.70 -32.55 20.82
N PHE A 418 -16.80 -32.01 20.28
CA PHE A 418 -16.96 -31.93 18.83
C PHE A 418 -15.78 -31.23 18.14
N GLY A 419 -15.18 -30.23 18.80
CA GLY A 419 -14.13 -29.46 18.14
C GLY A 419 -12.90 -30.27 17.79
N ALA A 420 -12.47 -31.15 18.69
CA ALA A 420 -11.35 -32.01 18.40
C ALA A 420 -11.79 -33.13 17.46
N THR A 421 -10.81 -33.91 16.98
CA THR A 421 -11.11 -35.00 16.07
C THR A 421 -11.57 -36.22 16.85
N GLY A 422 -12.70 -36.80 16.44
CA GLY A 422 -13.20 -38.01 17.04
C GLY A 422 -14.10 -37.81 18.23
N GLY A 423 -14.29 -36.57 18.68
CA GLY A 423 -15.17 -36.32 19.80
C GLY A 423 -16.62 -36.70 19.53
N VAL A 424 -17.07 -36.50 18.29
CA VAL A 424 -18.40 -36.94 17.90
C VAL A 424 -18.52 -38.44 18.09
N MET A 425 -17.53 -39.18 17.61
CA MET A 425 -17.51 -40.63 17.67
C MET A 425 -17.37 -41.11 19.11
N GLU A 426 -16.54 -40.41 19.90
CA GLU A 426 -16.45 -40.70 21.34
C GLU A 426 -17.81 -40.57 22.01
N ALA A 427 -18.51 -39.46 21.75
CA ALA A 427 -19.83 -39.27 22.35
C ALA A 427 -20.80 -40.34 21.89
N ALA A 428 -20.74 -40.71 20.60
CA ALA A 428 -21.63 -41.72 20.08
C ALA A 428 -21.43 -43.07 20.76
N VAL A 429 -20.17 -43.51 20.87
CA VAL A 429 -19.94 -44.82 21.49
C VAL A 429 -20.24 -44.78 22.98
N ARG A 430 -19.93 -43.67 23.65
CA ARG A 430 -20.26 -43.54 25.08
C ARG A 430 -21.76 -43.64 25.30
N THR A 431 -22.54 -42.93 24.48
CA THR A 431 -23.98 -42.91 24.64
C THR A 431 -24.59 -44.27 24.30
N VAL A 432 -24.13 -44.92 23.23
CA VAL A 432 -24.71 -46.21 22.89
C VAL A 432 -24.34 -47.27 23.93
N ALA A 433 -23.14 -47.18 24.51
CA ALA A 433 -22.76 -48.09 25.58
C ALA A 433 -23.62 -47.85 26.82
N ASP A 434 -23.87 -46.58 27.15
CA ASP A 434 -24.73 -46.26 28.28
C ASP A 434 -26.14 -46.79 28.06
N VAL A 435 -26.66 -46.65 26.84
CA VAL A 435 -28.02 -47.10 26.54
C VAL A 435 -28.12 -48.62 26.60
N LEU A 436 -27.16 -49.31 25.98
CA LEU A 436 -27.33 -50.74 25.73
C LEU A 436 -26.78 -51.61 26.86
N ASN A 437 -25.68 -51.19 27.51
CA ASN A 437 -25.04 -52.03 28.53
C ASN A 437 -24.76 -51.29 29.83
N LYS A 438 -25.17 -50.01 29.94
CA LYS A 438 -24.87 -49.18 31.11
C LYS A 438 -23.37 -49.13 31.40
N LYS A 439 -22.56 -49.01 30.35
CA LYS A 439 -21.11 -49.03 30.48
C LYS A 439 -20.59 -47.60 30.55
N ASP A 440 -19.76 -47.33 31.56
CA ASP A 440 -19.27 -45.97 31.84
C ASP A 440 -17.83 -45.87 31.36
N ILE A 441 -17.64 -45.36 30.15
CA ILE A 441 -16.32 -45.15 29.56
C ILE A 441 -16.13 -43.65 29.33
N GLN A 442 -14.90 -43.19 29.55
CA GLN A 442 -14.54 -41.79 29.34
C GLN A 442 -13.65 -41.56 28.14
N GLU A 443 -12.67 -42.44 27.91
CA GLU A 443 -11.77 -42.31 26.77
C GLU A 443 -11.58 -43.68 26.14
N ILE A 444 -11.13 -43.67 24.89
CA ILE A 444 -10.89 -44.88 24.12
C ILE A 444 -9.43 -44.90 23.68
N ASP A 445 -8.76 -46.03 23.92
CA ASP A 445 -7.41 -46.21 23.42
C ASP A 445 -7.40 -46.33 21.90
N TYR A 446 -6.42 -45.71 21.25
CA TYR A 446 -6.33 -45.66 19.81
C TYR A 446 -5.04 -46.32 19.34
N GLN A 447 -5.15 -47.13 18.29
CA GLN A 447 -4.00 -47.82 17.70
C GLN A 447 -3.45 -46.95 16.57
N ILE A 448 -2.25 -46.43 16.75
CA ILE A 448 -1.60 -45.59 15.74
C ILE A 448 -1.01 -46.50 14.68
N VAL A 449 -1.52 -46.38 13.45
CA VAL A 449 -1.05 -47.24 12.36
C VAL A 449 0.36 -46.83 11.97
N ARG A 450 1.24 -47.81 11.83
CA ARG A 450 2.64 -47.54 11.53
C ARG A 450 2.81 -47.01 10.11
N GLY A 451 3.54 -45.91 9.98
CA GLY A 451 3.84 -45.31 8.70
C GLY A 451 2.87 -44.23 8.26
N VAL A 452 1.66 -44.20 8.82
CA VAL A 452 0.67 -43.18 8.50
C VAL A 452 0.23 -42.53 9.80
N ASP A 453 0.52 -41.24 9.95
CA ASP A 453 0.12 -40.49 11.13
C ASP A 453 -1.14 -39.69 10.80
N GLY A 454 -2.05 -39.63 11.78
CA GLY A 454 -3.36 -39.04 11.58
C GLY A 454 -4.48 -40.04 11.42
N ILE A 455 -4.16 -41.29 11.10
CA ILE A 455 -5.14 -42.37 11.10
C ILE A 455 -5.08 -43.08 12.45
N LYS A 456 -6.26 -43.36 13.00
CA LYS A 456 -6.36 -43.91 14.35
C LYS A 456 -7.37 -45.05 14.34
N LYS A 457 -6.99 -46.17 14.93
CA LYS A 457 -7.81 -47.36 14.98
C LYS A 457 -8.12 -47.73 16.43
N ALA A 458 -9.33 -48.20 16.67
CA ALA A 458 -9.74 -48.57 18.03
C ALA A 458 -10.77 -49.68 17.96
N SER A 459 -10.84 -50.46 19.04
CA SER A 459 -11.87 -51.48 19.19
C SER A 459 -12.04 -51.76 20.67
N VAL A 460 -13.14 -51.28 21.24
CA VAL A 460 -13.46 -51.46 22.66
C VAL A 460 -14.78 -52.19 22.76
N GLU A 461 -14.88 -53.10 23.73
CA GLU A 461 -16.06 -53.91 23.94
C GLU A 461 -17.22 -53.02 24.36
N VAL A 462 -18.10 -52.70 23.42
CA VAL A 462 -19.31 -51.95 23.76
C VAL A 462 -20.24 -52.79 24.62
N THR A 463 -20.50 -54.03 24.18
CA THR A 463 -21.19 -55.03 24.97
C THR A 463 -20.38 -56.32 24.86
N PRO A 464 -20.49 -57.19 25.85
CA PRO A 464 -19.79 -58.49 25.74
C PRO A 464 -20.21 -59.31 24.54
N ASP A 465 -21.40 -59.07 24.00
CA ASP A 465 -21.85 -59.74 22.79
C ASP A 465 -21.54 -58.96 21.51
N LEU A 466 -21.03 -57.73 21.62
CA LEU A 466 -20.78 -56.91 20.44
C LEU A 466 -19.65 -55.94 20.73
N THR A 467 -18.51 -56.15 20.08
CA THR A 467 -17.39 -55.23 20.12
C THR A 467 -17.33 -54.47 18.80
N VAL A 468 -17.35 -53.14 18.88
CA VAL A 468 -17.52 -52.28 17.72
C VAL A 468 -16.15 -51.78 17.28
N ASN A 469 -15.85 -51.95 16.00
CA ASN A 469 -14.58 -51.49 15.43
C ASN A 469 -14.67 -50.02 15.06
N LEU A 470 -13.63 -49.27 15.45
CA LEU A 470 -13.64 -47.81 15.47
C LEU A 470 -12.44 -47.28 14.67
N VAL A 471 -12.69 -46.37 13.74
CA VAL A 471 -11.62 -45.76 12.93
C VAL A 471 -11.87 -44.26 12.85
N VAL A 472 -10.80 -43.48 12.99
CA VAL A 472 -10.85 -42.02 12.97
C VAL A 472 -9.95 -41.53 11.84
N ALA A 473 -10.43 -40.56 11.06
CA ALA A 473 -9.72 -40.09 9.88
C ALA A 473 -9.88 -38.60 9.69
N HIS A 474 -8.74 -37.91 9.58
CA HIS A 474 -8.69 -36.49 9.28
C HIS A 474 -7.52 -36.24 8.35
N GLY A 475 -7.77 -35.49 7.29
CA GLY A 475 -6.77 -35.29 6.25
C GLY A 475 -7.17 -35.95 4.94
N GLY A 476 -7.12 -35.19 3.86
CA GLY A 476 -7.61 -35.69 2.58
C GLY A 476 -6.86 -36.91 2.09
N ALA A 477 -5.54 -36.93 2.30
CA ALA A 477 -4.76 -38.11 1.91
C ALA A 477 -5.18 -39.34 2.71
N ASN A 478 -5.43 -39.15 4.00
CA ASN A 478 -5.92 -40.26 4.82
C ASN A 478 -7.29 -40.71 4.37
N ILE A 479 -8.15 -39.77 3.97
CA ILE A 479 -9.46 -40.12 3.40
C ILE A 479 -9.27 -40.96 2.16
N ARG A 480 -8.36 -40.56 1.27
CA ARG A 480 -8.14 -41.31 0.04
C ARG A 480 -7.63 -42.70 0.35
N GLU A 481 -6.72 -42.83 1.32
CA GLU A 481 -6.17 -44.13 1.69
C GLU A 481 -7.26 -45.04 2.25
N VAL A 482 -8.07 -44.52 3.20
CA VAL A 482 -9.08 -45.36 3.82
C VAL A 482 -10.20 -45.69 2.84
N MET A 483 -10.52 -44.78 1.92
CA MET A 483 -11.50 -45.08 0.88
C MET A 483 -10.99 -46.16 -0.07
N GLU A 484 -9.70 -46.11 -0.42
CA GLU A 484 -9.14 -47.16 -1.26
C GLU A 484 -9.17 -48.50 -0.55
N GLN A 485 -8.87 -48.52 0.75
CA GLN A 485 -8.97 -49.76 1.52
C GLN A 485 -10.42 -50.24 1.60
N LEU A 486 -11.37 -49.32 1.75
CA LEU A 486 -12.78 -49.68 1.81
C LEU A 486 -13.24 -50.30 0.49
N LYS A 487 -12.81 -49.73 -0.63
CA LYS A 487 -13.09 -50.32 -1.93
C LYS A 487 -12.42 -51.69 -2.05
N ALA A 488 -11.22 -51.83 -1.50
CA ALA A 488 -10.57 -53.13 -1.46
C ALA A 488 -11.33 -54.12 -0.58
N GLY A 489 -12.09 -53.63 0.40
CA GLY A 489 -12.95 -54.49 1.19
C GLY A 489 -12.31 -55.14 2.41
N GLU A 490 -11.09 -54.75 2.78
CA GLU A 490 -10.47 -55.33 3.97
C GLU A 490 -11.05 -54.80 5.26
N LEU A 491 -11.86 -53.74 5.21
CA LEU A 491 -12.52 -53.19 6.40
C LEU A 491 -13.94 -53.70 6.56
N ALA A 492 -14.21 -54.94 6.13
CA ALA A 492 -15.56 -55.50 6.27
C ALA A 492 -15.96 -55.62 7.72
N ASP A 493 -15.02 -56.00 8.59
CA ASP A 493 -15.31 -56.11 10.01
C ASP A 493 -15.55 -54.77 10.68
N THR A 494 -15.03 -53.69 10.10
CA THR A 494 -15.11 -52.37 10.70
C THR A 494 -16.57 -51.89 10.76
N HIS A 495 -16.90 -51.15 11.83
CA HIS A 495 -18.25 -50.63 12.03
C HIS A 495 -18.35 -49.13 11.82
N PHE A 496 -17.55 -48.33 12.53
CA PHE A 496 -17.52 -46.89 12.32
C PHE A 496 -16.19 -46.40 11.77
N ILE A 497 -16.28 -45.52 10.78
CA ILE A 497 -15.16 -44.72 10.32
C ILE A 497 -15.62 -43.26 10.29
N GLU A 498 -14.92 -42.41 11.02
CA GLU A 498 -15.24 -41.00 11.12
C GLU A 498 -14.30 -40.24 10.19
N LEU A 499 -14.83 -39.31 9.40
CA LEU A 499 -14.05 -38.65 8.38
C LEU A 499 -14.26 -37.14 8.41
N MET A 500 -13.16 -36.39 8.43
CA MET A 500 -13.15 -35.05 7.83
C MET A 500 -11.93 -34.74 6.98
N ALA A 501 -12.17 -34.01 5.90
CA ALA A 501 -11.18 -33.53 4.95
C ALA A 501 -10.14 -32.65 5.58
N CYS A 502 -10.58 -31.64 6.33
CA CYS A 502 -9.63 -30.78 7.02
C CYS A 502 -8.84 -31.61 8.03
N PRO A 503 -7.51 -31.59 7.94
CA PRO A 503 -6.71 -32.37 8.88
C PRO A 503 -6.78 -31.79 10.29
N GLY A 504 -6.66 -32.66 11.28
CA GLY A 504 -6.56 -32.23 12.66
C GLY A 504 -7.86 -31.79 13.30
N GLY A 505 -8.99 -31.90 12.61
CA GLY A 505 -10.26 -31.50 13.17
C GLY A 505 -10.55 -30.02 12.98
N CYS A 506 -11.79 -29.64 13.31
CA CYS A 506 -12.29 -28.31 12.97
C CYS A 506 -11.53 -27.18 13.62
N VAL A 507 -10.74 -27.45 14.66
CA VAL A 507 -9.86 -26.42 15.20
C VAL A 507 -8.83 -26.02 14.16
N ASN A 508 -8.53 -26.91 13.22
CA ASN A 508 -7.65 -26.60 12.10
C ASN A 508 -8.45 -26.32 10.83
N GLY A 509 -9.64 -25.74 10.97
CA GLY A 509 -10.51 -25.53 9.83
C GLY A 509 -10.13 -24.33 8.97
N GLY A 510 -10.80 -24.22 7.83
CA GLY A 510 -10.50 -23.13 6.92
C GLY A 510 -10.97 -21.78 7.41
N GLY A 511 -12.00 -21.76 8.26
CA GLY A 511 -12.47 -20.50 8.79
C GLY A 511 -11.70 -19.96 9.97
N GLN A 512 -10.74 -20.73 10.49
CA GLN A 512 -9.97 -20.29 11.62
C GLN A 512 -9.06 -19.13 11.21
N PRO A 513 -8.67 -18.27 12.15
CA PRO A 513 -7.90 -17.08 11.79
C PRO A 513 -6.54 -17.43 11.23
N ILE A 514 -6.04 -16.53 10.38
CA ILE A 514 -4.77 -16.73 9.69
C ILE A 514 -3.64 -16.67 10.69
N VAL A 515 -2.66 -17.56 10.54
CA VAL A 515 -1.44 -17.53 11.32
C VAL A 515 -0.26 -17.58 10.38
N SER A 516 0.89 -17.09 10.87
CA SER A 516 2.08 -17.02 10.04
C SER A 516 2.79 -18.37 10.06
N ALA A 517 3.98 -18.42 9.47
CA ALA A 517 4.76 -19.65 9.49
C ALA A 517 5.54 -19.80 10.79
N LYS A 518 6.02 -18.68 11.35
CA LYS A 518 6.93 -18.70 12.48
C LYS A 518 6.34 -19.48 13.67
N ASP A 519 5.10 -19.15 14.04
CA ASP A 519 4.46 -19.88 15.12
C ASP A 519 4.22 -21.34 14.74
N LYS A 520 4.09 -21.64 13.45
CA LYS A 520 3.91 -23.03 13.04
C LYS A 520 5.18 -23.84 13.23
N MET A 521 6.35 -23.24 12.94
CA MET A 521 7.59 -23.92 13.32
C MET A 521 7.77 -23.97 14.83
N ASP A 522 7.17 -23.03 15.57
CA ASP A 522 7.30 -23.09 17.02
C ASP A 522 6.36 -24.14 17.62
N ILE A 523 5.05 -23.92 17.51
CA ILE A 523 4.06 -24.72 18.22
C ILE A 523 2.95 -25.11 17.26
N ASP A 524 2.45 -26.33 17.39
CA ASP A 524 1.29 -26.76 16.63
C ASP A 524 0.06 -26.07 17.21
N ILE A 525 -0.59 -25.24 16.40
CA ILE A 525 -1.80 -24.55 16.85
C ILE A 525 -2.92 -25.55 17.11
N ARG A 526 -2.91 -26.68 16.40
CA ARG A 526 -3.87 -27.75 16.70
C ARG A 526 -3.70 -28.24 18.12
N THR A 527 -2.46 -28.40 18.57
CA THR A 527 -2.22 -28.94 19.91
C THR A 527 -2.75 -28.01 20.99
N GLU A 528 -2.47 -26.71 20.87
CA GLU A 528 -2.94 -25.77 21.88
C GLU A 528 -4.45 -25.62 21.84
N ARG A 529 -5.03 -25.62 20.64
CA ARG A 529 -6.49 -25.53 20.52
C ARG A 529 -7.15 -26.75 21.15
N ALA A 530 -6.59 -27.94 20.92
CA ALA A 530 -7.13 -29.15 21.52
C ALA A 530 -6.99 -29.13 23.03
N LYS A 531 -5.86 -28.62 23.55
CA LYS A 531 -5.69 -28.53 25.00
C LYS A 531 -6.71 -27.57 25.61
N ALA A 532 -6.93 -26.42 24.96
CA ALA A 532 -7.93 -25.48 25.47
C ALA A 532 -9.32 -26.09 25.46
N LEU A 533 -9.66 -26.79 24.38
CA LEU A 533 -10.97 -27.42 24.29
C LEU A 533 -11.14 -28.53 25.33
N TYR A 534 -10.09 -29.33 25.56
CA TYR A 534 -10.19 -30.41 26.53
C TYR A 534 -10.24 -29.87 27.96
N ASP A 535 -9.57 -28.76 28.22
CA ASP A 535 -9.71 -28.10 29.52
C ASP A 535 -11.13 -27.57 29.70
N GLU A 536 -11.72 -27.03 28.63
CA GLU A 536 -13.13 -26.66 28.68
C GLU A 536 -14.01 -27.88 28.95
N ASP A 537 -13.64 -29.03 28.37
CA ASP A 537 -14.38 -30.26 28.60
C ASP A 537 -14.32 -30.69 30.07
N ALA A 538 -13.14 -30.61 30.68
CA ALA A 538 -12.99 -31.06 32.06
C ALA A 538 -13.74 -30.18 33.05
N ASN A 539 -14.09 -28.95 32.65
CA ASN A 539 -14.77 -28.02 33.53
C ASN A 539 -16.29 -28.08 33.40
N VAL A 540 -16.82 -28.87 32.46
CA VAL A 540 -18.26 -29.00 32.30
C VAL A 540 -18.79 -29.84 33.46
N LEU A 541 -19.41 -29.19 34.43
CA LEU A 541 -19.87 -29.83 35.65
C LEU A 541 -21.37 -30.11 35.64
N THR A 542 -22.04 -29.96 34.50
CA THR A 542 -23.46 -30.23 34.41
C THR A 542 -23.80 -31.61 33.88
N TYR A 543 -23.11 -32.07 32.82
CA TYR A 543 -23.29 -33.41 32.27
C TYR A 543 -22.14 -33.73 31.33
N ARG A 544 -21.60 -34.94 31.45
CA ARG A 544 -20.64 -35.47 30.51
C ARG A 544 -21.25 -36.43 29.50
N LYS A 545 -22.57 -36.56 29.47
CA LYS A 545 -23.25 -37.40 28.50
C LYS A 545 -24.44 -36.66 27.90
N SER A 546 -24.69 -36.90 26.61
CA SER A 546 -25.77 -36.19 25.92
C SER A 546 -27.14 -36.70 26.34
N HIS A 547 -27.29 -38.02 26.46
CA HIS A 547 -28.59 -38.61 26.74
C HIS A 547 -29.11 -38.27 28.13
N GLN A 548 -28.28 -37.74 29.02
CA GLN A 548 -28.72 -37.36 30.34
C GLN A 548 -29.23 -35.92 30.43
N ASN A 549 -29.02 -35.11 29.40
CA ASN A 549 -29.44 -33.71 29.44
C ASN A 549 -30.96 -33.64 29.49
N PRO A 550 -31.55 -32.94 30.46
CA PRO A 550 -33.02 -32.85 30.53
C PRO A 550 -33.65 -32.18 29.32
N SER A 551 -32.92 -31.31 28.62
CA SER A 551 -33.50 -30.59 27.49
C SER A 551 -33.77 -31.53 26.31
N VAL A 552 -32.78 -32.36 25.95
CA VAL A 552 -32.98 -33.29 24.84
C VAL A 552 -34.02 -34.34 25.22
N ILE A 553 -34.05 -34.75 26.49
CA ILE A 553 -35.07 -35.69 26.96
C ILE A 553 -36.45 -35.06 26.84
N ARG A 554 -36.58 -33.79 27.22
CA ARG A 554 -37.84 -33.08 27.08
C ARG A 554 -38.29 -33.04 25.63
N LEU A 555 -37.38 -32.67 24.72
CA LEU A 555 -37.77 -32.54 23.31
C LEU A 555 -38.17 -33.90 22.75
N TYR A 556 -37.44 -34.96 23.11
CA TYR A 556 -37.76 -36.29 22.63
C TYR A 556 -39.11 -36.75 23.15
N GLU A 557 -39.41 -36.45 24.41
CA GLU A 557 -40.69 -36.86 25.00
C GLU A 557 -41.86 -36.08 24.38
N GLU A 558 -41.67 -34.79 24.11
CA GLU A 558 -42.79 -33.94 23.72
C GLU A 558 -43.00 -33.86 22.22
N TYR A 559 -41.94 -33.84 21.42
CA TYR A 559 -42.10 -33.47 20.01
C TYR A 559 -41.47 -34.47 19.04
N LEU A 560 -40.39 -35.14 19.45
CA LEU A 560 -39.70 -36.06 18.56
C LEU A 560 -39.98 -37.53 18.84
N GLU A 561 -40.81 -37.85 19.84
CA GLU A 561 -41.22 -39.21 20.15
C GLU A 561 -40.01 -40.09 20.41
N GLU A 562 -39.57 -40.81 19.38
CA GLU A 562 -38.33 -41.56 19.40
C GLU A 562 -37.62 -41.33 18.07
N PRO A 563 -36.30 -41.49 18.02
CA PRO A 563 -35.61 -41.39 16.74
C PRO A 563 -36.01 -42.51 15.79
N ASN A 564 -35.81 -42.27 14.51
CA ASN A 564 -36.23 -43.16 13.41
C ASN A 564 -37.75 -43.34 13.39
N SER A 565 -38.48 -42.34 13.87
CA SER A 565 -39.91 -42.24 13.64
C SER A 565 -40.15 -41.70 12.24
N PRO A 566 -41.36 -41.92 11.69
CA PRO A 566 -41.67 -41.30 10.39
C PRO A 566 -41.54 -39.78 10.38
N LYS A 567 -41.93 -39.11 11.47
CA LYS A 567 -41.71 -37.67 11.55
C LYS A 567 -40.21 -37.35 11.62
N ALA A 568 -39.46 -38.14 12.40
CA ALA A 568 -38.02 -37.93 12.49
C ALA A 568 -37.35 -38.17 11.15
N HIS A 569 -37.77 -39.21 10.42
CA HIS A 569 -37.21 -39.44 9.09
C HIS A 569 -37.57 -38.32 8.13
N HIS A 570 -38.82 -37.83 8.19
CA HIS A 570 -39.25 -36.81 7.25
C HIS A 570 -38.56 -35.47 7.51
N ILE A 571 -38.26 -35.16 8.77
CA ILE A 571 -37.67 -33.87 9.08
C ILE A 571 -36.15 -33.89 9.12
N LEU A 572 -35.54 -34.95 9.66
CA LEU A 572 -34.10 -34.97 9.91
C LEU A 572 -33.32 -35.94 9.04
N HIS A 573 -33.97 -36.74 8.21
CA HIS A 573 -33.27 -37.70 7.36
C HIS A 573 -33.39 -37.31 5.91
N THR A 574 -32.28 -37.38 5.19
CA THR A 574 -32.20 -36.96 3.81
C THR A 574 -31.37 -37.94 3.00
N LYS A 575 -31.54 -37.90 1.68
CA LYS A 575 -30.77 -38.69 0.75
C LYS A 575 -29.87 -37.79 -0.08
N TYR A 576 -28.76 -38.36 -0.55
CA TYR A 576 -27.80 -37.66 -1.38
C TYR A 576 -27.74 -38.32 -2.75
N SER A 577 -27.29 -37.54 -3.74
CA SER A 577 -27.13 -38.03 -5.10
C SER A 577 -25.75 -37.65 -5.60
N ALA A 578 -25.19 -38.51 -6.46
CA ALA A 578 -23.87 -38.27 -7.00
C ALA A 578 -23.86 -37.04 -7.88
N LYS A 579 -22.79 -36.26 -7.80
CA LYS A 579 -22.76 -35.06 -8.62
C LYS A 579 -21.91 -35.31 -9.87
N PRO A 580 -22.27 -34.70 -11.00
CA PRO A 580 -21.44 -34.86 -12.20
C PRO A 580 -20.06 -34.25 -12.00
N LYS A 581 -19.06 -34.92 -12.55
CA LYS A 581 -17.67 -34.50 -12.40
C LYS A 581 -17.19 -33.88 -13.69
N LEU A 582 -16.45 -32.78 -13.58
CA LEU A 582 -15.77 -32.14 -14.70
C LEU A 582 -14.30 -32.08 -14.32
N VAL A 583 -13.59 -33.18 -14.58
CA VAL A 583 -12.20 -33.28 -14.19
C VAL A 583 -11.33 -33.49 -15.42
N ASN B 1 27.27 -47.98 -41.48
CA ASN B 1 27.74 -49.32 -41.82
C ASN B 1 28.72 -49.83 -40.77
N ILE B 2 28.39 -50.96 -40.15
CA ILE B 2 29.20 -51.49 -39.05
C ILE B 2 30.56 -51.96 -39.54
N ASP B 3 30.65 -52.42 -40.79
CA ASP B 3 31.92 -52.91 -41.30
C ASP B 3 32.91 -51.76 -41.55
N GLU B 4 32.40 -50.55 -41.75
CA GLU B 4 33.28 -49.41 -42.00
C GLU B 4 34.06 -49.02 -40.76
N TYR B 5 33.39 -48.95 -39.60
CA TYR B 5 34.05 -48.47 -38.39
C TYR B 5 35.04 -49.50 -37.87
N ILE B 6 34.72 -50.79 -37.96
CA ILE B 6 35.66 -51.81 -37.50
C ILE B 6 36.88 -51.90 -38.41
N GLY B 7 36.78 -51.42 -39.65
CA GLY B 7 37.91 -51.34 -40.54
C GLY B 7 38.84 -50.15 -40.34
N PHE B 8 38.47 -49.24 -39.44
CA PHE B 8 39.27 -48.07 -39.12
C PHE B 8 39.74 -48.12 -37.67
N ASP B 9 40.12 -49.31 -37.21
CA ASP B 9 40.54 -49.56 -35.83
C ASP B 9 39.46 -49.12 -34.83
N GLY B 10 38.22 -49.53 -35.11
CA GLY B 10 37.10 -49.22 -34.26
C GLY B 10 36.79 -50.33 -33.27
N TYR B 11 36.15 -49.94 -32.16
CA TYR B 11 35.71 -50.83 -31.08
C TYR B 11 36.86 -51.59 -30.44
N LEU B 12 38.10 -51.15 -30.65
CA LEU B 12 39.24 -51.80 -30.03
C LEU B 12 39.46 -51.35 -28.60
N ALA B 13 38.85 -50.22 -28.19
CA ALA B 13 39.01 -49.74 -26.83
C ALA B 13 38.36 -50.68 -25.83
N LEU B 14 37.16 -51.17 -26.14
CA LEU B 14 36.49 -52.13 -25.27
C LEU B 14 37.26 -53.45 -25.22
N GLU B 15 37.86 -53.85 -26.36
CA GLU B 15 38.66 -55.07 -26.40
C GLU B 15 39.83 -54.98 -25.43
N LYS B 16 40.50 -53.82 -25.39
CA LYS B 16 41.60 -53.63 -24.45
C LYS B 16 41.11 -53.46 -23.02
N VAL B 17 40.08 -52.63 -22.82
CA VAL B 17 39.68 -52.24 -21.48
C VAL B 17 39.01 -53.41 -20.75
N LEU B 18 38.12 -54.14 -21.43
CA LEU B 18 37.40 -55.24 -20.80
C LEU B 18 38.30 -56.41 -20.42
N LEU B 19 39.54 -56.44 -20.90
CA LEU B 19 40.45 -57.53 -20.59
C LEU B 19 41.70 -57.11 -19.81
N THR B 20 42.11 -55.85 -19.89
CA THR B 20 43.39 -55.45 -19.31
C THR B 20 43.26 -54.30 -18.31
N MET B 21 42.34 -53.37 -18.56
CA MET B 21 42.25 -52.14 -17.79
C MET B 21 41.14 -52.21 -16.77
N SER B 22 41.47 -51.89 -15.52
CA SER B 22 40.51 -51.85 -14.42
C SER B 22 39.71 -50.54 -14.46
N PRO B 23 38.51 -50.52 -13.89
CA PRO B 23 37.73 -49.27 -13.86
C PRO B 23 38.43 -48.12 -13.15
N VAL B 24 39.19 -48.40 -12.09
CA VAL B 24 39.91 -47.36 -11.38
C VAL B 24 41.03 -46.78 -12.24
N ASP B 25 41.69 -47.63 -13.03
CA ASP B 25 42.76 -47.16 -13.90
C ASP B 25 42.27 -46.18 -14.95
N VAL B 26 41.02 -46.34 -15.40
CA VAL B 26 40.48 -45.45 -16.42
C VAL B 26 40.34 -44.03 -15.88
N ILE B 27 39.84 -43.89 -14.65
CA ILE B 27 39.73 -42.57 -14.04
C ILE B 27 41.12 -41.96 -13.83
N ASN B 28 42.09 -42.81 -13.48
CA ASN B 28 43.46 -42.33 -13.34
C ASN B 28 43.99 -41.81 -14.68
N GLU B 29 43.68 -42.50 -15.78
CA GLU B 29 44.18 -42.10 -17.09
C GLU B 29 43.60 -40.75 -17.50
N VAL B 30 42.29 -40.56 -17.32
CA VAL B 30 41.67 -39.31 -17.72
C VAL B 30 42.11 -38.17 -16.80
N LYS B 31 42.32 -38.47 -15.52
CA LYS B 31 42.90 -37.48 -14.62
C LYS B 31 44.33 -37.15 -15.03
N ALA B 32 45.09 -38.15 -15.45
CA ALA B 32 46.42 -37.89 -16.00
C ALA B 32 46.35 -37.17 -17.34
N SER B 33 45.20 -37.21 -18.02
CA SER B 33 45.04 -36.54 -19.30
C SER B 33 44.69 -35.06 -19.15
N GLY B 34 44.32 -34.61 -17.95
CA GLY B 34 43.95 -33.22 -17.76
C GLY B 34 42.70 -32.79 -18.50
N LEU B 35 41.79 -33.73 -18.77
CA LEU B 35 40.58 -33.41 -19.51
C LEU B 35 39.58 -32.66 -18.64
N ARG B 36 39.04 -31.57 -19.17
CA ARG B 36 38.01 -30.78 -18.51
C ARG B 36 36.90 -30.50 -19.51
N GLY B 37 35.66 -30.57 -19.05
CA GLY B 37 34.49 -30.48 -19.90
C GLY B 37 34.33 -29.18 -20.69
N ARG B 38 33.95 -29.32 -21.96
CA ARG B 38 33.66 -28.19 -22.83
C ARG B 38 32.18 -27.82 -22.84
N GLY B 39 31.37 -28.43 -21.98
CA GLY B 39 29.95 -28.14 -21.96
C GLY B 39 29.58 -26.77 -21.44
N GLY B 40 30.48 -26.12 -20.70
CA GLY B 40 30.21 -24.79 -20.20
C GLY B 40 30.37 -24.68 -18.69
N GLY B 41 30.26 -25.81 -17.99
CA GLY B 41 30.41 -25.81 -16.55
C GLY B 41 31.83 -25.66 -16.07
N GLY B 42 32.82 -25.91 -16.93
CA GLY B 42 34.21 -25.78 -16.55
C GLY B 42 34.64 -26.73 -15.45
N PHE B 43 34.15 -27.96 -15.49
CA PHE B 43 34.51 -28.89 -14.43
C PHE B 43 35.46 -29.94 -14.97
N PRO B 44 36.50 -30.30 -14.21
CA PRO B 44 37.41 -31.36 -14.65
C PRO B 44 36.68 -32.70 -14.74
N THR B 45 36.86 -33.38 -15.88
CA THR B 45 36.08 -34.58 -16.16
C THR B 45 36.41 -35.71 -15.19
N GLY B 46 37.70 -36.02 -15.03
CA GLY B 46 38.09 -37.13 -14.19
C GLY B 46 37.71 -36.93 -12.73
N LEU B 47 37.66 -35.68 -12.27
CA LEU B 47 37.21 -35.40 -10.91
C LEU B 47 35.76 -35.80 -10.71
N LYS B 48 34.93 -35.56 -11.73
CA LYS B 48 33.53 -35.97 -11.70
C LYS B 48 33.41 -37.49 -11.55
N TRP B 49 34.32 -38.23 -12.18
CA TRP B 49 34.25 -39.69 -12.15
C TRP B 49 34.49 -40.24 -10.75
N GLN B 50 35.26 -39.52 -9.92
CA GLN B 50 35.48 -39.95 -8.55
C GLN B 50 34.21 -39.94 -7.74
N PHE B 51 33.41 -38.87 -7.87
CA PHE B 51 32.23 -38.71 -7.00
C PHE B 51 31.19 -39.77 -7.28
N ALA B 52 31.03 -40.17 -8.53
CA ALA B 52 30.07 -41.22 -8.85
C ALA B 52 30.58 -42.59 -8.42
N HIS B 53 31.89 -42.81 -8.52
CA HIS B 53 32.43 -44.14 -8.28
C HIS B 53 32.39 -44.51 -6.80
N ASP B 54 32.79 -43.58 -5.92
CA ASP B 54 32.85 -43.90 -4.50
C ASP B 54 31.50 -43.79 -3.80
N ALA B 55 30.51 -43.15 -4.41
CA ALA B 55 29.21 -43.00 -3.78
C ALA B 55 28.51 -44.36 -3.68
N VAL B 56 27.67 -44.50 -2.67
CA VAL B 56 27.03 -45.78 -2.36
C VAL B 56 25.53 -45.61 -2.55
N SER B 57 24.94 -46.50 -3.36
CA SER B 57 23.51 -46.54 -3.57
C SER B 57 22.89 -47.68 -2.77
N GLU B 58 21.59 -47.58 -2.53
CA GLU B 58 20.92 -48.55 -1.68
C GLU B 58 20.79 -49.90 -2.36
N ASP B 59 20.37 -49.91 -3.63
CA ASP B 59 20.10 -51.14 -4.35
C ASP B 59 21.26 -51.57 -5.26
N GLY B 60 22.38 -50.87 -5.20
CA GLY B 60 23.50 -51.20 -6.08
C GLY B 60 23.21 -50.93 -7.54
N ILE B 61 22.46 -49.87 -7.84
CA ILE B 61 22.08 -49.52 -9.21
C ILE B 61 22.60 -48.12 -9.50
N LYS B 62 23.35 -47.98 -10.60
CA LYS B 62 23.87 -46.69 -11.02
C LYS B 62 23.51 -46.46 -12.49
N TYR B 63 23.47 -45.18 -12.87
CA TYR B 63 23.00 -44.77 -14.18
C TYR B 63 23.98 -43.81 -14.82
N VAL B 64 23.97 -43.80 -16.16
CA VAL B 64 24.74 -42.84 -16.95
C VAL B 64 23.80 -42.23 -17.98
N ALA B 65 24.12 -41.03 -18.43
CA ALA B 65 23.30 -40.34 -19.42
C ALA B 65 24.20 -39.66 -20.43
N CYS B 66 23.69 -39.52 -21.65
CA CYS B 66 24.40 -38.86 -22.74
C CYS B 66 23.60 -37.63 -23.17
N ASN B 67 24.26 -36.48 -23.14
CA ASN B 67 23.60 -35.20 -23.45
C ASN B 67 23.89 -34.85 -24.91
N ALA B 68 22.87 -34.99 -25.76
CA ALA B 68 22.96 -34.56 -27.15
C ALA B 68 22.02 -33.40 -27.45
N ASP B 69 21.48 -32.75 -26.42
CA ASP B 69 20.47 -31.71 -26.58
C ASP B 69 21.16 -30.36 -26.76
N GLU B 70 21.66 -30.13 -27.97
CA GLU B 70 22.18 -28.81 -28.32
C GLU B 70 21.03 -27.87 -28.64
N GLY B 71 21.16 -26.61 -28.21
CA GLY B 71 20.15 -25.62 -28.49
C GLY B 71 20.71 -24.27 -28.88
N ASP B 72 22.03 -24.15 -28.84
CA ASP B 72 22.71 -22.91 -29.17
C ASP B 72 22.51 -22.59 -30.66
N PRO B 73 21.95 -21.44 -31.01
CA PRO B 73 21.86 -21.06 -32.42
C PRO B 73 23.23 -20.97 -33.08
N GLY B 74 23.32 -21.52 -34.29
CA GLY B 74 24.57 -21.56 -35.01
C GLY B 74 25.52 -22.66 -34.58
N ALA B 75 25.16 -23.46 -33.59
CA ALA B 75 25.98 -24.57 -33.13
C ALA B 75 25.36 -25.87 -33.61
N PHE B 76 26.13 -26.66 -34.36
CA PHE B 76 25.60 -27.89 -34.94
C PHE B 76 26.57 -29.06 -34.82
N MET B 77 27.61 -28.94 -34.00
CA MET B 77 28.60 -30.01 -33.92
C MET B 77 28.06 -31.23 -33.21
N ASP B 78 27.07 -31.03 -32.31
CA ASP B 78 26.58 -32.10 -31.45
C ASP B 78 25.89 -33.19 -32.29
N ARG B 79 25.06 -32.79 -33.26
CA ARG B 79 24.47 -33.77 -34.14
C ARG B 79 25.48 -34.30 -35.14
N SER B 80 26.45 -33.47 -35.52
CA SER B 80 27.33 -33.79 -36.64
C SER B 80 28.17 -35.02 -36.37
N VAL B 81 28.68 -35.15 -35.14
CA VAL B 81 29.37 -36.38 -34.76
C VAL B 81 28.38 -37.54 -34.68
N LEU B 82 27.14 -37.26 -34.28
CA LEU B 82 26.12 -38.30 -34.23
C LEU B 82 25.76 -38.78 -35.63
N GLU B 83 25.57 -37.85 -36.58
CA GLU B 83 25.28 -38.25 -37.95
C GLU B 83 26.54 -38.55 -38.74
N GLY B 84 27.72 -38.26 -38.20
CA GLY B 84 28.97 -38.59 -38.87
C GLY B 84 29.45 -39.98 -38.51
N ASP B 85 29.46 -40.29 -37.21
CA ASP B 85 29.93 -41.58 -36.75
C ASP B 85 29.36 -41.89 -35.36
N PRO B 86 28.13 -42.42 -35.28
CA PRO B 86 27.58 -42.81 -33.98
C PRO B 86 28.25 -44.03 -33.38
N HIS B 87 29.00 -44.80 -34.19
CA HIS B 87 29.70 -45.97 -33.67
C HIS B 87 30.74 -45.57 -32.64
N ALA B 88 31.47 -44.49 -32.92
CA ALA B 88 32.40 -43.96 -31.93
C ALA B 88 31.67 -43.40 -30.71
N VAL B 89 30.47 -42.88 -30.90
CA VAL B 89 29.70 -42.34 -29.79
C VAL B 89 29.31 -43.45 -28.81
N ILE B 90 28.72 -44.53 -29.34
CA ILE B 90 28.21 -45.59 -28.47
C ILE B 90 29.35 -46.35 -27.81
N GLU B 91 30.52 -46.38 -28.45
CA GLU B 91 31.69 -47.00 -27.85
C GLU B 91 32.12 -46.28 -26.58
N ALA B 92 31.90 -44.97 -26.52
CA ALA B 92 32.37 -44.17 -25.39
C ALA B 92 31.64 -44.52 -24.11
N MET B 93 30.31 -44.56 -24.15
CA MET B 93 29.54 -44.85 -22.93
C MET B 93 29.75 -46.28 -22.45
N ALA B 94 30.16 -47.18 -23.34
CA ALA B 94 30.50 -48.53 -22.91
C ALA B 94 31.68 -48.53 -21.96
N ILE B 95 32.69 -47.70 -22.24
CA ILE B 95 33.79 -47.52 -21.31
C ILE B 95 33.32 -46.84 -20.03
N ALA B 96 32.39 -45.89 -20.17
CA ALA B 96 31.88 -45.15 -19.03
C ALA B 96 31.13 -46.08 -18.06
N GLY B 97 30.32 -46.98 -18.60
CA GLY B 97 29.56 -47.88 -17.74
C GLY B 97 30.46 -48.85 -16.97
N TYR B 98 31.54 -49.29 -17.61
CA TYR B 98 32.49 -50.17 -16.94
C TYR B 98 33.18 -49.44 -15.78
N ALA B 99 33.53 -48.17 -15.99
CA ALA B 99 34.25 -47.42 -14.98
C ALA B 99 33.40 -47.17 -13.75
N VAL B 100 32.08 -47.03 -13.92
CA VAL B 100 31.18 -46.72 -12.82
C VAL B 100 30.45 -47.95 -12.31
N GLY B 101 30.32 -48.99 -13.13
CA GLY B 101 29.48 -50.11 -12.76
C GLY B 101 28.02 -49.90 -13.05
N ALA B 102 27.69 -49.10 -14.06
CA ALA B 102 26.31 -48.86 -14.45
C ALA B 102 25.91 -49.84 -15.56
N SER B 103 24.85 -50.59 -15.31
CA SER B 103 24.41 -51.61 -16.25
C SER B 103 23.42 -51.09 -17.29
N LYS B 104 22.91 -49.87 -17.13
CA LYS B 104 21.96 -49.31 -18.08
C LYS B 104 22.21 -47.81 -18.23
N GLY B 105 22.09 -47.31 -19.46
CA GLY B 105 22.26 -45.91 -19.72
C GLY B 105 21.08 -45.37 -20.52
N TYR B 106 21.06 -44.05 -20.65
CA TYR B 106 20.02 -43.36 -21.40
C TYR B 106 20.65 -42.31 -22.30
N VAL B 107 20.09 -42.15 -23.50
CA VAL B 107 20.57 -41.18 -24.47
C VAL B 107 19.41 -40.25 -24.84
N TYR B 108 19.69 -38.95 -24.84
CA TYR B 108 18.67 -37.92 -25.02
C TYR B 108 18.95 -37.16 -26.30
N VAL B 109 18.02 -37.17 -27.24
CA VAL B 109 18.17 -36.51 -28.52
C VAL B 109 16.90 -35.74 -28.86
N ARG B 110 17.05 -34.63 -29.57
CA ARG B 110 15.90 -33.89 -30.07
C ARG B 110 15.22 -34.65 -31.19
N ALA B 111 13.89 -34.52 -31.25
CA ALA B 111 13.09 -35.25 -32.23
C ALA B 111 13.03 -34.56 -33.59
N GLU B 112 13.47 -33.31 -33.70
CA GLU B 112 13.43 -32.59 -34.97
C GLU B 112 14.64 -32.86 -35.84
N TYR B 113 15.46 -33.87 -35.51
CA TYR B 113 16.61 -34.28 -36.31
C TYR B 113 16.36 -35.69 -36.81
N PRO B 114 15.51 -35.86 -37.84
CA PRO B 114 15.16 -37.22 -38.29
C PRO B 114 16.35 -38.01 -38.81
N ILE B 115 17.31 -37.35 -39.48
CA ILE B 115 18.48 -38.05 -39.97
C ILE B 115 19.36 -38.51 -38.81
N ALA B 116 19.40 -37.73 -37.73
CA ALA B 116 20.21 -38.12 -36.57
C ALA B 116 19.57 -39.27 -35.80
N VAL B 117 18.25 -39.19 -35.58
CA VAL B 117 17.57 -40.21 -34.80
C VAL B 117 17.57 -41.55 -35.52
N ASN B 118 17.33 -41.52 -36.84
CA ASN B 118 17.31 -42.77 -37.61
C ASN B 118 18.68 -43.43 -37.64
N ARG B 119 19.74 -42.63 -37.76
CA ARG B 119 21.08 -43.19 -37.87
C ARG B 119 21.52 -43.88 -36.59
N LEU B 120 21.18 -43.32 -35.43
CA LEU B 120 21.67 -43.88 -34.17
C LEU B 120 21.05 -45.23 -33.87
N GLN B 121 19.74 -45.38 -34.12
CA GLN B 121 19.08 -46.65 -33.78
C GLN B 121 19.55 -47.78 -34.69
N ILE B 122 19.98 -47.46 -35.91
CA ILE B 122 20.61 -48.46 -36.76
C ILE B 122 21.91 -48.94 -36.15
N ALA B 123 22.71 -48.01 -35.61
CA ALA B 123 23.93 -48.39 -34.92
C ALA B 123 23.64 -49.17 -33.64
N ILE B 124 22.52 -48.87 -32.98
CA ILE B 124 22.10 -49.66 -31.82
C ILE B 124 21.83 -51.10 -32.23
N ASP B 125 21.15 -51.29 -33.35
CA ASP B 125 20.87 -52.64 -33.83
C ASP B 125 22.15 -53.35 -34.24
N GLN B 126 23.06 -52.65 -34.93
CA GLN B 126 24.31 -53.28 -35.37
C GLN B 126 25.15 -53.71 -34.18
N ALA B 127 25.21 -52.88 -33.13
CA ALA B 127 25.99 -53.23 -31.95
C ALA B 127 25.41 -54.44 -31.24
N LYS B 128 24.09 -54.46 -31.02
CA LYS B 128 23.45 -55.58 -30.36
C LYS B 128 23.41 -56.83 -31.24
N GLU B 129 23.55 -56.66 -32.56
CA GLU B 129 23.69 -57.83 -33.44
C GLU B 129 25.04 -58.50 -33.24
N TYR B 130 26.12 -57.72 -33.19
CA TYR B 130 27.44 -58.27 -32.94
C TYR B 130 27.61 -58.68 -31.48
N GLY B 131 26.68 -58.27 -30.61
CA GLY B 131 26.76 -58.57 -29.20
C GLY B 131 27.24 -57.43 -28.33
N ILE B 132 27.51 -56.26 -28.93
CA ILE B 132 28.03 -55.13 -28.17
C ILE B 132 27.01 -54.64 -27.15
N LEU B 133 25.75 -54.55 -27.55
CA LEU B 133 24.69 -54.07 -26.68
C LEU B 133 23.89 -55.24 -26.16
N GLY B 134 23.75 -55.33 -24.84
CA GLY B 134 23.05 -56.44 -24.23
C GLY B 134 23.79 -57.03 -23.05
N GLU B 135 24.02 -58.34 -23.09
CA GLU B 135 24.63 -59.07 -21.98
C GLU B 135 25.88 -59.80 -22.47
N ASN B 136 26.82 -59.99 -21.54
CA ASN B 136 28.09 -60.69 -21.80
C ASN B 136 28.84 -60.03 -22.96
N ILE B 137 29.17 -58.75 -22.77
CA ILE B 137 29.79 -57.96 -23.82
C ILE B 137 31.21 -58.44 -24.03
N PHE B 138 31.48 -58.96 -25.24
CA PHE B 138 32.80 -59.49 -25.62
C PHE B 138 33.26 -60.56 -24.63
N GLU B 139 32.41 -61.56 -24.42
CA GLU B 139 32.63 -62.70 -23.53
C GLU B 139 33.19 -62.31 -22.15
N THR B 140 32.77 -61.14 -21.67
CA THR B 140 33.07 -60.69 -20.31
C THR B 140 31.81 -60.78 -19.47
N ASP B 141 31.93 -60.38 -18.20
CA ASP B 141 30.80 -60.35 -17.29
C ASP B 141 30.05 -59.03 -17.32
N PHE B 142 30.44 -58.11 -18.19
CA PHE B 142 29.86 -56.78 -18.25
C PHE B 142 28.64 -56.76 -19.17
N SER B 143 27.52 -56.28 -18.65
CA SER B 143 26.28 -56.15 -19.40
C SER B 143 25.85 -54.69 -19.37
N PHE B 144 25.55 -54.12 -20.54
CA PHE B 144 25.20 -52.72 -20.65
C PHE B 144 24.04 -52.57 -21.63
N ASP B 145 23.08 -51.72 -21.27
CA ASP B 145 21.87 -51.52 -22.05
C ASP B 145 21.63 -50.04 -22.26
N LEU B 146 21.03 -49.71 -23.41
CA LEU B 146 20.72 -48.34 -23.77
C LEU B 146 19.26 -48.22 -24.17
N GLU B 147 18.71 -47.02 -23.97
CA GLU B 147 17.35 -46.72 -24.38
C GLU B 147 17.29 -45.32 -24.94
N ILE B 148 16.59 -45.14 -26.05
CA ILE B 148 16.44 -43.83 -26.67
C ILE B 148 15.28 -43.09 -26.01
N ARG B 149 15.54 -41.84 -25.62
CA ARG B 149 14.52 -40.93 -25.13
C ARG B 149 14.40 -39.75 -26.09
N LEU B 150 13.18 -39.47 -26.54
CA LEU B 150 12.96 -38.45 -27.56
C LEU B 150 12.64 -37.12 -26.87
N GLY B 151 13.62 -36.22 -26.84
CA GLY B 151 13.37 -34.86 -26.43
C GLY B 151 12.72 -34.04 -27.53
N ALA B 152 12.33 -32.83 -27.18
CA ALA B 152 11.59 -31.99 -28.11
C ALA B 152 12.23 -30.61 -28.24
N GLY B 153 13.54 -30.54 -28.12
CA GLY B 153 14.28 -29.30 -28.36
C GLY B 153 13.98 -28.16 -27.42
N ALA B 154 13.74 -28.45 -26.13
CA ALA B 154 13.58 -27.42 -25.13
C ALA B 154 14.97 -26.96 -24.68
N PHE B 155 15.27 -25.68 -24.91
CA PHE B 155 16.62 -25.18 -24.62
C PHE B 155 16.91 -25.21 -23.12
N VAL B 156 15.92 -24.88 -22.29
CA VAL B 156 16.15 -24.87 -20.86
C VAL B 156 16.40 -26.28 -20.33
N CYS B 157 16.00 -27.31 -21.08
CA CYS B 157 16.25 -28.70 -20.69
C CYS B 157 17.72 -29.06 -20.72
N GLY B 158 18.57 -28.25 -21.36
CA GLY B 158 19.99 -28.55 -21.47
C GLY B 158 20.76 -28.45 -20.16
N GLU B 159 20.12 -28.00 -19.09
CA GLU B 159 20.75 -27.98 -17.77
C GLU B 159 20.87 -29.40 -17.22
N GLU B 160 21.80 -29.57 -16.29
CA GLU B 160 22.08 -30.88 -15.71
C GLU B 160 20.84 -31.49 -15.07
N THR B 161 20.29 -30.80 -14.06
CA THR B 161 19.13 -31.32 -13.35
C THR B 161 17.87 -31.24 -14.20
N ALA B 162 17.81 -30.28 -15.12
CA ALA B 162 16.58 -30.06 -15.90
C ALA B 162 16.23 -31.27 -16.75
N LEU B 163 17.23 -31.85 -17.43
CA LEU B 163 16.96 -32.99 -18.31
C LEU B 163 16.57 -34.23 -17.51
N MET B 164 17.00 -34.32 -16.26
CA MET B 164 16.67 -35.47 -15.43
C MET B 164 15.16 -35.59 -15.23
N ASN B 165 14.49 -34.46 -14.96
CA ASN B 165 13.04 -34.49 -14.78
C ASN B 165 12.32 -34.80 -16.08
N SER B 166 12.87 -34.35 -17.21
CA SER B 166 12.28 -34.67 -18.50
C SER B 166 12.30 -36.17 -18.77
N ILE B 167 13.40 -36.84 -18.40
CA ILE B 167 13.43 -38.29 -18.47
C ILE B 167 12.45 -38.89 -17.47
N GLU B 168 12.34 -38.31 -16.28
CA GLU B 168 11.37 -38.78 -15.29
C GLU B 168 9.93 -38.52 -15.69
N GLY B 169 9.68 -37.72 -16.73
CA GLY B 169 8.34 -37.48 -17.21
C GLY B 169 7.64 -36.27 -16.62
N LYS B 170 8.23 -35.60 -15.64
CA LYS B 170 7.63 -34.41 -15.07
C LYS B 170 8.02 -33.19 -15.90
N ARG B 171 7.69 -32.00 -15.40
CA ARG B 171 8.06 -30.77 -16.09
C ARG B 171 9.58 -30.60 -16.12
N GLY B 172 10.08 -30.05 -17.22
CA GLY B 172 11.49 -29.77 -17.36
C GLY B 172 11.93 -28.57 -16.56
N GLU B 173 11.81 -28.66 -15.24
CA GLU B 173 12.06 -27.52 -14.37
C GLU B 173 13.31 -27.77 -13.54
N PRO B 174 14.24 -26.83 -13.46
CA PRO B 174 15.51 -27.10 -12.78
C PRO B 174 15.36 -27.25 -11.28
N ARG B 175 16.31 -27.96 -10.67
CA ARG B 175 16.41 -28.33 -9.27
C ARG B 175 17.61 -27.66 -8.63
N PRO B 176 17.50 -27.20 -7.39
CA PRO B 176 18.65 -26.58 -6.72
C PRO B 176 19.73 -27.59 -6.38
N ARG B 177 20.97 -27.11 -6.38
CA ARG B 177 22.09 -27.95 -5.97
C ARG B 177 22.82 -27.28 -4.81
N PRO B 178 23.31 -28.06 -3.82
CA PRO B 178 23.28 -29.52 -3.66
C PRO B 178 21.89 -30.06 -3.35
N PRO B 179 21.67 -31.38 -3.48
CA PRO B 179 22.56 -32.47 -3.90
C PRO B 179 22.90 -32.48 -5.39
N PHE B 180 24.14 -32.84 -5.71
CA PHE B 180 24.58 -32.96 -7.08
C PHE B 180 23.95 -34.20 -7.72
N PRO B 181 23.72 -34.18 -9.04
CA PRO B 181 23.18 -35.37 -9.71
C PRO B 181 24.10 -36.58 -9.63
N ALA B 182 25.40 -36.37 -9.42
CA ALA B 182 26.31 -37.49 -9.20
C ALA B 182 25.99 -38.24 -7.92
N ASN B 183 25.33 -37.60 -6.96
CA ASN B 183 24.95 -38.27 -5.71
C ASN B 183 23.49 -38.73 -5.75
N LYS B 184 22.57 -37.80 -5.97
CA LYS B 184 21.14 -38.10 -6.08
C LYS B 184 20.65 -37.58 -7.42
N GLY B 185 20.45 -38.48 -8.38
CA GLY B 185 20.01 -38.08 -9.70
C GLY B 185 18.75 -38.77 -10.17
N LEU B 186 18.87 -39.51 -11.27
CA LEU B 186 17.74 -40.22 -11.85
C LEU B 186 17.25 -41.29 -10.89
N PHE B 187 15.96 -41.21 -10.51
CA PHE B 187 15.35 -42.07 -9.49
C PHE B 187 16.10 -41.99 -8.16
N GLY B 188 16.71 -40.84 -7.88
CA GLY B 188 17.47 -40.68 -6.65
C GLY B 188 18.72 -41.52 -6.57
N LYS B 189 19.25 -41.95 -7.72
CA LYS B 189 20.43 -42.78 -7.80
C LYS B 189 21.60 -41.99 -8.37
N PRO B 190 22.83 -42.38 -8.06
CA PRO B 190 24.00 -41.69 -8.64
C PRO B 190 24.00 -41.78 -10.16
N THR B 191 24.31 -40.65 -10.79
CA THR B 191 24.24 -40.54 -12.24
C THR B 191 25.46 -39.79 -12.76
N VAL B 192 25.80 -40.06 -14.02
CA VAL B 192 26.91 -39.41 -14.69
C VAL B 192 26.38 -38.72 -15.93
N LEU B 193 26.67 -37.42 -16.07
CA LEU B 193 26.23 -36.61 -17.20
C LEU B 193 27.44 -36.09 -17.94
N ASN B 194 27.53 -36.43 -19.23
CA ASN B 194 28.64 -35.98 -20.06
C ASN B 194 28.11 -35.73 -21.46
N ASN B 195 28.60 -34.66 -22.10
CA ASN B 195 28.17 -34.36 -23.46
C ASN B 195 28.91 -35.25 -24.46
N VAL B 196 28.39 -35.25 -25.69
CA VAL B 196 28.88 -36.18 -26.71
C VAL B 196 30.33 -35.85 -27.10
N GLU B 197 30.66 -34.57 -27.18
CA GLU B 197 31.98 -34.16 -27.65
C GLU B 197 33.08 -34.62 -26.70
N THR B 198 32.84 -34.58 -25.39
CA THR B 198 33.86 -35.07 -24.46
C THR B 198 33.91 -36.59 -24.45
N TYR B 199 32.79 -37.23 -24.78
CA TYR B 199 32.81 -38.67 -24.99
C TYR B 199 33.65 -39.06 -26.19
N ALA B 200 33.79 -38.16 -27.17
CA ALA B 200 34.40 -38.52 -28.45
C ALA B 200 35.87 -38.89 -28.29
N ASN B 201 36.62 -38.14 -27.49
CA ASN B 201 38.05 -38.38 -27.37
C ASN B 201 38.40 -39.49 -26.39
N ILE B 202 37.40 -40.08 -25.71
CA ILE B 202 37.68 -41.11 -24.72
C ILE B 202 38.39 -42.33 -25.30
N PRO B 203 37.95 -42.91 -26.44
CA PRO B 203 38.74 -44.02 -27.01
C PRO B 203 40.16 -43.64 -27.38
N LYS B 204 40.37 -42.42 -27.87
CA LYS B 204 41.72 -41.98 -28.21
C LYS B 204 42.60 -41.85 -26.97
N ILE B 205 42.00 -41.53 -25.82
CA ILE B 205 42.75 -41.50 -24.57
C ILE B 205 43.30 -42.88 -24.24
N ILE B 206 42.45 -43.90 -24.35
CA ILE B 206 42.88 -45.26 -24.05
C ILE B 206 43.84 -45.77 -25.11
N LEU B 207 43.51 -45.54 -26.38
CA LEU B 207 44.29 -46.16 -27.46
C LEU B 207 45.65 -45.49 -27.63
N ASN B 208 45.69 -44.16 -27.60
CA ASN B 208 46.93 -43.43 -27.89
C ASN B 208 47.61 -42.88 -26.64
N GLY B 209 47.03 -43.09 -25.48
CA GLY B 209 47.64 -42.62 -24.24
C GLY B 209 47.24 -41.20 -23.90
N ALA B 210 47.28 -40.91 -22.59
CA ALA B 210 46.91 -39.57 -22.11
C ALA B 210 47.96 -38.54 -22.49
N GLU B 211 49.23 -38.96 -22.60
CA GLU B 211 50.30 -38.02 -22.94
C GLU B 211 50.13 -37.47 -24.34
N TRP B 212 49.66 -38.30 -25.28
CA TRP B 212 49.35 -37.82 -26.63
C TRP B 212 48.32 -36.71 -26.61
N PHE B 213 47.23 -36.91 -25.85
CA PHE B 213 46.25 -35.85 -25.69
C PHE B 213 46.87 -34.66 -24.97
N ALA B 214 47.72 -34.93 -23.98
CA ALA B 214 48.44 -33.88 -23.28
C ALA B 214 49.52 -33.23 -24.13
N SER B 215 50.06 -33.93 -25.14
CA SER B 215 51.19 -33.41 -25.91
C SER B 215 50.84 -32.20 -26.74
N VAL B 216 49.56 -31.93 -26.97
CA VAL B 216 49.10 -30.74 -27.68
C VAL B 216 48.22 -29.94 -26.73
N GLY B 217 48.39 -28.63 -26.74
CA GLY B 217 47.59 -27.74 -25.91
C GLY B 217 48.38 -27.18 -24.74
N THR B 218 47.73 -26.26 -24.03
CA THR B 218 48.35 -25.60 -22.89
C THR B 218 48.12 -26.41 -21.62
N GLU B 219 48.57 -25.89 -20.48
CA GLU B 219 48.57 -26.68 -19.25
C GLU B 219 47.18 -26.80 -18.64
N LYS B 220 46.39 -25.71 -18.66
CA LYS B 220 45.10 -25.75 -17.99
C LYS B 220 44.06 -26.53 -18.81
N SER B 221 44.13 -26.43 -20.13
CA SER B 221 43.26 -27.20 -21.02
C SER B 221 44.09 -27.72 -22.17
N LYS B 222 44.05 -29.02 -22.40
CA LYS B 222 44.90 -29.69 -23.38
C LYS B 222 44.07 -30.18 -24.55
N GLY B 223 44.75 -30.43 -25.66
CA GLY B 223 44.11 -30.97 -26.84
C GLY B 223 43.67 -29.91 -27.82
N THR B 224 42.58 -30.17 -28.53
CA THR B 224 42.02 -29.24 -29.48
C THR B 224 40.57 -28.97 -29.11
N LYS B 225 40.01 -27.93 -29.72
CA LYS B 225 38.60 -27.62 -29.55
C LYS B 225 38.00 -27.25 -30.90
N VAL B 226 36.73 -27.62 -31.09
CA VAL B 226 36.01 -27.43 -32.34
C VAL B 226 34.98 -26.33 -32.13
N PHE B 227 34.78 -25.51 -33.16
CA PHE B 227 33.72 -24.52 -33.15
C PHE B 227 32.97 -24.55 -34.47
N ALA B 228 31.70 -24.15 -34.39
CA ALA B 228 30.87 -23.96 -35.58
C ALA B 228 30.98 -22.49 -35.95
N LEU B 229 32.01 -22.17 -36.73
CA LEU B 229 32.27 -20.80 -37.12
C LEU B 229 31.14 -20.27 -37.99
N GLY B 230 30.78 -19.02 -37.78
CA GLY B 230 29.68 -18.43 -38.50
C GLY B 230 29.66 -16.93 -38.32
N GLY B 231 28.59 -16.31 -38.83
CA GLY B 231 28.47 -14.88 -38.81
C GLY B 231 28.87 -14.26 -40.13
N LYS B 232 29.30 -13.00 -40.06
CA LYS B 232 29.74 -12.31 -41.26
C LYS B 232 31.09 -12.84 -41.71
N ILE B 233 31.09 -13.95 -42.43
CA ILE B 233 32.31 -14.63 -42.85
C ILE B 233 32.15 -15.09 -44.29
N ASN B 234 33.24 -15.03 -45.05
CA ASN B 234 33.22 -15.48 -46.45
C ASN B 234 32.95 -16.98 -46.53
N ASN B 235 33.59 -17.76 -45.67
CA ASN B 235 33.50 -19.21 -45.70
C ASN B 235 32.89 -19.71 -44.39
N THR B 236 31.92 -20.61 -44.49
CA THR B 236 31.28 -21.20 -43.34
C THR B 236 31.61 -22.68 -43.25
N GLY B 237 31.70 -23.19 -42.03
CA GLY B 237 32.00 -24.59 -41.82
C GLY B 237 32.42 -24.86 -40.38
N LEU B 238 33.23 -25.90 -40.23
CA LEU B 238 33.76 -26.30 -38.93
C LEU B 238 35.28 -26.27 -38.96
N LEU B 239 35.88 -25.96 -37.80
CA LEU B 239 37.33 -25.92 -37.66
C LEU B 239 37.72 -26.66 -36.40
N GLU B 240 38.85 -27.37 -36.47
CA GLU B 240 39.37 -28.17 -35.35
C GLU B 240 40.77 -27.64 -35.04
N ILE B 241 40.84 -26.69 -34.12
CA ILE B 241 42.11 -26.02 -33.82
C ILE B 241 42.42 -26.14 -32.32
N PRO B 242 43.69 -26.18 -31.94
CA PRO B 242 44.04 -26.15 -30.52
C PRO B 242 43.74 -24.79 -29.89
N MET B 243 43.54 -24.81 -28.57
CA MET B 243 43.36 -23.58 -27.82
C MET B 243 44.65 -22.78 -27.80
N GLY B 244 44.51 -21.46 -27.65
CA GLY B 244 45.63 -20.56 -27.71
C GLY B 244 45.87 -19.95 -29.09
N THR B 245 45.17 -20.41 -30.11
CA THR B 245 45.20 -19.74 -31.41
C THR B 245 44.56 -18.37 -31.29
N THR B 246 45.28 -17.34 -31.73
CA THR B 246 44.80 -15.98 -31.56
C THR B 246 43.59 -15.72 -32.46
N LEU B 247 42.73 -14.82 -31.99
CA LEU B 247 41.47 -14.54 -32.68
C LEU B 247 41.71 -13.94 -34.06
N ARG B 248 42.85 -13.27 -34.26
CA ARG B 248 43.14 -12.67 -35.55
C ARG B 248 43.32 -13.73 -36.63
N GLU B 249 43.96 -14.86 -36.28
CA GLU B 249 44.25 -15.89 -37.27
C GLU B 249 42.99 -16.53 -37.83
N ILE B 250 42.02 -16.85 -36.96
CA ILE B 250 40.83 -17.57 -37.41
C ILE B 250 40.00 -16.70 -38.34
N ILE B 251 39.94 -15.39 -38.06
CA ILE B 251 39.20 -14.49 -38.94
C ILE B 251 39.89 -14.37 -40.30
N TYR B 252 41.22 -14.26 -40.31
CA TYR B 252 41.96 -13.92 -41.51
C TYR B 252 42.64 -15.11 -42.16
N GLU B 253 43.48 -15.83 -41.42
CA GLU B 253 44.19 -16.96 -42.02
C GLU B 253 43.24 -18.10 -42.37
N ILE B 254 42.29 -18.41 -41.49
CA ILE B 254 41.35 -19.50 -41.70
C ILE B 254 40.06 -19.02 -42.32
N GLY B 255 39.46 -17.97 -41.76
CA GLY B 255 38.21 -17.46 -42.28
C GLY B 255 38.31 -16.78 -43.63
N GLY B 256 39.51 -16.31 -43.99
CA GLY B 256 39.70 -15.62 -45.24
C GLY B 256 39.36 -14.15 -45.20
N GLY B 257 38.89 -13.63 -44.08
CA GLY B 257 38.62 -12.22 -43.93
C GLY B 257 37.13 -11.90 -43.96
N ILE B 258 36.84 -10.63 -43.70
CA ILE B 258 35.46 -10.14 -43.68
C ILE B 258 34.92 -10.15 -45.11
N PRO B 259 33.71 -10.64 -45.36
CA PRO B 259 33.15 -10.59 -46.72
C PRO B 259 32.92 -9.16 -47.18
N ASN B 260 33.13 -8.95 -48.48
CA ASN B 260 32.93 -7.66 -49.17
C ASN B 260 33.84 -6.56 -48.64
N GLY B 261 34.93 -6.92 -47.95
CA GLY B 261 35.87 -5.93 -47.46
C GLY B 261 35.30 -5.00 -46.42
N LYS B 262 34.30 -5.44 -45.66
CA LYS B 262 33.71 -4.61 -44.61
C LYS B 262 34.67 -4.52 -43.43
N ALA B 263 34.34 -3.64 -42.49
CA ALA B 263 35.15 -3.44 -41.29
C ALA B 263 34.63 -4.31 -40.15
N PHE B 264 35.51 -5.14 -39.60
CA PHE B 264 35.18 -5.93 -38.42
C PHE B 264 35.02 -5.04 -37.20
N LYS B 265 33.96 -5.29 -36.42
CA LYS B 265 33.65 -4.46 -35.27
C LYS B 265 33.61 -5.26 -33.97
N ALA B 266 32.88 -6.38 -33.95
CA ALA B 266 32.78 -7.22 -32.77
C ALA B 266 32.52 -8.66 -33.19
N ALA B 267 32.80 -9.59 -32.28
CA ALA B 267 32.64 -11.01 -32.54
C ALA B 267 31.94 -11.67 -31.37
N GLN B 268 30.99 -12.56 -31.66
CA GLN B 268 30.23 -13.26 -30.64
C GLN B 268 30.84 -14.63 -30.38
N THR B 269 31.03 -14.96 -29.10
CA THR B 269 31.47 -16.27 -28.69
C THR B 269 30.44 -16.85 -27.71
N GLY B 270 30.25 -18.17 -27.80
CA GLY B 270 29.39 -18.85 -26.84
C GLY B 270 27.90 -18.63 -27.03
N GLY B 271 27.49 -18.01 -28.13
CA GLY B 271 26.08 -17.82 -28.41
C GLY B 271 25.40 -16.84 -27.48
N PRO B 272 24.11 -17.07 -27.22
CA PRO B 272 23.35 -16.15 -26.36
C PRO B 272 23.85 -16.10 -24.92
N SER B 273 24.62 -17.08 -24.47
CA SER B 273 25.18 -17.07 -23.12
C SER B 273 26.52 -16.35 -23.05
N GLY B 274 27.09 -15.92 -24.17
CA GLY B 274 28.42 -15.35 -24.17
C GLY B 274 28.50 -13.83 -24.18
N GLY B 275 29.30 -13.29 -25.09
CA GLY B 275 29.49 -11.86 -25.18
C GLY B 275 30.15 -11.47 -26.48
N CYS B 276 30.50 -10.19 -26.58
CA CYS B 276 31.06 -9.62 -27.80
C CYS B 276 32.56 -9.38 -27.61
N LEU B 277 33.35 -9.81 -28.58
CA LEU B 277 34.79 -9.64 -28.57
C LEU B 277 35.20 -8.69 -29.69
N PRO B 278 35.64 -7.47 -29.38
CA PRO B 278 35.96 -6.52 -30.44
C PRO B 278 37.39 -6.64 -30.95
N GLU B 279 37.80 -5.68 -31.78
CA GLU B 279 39.13 -5.69 -32.39
C GLU B 279 40.26 -5.46 -31.40
N SER B 280 39.95 -4.99 -30.18
CA SER B 280 40.99 -4.82 -29.18
C SER B 280 41.52 -6.14 -28.65
N LEU B 281 40.84 -7.25 -28.92
CA LEU B 281 41.24 -8.56 -28.42
C LEU B 281 41.40 -9.57 -29.55
N LEU B 282 41.85 -9.12 -30.72
CA LEU B 282 42.18 -10.05 -31.79
C LEU B 282 43.38 -10.91 -31.47
N ASP B 283 44.20 -10.49 -30.51
CA ASP B 283 45.40 -11.23 -30.13
C ASP B 283 45.18 -12.07 -28.88
N THR B 284 43.93 -12.24 -28.45
CA THR B 284 43.64 -13.00 -27.24
C THR B 284 43.81 -14.50 -27.49
N GLU B 285 44.55 -15.16 -26.59
CA GLU B 285 44.60 -16.61 -26.58
C GLU B 285 43.24 -17.17 -26.20
N ILE B 286 42.67 -18.01 -27.07
CA ILE B 286 41.37 -18.60 -26.81
C ILE B 286 41.59 -19.86 -25.98
N ASP B 287 41.20 -19.79 -24.71
CA ASP B 287 41.16 -20.94 -23.82
C ASP B 287 40.24 -20.60 -22.66
N TYR B 288 40.28 -21.42 -21.61
CA TYR B 288 39.31 -21.30 -20.53
C TYR B 288 39.50 -20.01 -19.74
N ASP B 289 40.73 -19.71 -19.31
CA ASP B 289 40.94 -18.63 -18.35
C ASP B 289 40.87 -17.25 -18.97
N ASN B 290 41.35 -17.08 -20.21
CA ASN B 290 41.36 -15.75 -20.81
C ASN B 290 39.96 -15.26 -21.15
N LEU B 291 39.12 -16.12 -21.74
CA LEU B 291 37.82 -15.65 -22.21
C LEU B 291 36.88 -15.34 -21.06
N ILE B 292 36.96 -16.12 -19.97
CA ILE B 292 36.14 -15.79 -18.79
C ILE B 292 36.64 -14.50 -18.14
N ALA B 293 37.94 -14.21 -18.24
CA ALA B 293 38.44 -12.92 -17.82
C ALA B 293 37.95 -11.80 -18.73
N ALA B 294 37.66 -12.13 -19.99
CA ALA B 294 37.08 -11.18 -20.92
C ALA B 294 35.55 -11.17 -20.85
N GLY B 295 34.95 -11.97 -19.98
CA GLY B 295 33.53 -11.92 -19.76
C GLY B 295 32.68 -12.83 -20.62
N SER B 296 33.23 -13.91 -21.16
CA SER B 296 32.46 -14.85 -21.98
C SER B 296 32.92 -16.26 -21.64
N MET B 297 32.43 -17.24 -22.41
CA MET B 297 32.79 -18.64 -22.20
C MET B 297 32.52 -19.36 -23.52
N MET B 298 32.86 -20.65 -23.54
CA MET B 298 32.63 -21.44 -24.75
C MET B 298 31.15 -21.63 -25.02
N GLY B 299 30.34 -21.67 -23.97
CA GLY B 299 28.93 -22.01 -24.14
C GLY B 299 28.80 -23.41 -24.69
N SER B 300 28.09 -23.54 -25.80
CA SER B 300 28.09 -24.78 -26.57
C SER B 300 29.12 -24.77 -27.70
N GLY B 301 29.79 -23.64 -27.93
CA GLY B 301 30.81 -23.57 -28.95
C GLY B 301 30.47 -22.72 -30.16
N GLY B 302 29.66 -21.69 -29.96
CA GLY B 302 29.20 -20.85 -31.06
C GLY B 302 30.11 -19.66 -31.29
N LEU B 303 30.42 -19.41 -32.56
CA LEU B 303 31.24 -18.27 -32.97
C LEU B 303 30.51 -17.51 -34.07
N ILE B 304 30.14 -16.26 -33.78
CA ILE B 304 29.50 -15.38 -34.75
C ILE B 304 30.33 -14.10 -34.82
N VAL B 305 30.61 -13.66 -36.04
CA VAL B 305 31.41 -12.47 -36.27
C VAL B 305 30.54 -11.38 -36.88
N MET B 306 30.68 -10.16 -36.38
CA MET B 306 29.90 -9.02 -36.83
C MET B 306 30.80 -8.05 -37.58
N ASP B 307 30.19 -7.19 -38.37
CA ASP B 307 30.90 -6.20 -39.17
C ASP B 307 30.51 -4.78 -38.75
N GLU B 308 30.94 -3.81 -39.55
CA GLU B 308 30.62 -2.42 -39.29
C GLU B 308 29.13 -2.12 -39.44
N ASP B 309 28.45 -2.84 -40.33
CA ASP B 309 27.08 -2.49 -40.72
C ASP B 309 26.05 -2.80 -39.65
N ASN B 310 26.40 -3.51 -38.59
CA ASN B 310 25.46 -3.93 -37.57
C ASN B 310 25.51 -2.99 -36.38
N CYS B 311 24.35 -2.47 -35.98
CA CYS B 311 24.24 -1.69 -34.76
C CYS B 311 24.16 -2.65 -33.58
N MET B 312 25.11 -2.53 -32.65
CA MET B 312 25.15 -3.44 -31.52
C MET B 312 23.98 -3.26 -30.56
N VAL B 313 23.24 -2.16 -30.66
CA VAL B 313 22.05 -2.00 -29.85
C VAL B 313 21.02 -3.07 -30.20
N ASP B 314 20.83 -3.30 -31.49
CA ASP B 314 19.78 -4.23 -31.93
C ASP B 314 20.16 -5.67 -31.64
N VAL B 315 21.44 -6.03 -31.81
CA VAL B 315 21.84 -7.41 -31.54
C VAL B 315 21.78 -7.69 -30.04
N ALA B 316 22.01 -6.68 -29.20
CA ALA B 316 21.83 -6.84 -27.77
C ALA B 316 20.37 -7.14 -27.44
N ARG B 317 19.45 -6.45 -28.11
CA ARG B 317 18.04 -6.79 -27.98
C ARG B 317 17.76 -8.20 -28.49
N PHE B 318 18.39 -8.57 -29.60
CA PHE B 318 18.10 -9.87 -30.22
C PHE B 318 18.50 -11.03 -29.33
N PHE B 319 19.71 -10.96 -28.75
CA PHE B 319 20.12 -12.00 -27.81
C PHE B 319 19.24 -12.00 -26.57
N LEU B 320 18.86 -10.81 -26.10
CA LEU B 320 17.99 -10.72 -24.93
C LEU B 320 16.62 -11.31 -25.22
N ASP B 321 16.16 -11.19 -26.47
CA ASP B 321 14.89 -11.80 -26.85
C ASP B 321 14.91 -13.31 -26.67
N PHE B 322 16.09 -13.93 -26.85
CA PHE B 322 16.21 -15.36 -26.62
C PHE B 322 15.91 -15.71 -25.18
N THR B 323 16.53 -14.98 -24.24
CA THR B 323 16.42 -15.33 -22.83
C THR B 323 15.00 -15.22 -22.32
N GLN B 324 14.27 -14.19 -22.76
CA GLN B 324 12.90 -14.02 -22.34
C GLN B 324 12.02 -15.14 -22.88
N ASP B 325 12.35 -15.66 -24.06
CA ASP B 325 11.52 -16.70 -24.65
C ASP B 325 11.70 -18.04 -23.96
N GLU B 326 12.94 -18.41 -23.62
CA GLU B 326 13.26 -19.76 -23.14
C GLU B 326 13.30 -19.86 -21.63
N SER B 327 12.79 -18.87 -20.91
CA SER B 327 12.80 -18.93 -19.45
C SER B 327 11.90 -20.05 -18.94
N CYS B 328 12.40 -20.81 -17.95
CA CYS B 328 11.56 -21.81 -17.31
C CYS B 328 10.56 -21.20 -16.35
N GLY B 329 10.97 -20.20 -15.58
CA GLY B 329 10.04 -19.33 -14.92
C GLY B 329 9.78 -19.48 -13.44
N LYS B 330 10.66 -20.15 -12.68
CA LYS B 330 10.46 -20.13 -11.23
C LYS B 330 11.03 -18.86 -10.61
N CYS B 331 12.32 -18.66 -10.73
CA CYS B 331 12.92 -17.60 -9.91
C CYS B 331 12.57 -16.23 -10.48
N PRO B 332 12.30 -15.26 -9.60
CA PRO B 332 11.92 -13.92 -10.06
C PRO B 332 12.95 -13.26 -10.96
N PRO B 333 14.29 -13.48 -10.76
CA PRO B 333 15.22 -12.91 -11.74
C PRO B 333 15.02 -13.31 -13.18
N CYS B 334 15.02 -14.60 -13.50
CA CYS B 334 14.90 -14.99 -14.91
C CYS B 334 13.49 -14.79 -15.44
N ARG B 335 12.51 -14.61 -14.57
CA ARG B 335 11.14 -14.37 -15.00
C ARG B 335 10.86 -12.89 -15.19
N ILE B 336 11.17 -12.07 -14.19
CA ILE B 336 10.79 -10.66 -14.23
C ILE B 336 11.93 -9.80 -14.75
N GLY B 337 13.17 -10.13 -14.37
CA GLY B 337 14.30 -9.30 -14.76
C GLY B 337 14.53 -9.21 -16.25
N THR B 338 14.11 -10.23 -17.00
CA THR B 338 14.34 -10.22 -18.45
C THR B 338 13.53 -9.12 -19.12
N LYS B 339 12.25 -8.99 -18.77
CA LYS B 339 11.52 -7.84 -19.30
C LYS B 339 11.97 -6.54 -18.67
N ARG B 340 12.51 -6.58 -17.46
CA ARG B 340 13.17 -5.41 -16.92
C ARG B 340 14.40 -5.05 -17.74
N MET B 341 15.19 -6.07 -18.08
CA MET B 341 16.22 -5.93 -19.11
C MET B 341 15.64 -5.44 -20.42
N LEU B 342 14.52 -6.01 -20.84
CA LEU B 342 13.97 -5.70 -22.15
C LEU B 342 13.44 -4.27 -22.20
N GLU B 343 12.53 -3.94 -21.28
CA GLU B 343 11.72 -2.72 -21.37
C GLU B 343 12.56 -1.45 -21.52
N ILE B 344 13.78 -1.45 -20.98
CA ILE B 344 14.66 -0.31 -21.15
C ILE B 344 15.10 -0.18 -22.60
N LEU B 345 15.40 -1.29 -23.26
CA LEU B 345 16.18 -1.26 -24.49
C LEU B 345 15.39 -0.72 -25.68
N GLU B 346 14.15 -1.18 -25.88
CA GLU B 346 13.44 -0.72 -27.08
C GLU B 346 13.06 0.76 -26.98
N ARG B 347 12.91 1.30 -25.77
CA ARG B 347 12.72 2.74 -25.66
C ARG B 347 13.97 3.49 -26.14
N ILE B 348 15.15 2.92 -25.86
CA ILE B 348 16.38 3.46 -26.42
C ILE B 348 16.36 3.33 -27.93
N CYS B 349 15.88 2.19 -28.44
CA CYS B 349 15.74 2.01 -29.88
C CYS B 349 14.75 3.00 -30.48
N ASP B 350 13.65 3.25 -29.78
CA ASP B 350 12.62 4.16 -30.27
C ASP B 350 12.83 5.59 -29.83
N GLY B 351 13.89 5.87 -29.09
CA GLY B 351 14.17 7.23 -28.65
C GLY B 351 13.36 7.71 -27.49
N LYS B 352 12.60 6.84 -26.83
CA LYS B 352 11.77 7.24 -25.70
C LYS B 352 12.52 7.19 -24.37
N GLY B 353 13.77 6.75 -24.36
CA GLY B 353 14.53 6.68 -23.14
C GLY B 353 15.10 8.01 -22.71
N VAL B 354 15.64 8.04 -21.49
CA VAL B 354 16.22 9.23 -20.90
C VAL B 354 17.63 8.89 -20.43
N GLU B 355 18.33 9.91 -19.92
CA GLU B 355 19.70 9.74 -19.46
C GLU B 355 19.74 8.95 -18.16
N GLY B 356 20.88 8.32 -17.91
CA GLY B 356 21.12 7.58 -16.70
C GLY B 356 20.59 6.16 -16.68
N ASP B 357 19.93 5.71 -17.75
CA ASP B 357 19.37 4.37 -17.77
C ASP B 357 20.45 3.30 -17.91
N ILE B 358 21.60 3.67 -18.48
CA ILE B 358 22.71 2.73 -18.59
C ILE B 358 23.20 2.33 -17.21
N GLU B 359 23.31 3.30 -16.29
CA GLU B 359 23.65 2.98 -14.91
C GLU B 359 22.57 2.13 -14.25
N ARG B 360 21.29 2.41 -14.54
CA ARG B 360 20.21 1.58 -14.02
C ARG B 360 20.31 0.15 -14.49
N LEU B 361 20.82 -0.07 -15.70
CA LEU B 361 20.98 -1.44 -16.20
C LEU B 361 21.96 -2.22 -15.33
N GLU B 362 23.11 -1.61 -15.02
CA GLU B 362 24.14 -2.32 -14.27
C GLU B 362 23.73 -2.56 -12.83
N GLU B 363 22.84 -1.73 -12.28
CA GLU B 363 22.41 -1.90 -10.89
C GLU B 363 21.72 -3.25 -10.69
N LEU B 364 20.75 -3.57 -11.54
CA LEU B 364 20.06 -4.83 -11.39
C LEU B 364 20.80 -6.00 -12.02
N ALA B 365 21.68 -5.74 -12.99
CA ALA B 365 22.39 -6.82 -13.67
C ALA B 365 23.30 -7.58 -12.72
N VAL B 366 24.02 -6.88 -11.86
CA VAL B 366 24.87 -7.55 -10.89
C VAL B 366 24.03 -8.30 -9.87
N GLY B 367 22.87 -7.74 -9.50
CA GLY B 367 22.03 -8.39 -8.49
C GLY B 367 21.48 -9.73 -8.95
N ILE B 368 20.96 -9.78 -10.17
CA ILE B 368 20.37 -11.03 -10.64
C ILE B 368 21.46 -12.01 -11.05
N LYS B 369 22.66 -11.50 -11.35
CA LYS B 369 23.78 -12.39 -11.62
C LYS B 369 24.09 -13.28 -10.43
N SER B 370 23.97 -12.73 -9.23
CA SER B 370 24.28 -13.46 -8.00
C SER B 370 23.08 -14.16 -7.39
N SER B 371 21.89 -14.04 -7.98
CA SER B 371 20.68 -14.54 -7.33
C SER B 371 19.79 -15.28 -8.30
N ALA B 372 20.37 -16.03 -9.23
CA ALA B 372 19.63 -16.83 -10.18
C ALA B 372 19.83 -18.31 -9.87
N LEU B 373 18.75 -19.06 -9.76
CA LEU B 373 18.85 -20.49 -9.51
C LEU B 373 19.22 -21.24 -10.79
N CYS B 374 18.38 -21.10 -11.81
CA CYS B 374 18.61 -21.72 -13.10
C CYS B 374 19.88 -21.16 -13.74
N GLY B 375 20.69 -22.04 -14.33
CA GLY B 375 21.93 -21.60 -14.92
C GLY B 375 21.78 -20.67 -16.10
N LEU B 376 20.63 -20.69 -16.78
CA LEU B 376 20.44 -19.85 -17.96
C LEU B 376 20.40 -18.38 -17.58
N GLY B 377 19.59 -18.03 -16.58
CA GLY B 377 19.39 -16.63 -16.24
C GLY B 377 20.63 -15.97 -15.69
N GLN B 378 21.49 -16.76 -15.04
CA GLN B 378 22.72 -16.21 -14.49
C GLN B 378 23.65 -15.71 -15.59
N THR B 379 23.59 -16.30 -16.77
CA THR B 379 24.38 -15.86 -17.91
C THR B 379 23.63 -14.92 -18.84
N ALA B 380 22.43 -14.49 -18.46
CA ALA B 380 21.62 -13.65 -19.34
C ALA B 380 22.25 -12.31 -19.67
N PRO B 381 22.73 -11.50 -18.73
CA PRO B 381 23.22 -10.17 -19.10
C PRO B 381 24.66 -10.13 -19.61
N ASN B 382 25.36 -11.26 -19.67
CA ASN B 382 26.73 -11.29 -20.19
C ASN B 382 26.86 -10.71 -21.59
N PRO B 383 25.96 -10.98 -22.55
CA PRO B 383 26.04 -10.20 -23.80
C PRO B 383 25.88 -8.71 -23.59
N VAL B 384 25.00 -8.30 -22.67
CA VAL B 384 24.77 -6.87 -22.45
C VAL B 384 25.97 -6.24 -21.75
N LEU B 385 26.49 -6.92 -20.72
CA LEU B 385 27.66 -6.42 -20.01
C LEU B 385 28.89 -6.36 -20.92
N SER B 386 28.98 -7.28 -21.88
CA SER B 386 30.08 -7.23 -22.83
C SER B 386 30.01 -5.99 -23.69
N THR B 387 28.80 -5.62 -24.13
CA THR B 387 28.65 -4.45 -25.00
C THR B 387 29.01 -3.17 -24.28
N ILE B 388 28.46 -2.97 -23.08
CA ILE B 388 28.65 -1.70 -22.38
C ILE B 388 30.11 -1.51 -21.98
N ARG B 389 30.85 -2.60 -21.78
CA ARG B 389 32.22 -2.49 -21.31
C ARG B 389 33.12 -1.87 -22.37
N PHE B 390 32.91 -2.22 -23.65
CA PHE B 390 33.78 -1.75 -24.72
C PHE B 390 33.08 -0.86 -25.74
N PHE B 391 31.76 -0.97 -25.90
CA PHE B 391 31.01 -0.20 -26.88
C PHE B 391 30.04 0.76 -26.18
N ARG B 392 30.52 1.43 -25.15
CA ARG B 392 29.66 2.34 -24.40
C ARG B 392 29.23 3.54 -25.23
N ASP B 393 30.11 4.02 -26.10
CA ASP B 393 29.85 5.25 -26.84
C ASP B 393 28.80 5.09 -27.95
N GLU B 394 28.51 3.86 -28.38
CA GLU B 394 27.44 3.69 -29.36
C GLU B 394 26.08 4.04 -28.78
N TYR B 395 25.84 3.70 -27.50
CA TYR B 395 24.57 4.06 -26.87
C TYR B 395 24.43 5.57 -26.74
N GLU B 396 25.54 6.27 -26.48
CA GLU B 396 25.50 7.73 -26.40
C GLU B 396 25.00 8.34 -27.70
N ALA B 397 25.28 7.71 -28.83
CA ALA B 397 24.68 8.15 -30.08
C ALA B 397 23.16 8.01 -30.03
N HIS B 398 22.66 6.90 -29.50
CA HIS B 398 21.22 6.67 -29.47
C HIS B 398 20.53 7.45 -28.36
N ILE B 399 21.07 7.40 -27.13
CA ILE B 399 20.39 8.06 -26.02
C ILE B 399 20.49 9.57 -26.14
N ARG B 400 21.61 10.10 -26.63
CA ARG B 400 21.79 11.54 -26.68
C ARG B 400 21.52 12.11 -28.07
N ASP B 401 22.31 11.68 -29.06
CA ASP B 401 22.26 12.32 -30.37
C ASP B 401 21.07 11.85 -31.20
N LYS B 402 20.45 10.71 -30.84
CA LYS B 402 19.29 10.14 -31.55
C LYS B 402 19.61 9.82 -33.01
N LYS B 403 20.74 9.16 -33.23
CA LYS B 403 21.05 8.59 -34.54
C LYS B 403 21.61 7.18 -34.41
N CYS B 404 21.34 6.36 -35.43
CA CYS B 404 21.97 5.06 -35.59
C CYS B 404 23.00 5.16 -36.71
N PRO B 405 24.30 5.17 -36.38
CA PRO B 405 25.32 5.26 -37.45
C PRO B 405 25.25 4.09 -38.42
N ALA B 406 24.85 2.91 -37.97
CA ALA B 406 24.70 1.77 -38.85
C ALA B 406 23.42 1.82 -39.66
N GLY B 407 22.53 2.77 -39.39
CA GLY B 407 21.28 2.88 -40.12
C GLY B 407 20.34 1.71 -39.90
N VAL B 408 20.32 1.17 -38.68
CA VAL B 408 19.50 0.00 -38.37
C VAL B 408 18.28 0.38 -37.53
N CYS B 409 18.47 1.24 -36.52
CA CYS B 409 17.39 1.63 -35.62
C CYS B 409 16.36 2.44 -36.40
N LYS B 410 15.22 1.82 -36.67
CA LYS B 410 14.28 2.36 -37.66
C LYS B 410 13.64 3.67 -37.18
N HIS B 411 13.23 3.73 -35.91
CA HIS B 411 12.56 4.92 -35.41
C HIS B 411 13.51 6.08 -35.15
N LEU B 412 14.82 5.88 -35.27
CA LEU B 412 15.78 6.94 -35.05
C LEU B 412 16.48 7.44 -36.31
N LEU B 413 16.48 6.66 -37.38
CA LEU B 413 17.10 7.10 -38.62
C LEU B 413 16.17 8.02 -39.40
N ASP B 414 16.69 8.60 -40.47
CA ASP B 414 15.93 9.48 -41.33
C ASP B 414 16.24 9.12 -42.78
N PHE B 415 15.43 9.64 -43.70
CA PHE B 415 15.62 9.40 -45.12
C PHE B 415 15.84 10.70 -45.87
N LYS B 416 16.93 10.73 -46.64
CA LYS B 416 17.31 11.81 -47.53
C LYS B 416 17.55 11.25 -48.93
N ILE B 417 17.12 11.97 -49.94
CA ILE B 417 17.34 11.55 -51.32
C ILE B 417 18.62 12.18 -51.84
N ASN B 418 19.23 11.53 -52.82
CA ASN B 418 20.41 12.07 -53.51
C ASN B 418 19.91 12.89 -54.68
N ALA B 419 19.85 14.21 -54.48
CA ALA B 419 19.30 15.11 -55.49
C ALA B 419 20.09 15.09 -56.79
N ASP B 420 21.39 14.79 -56.71
CA ASP B 420 22.21 14.74 -57.93
C ASP B 420 21.92 13.50 -58.76
N THR B 421 21.42 12.44 -58.14
CA THR B 421 21.09 11.21 -58.84
C THR B 421 19.58 11.02 -59.03
N CYS B 422 18.78 11.53 -58.10
CA CYS B 422 17.33 11.37 -58.16
C CYS B 422 16.75 12.02 -59.40
N LYS B 423 16.08 11.21 -60.22
CA LYS B 423 15.38 11.73 -61.39
C LYS B 423 14.14 12.52 -61.00
N GLY B 424 13.61 12.30 -59.81
CA GLY B 424 12.36 12.93 -59.43
C GLY B 424 11.15 12.36 -60.13
N CYS B 425 11.12 11.04 -60.33
CA CYS B 425 10.00 10.41 -61.03
C CYS B 425 8.76 10.28 -60.15
N GLY B 426 8.90 10.37 -58.83
CA GLY B 426 7.75 10.36 -57.95
C GLY B 426 7.17 9.00 -57.63
N ILE B 427 7.86 7.91 -57.97
CA ILE B 427 7.37 6.58 -57.63
C ILE B 427 7.34 6.40 -56.12
N CYS B 428 8.36 6.93 -55.42
CA CYS B 428 8.38 6.87 -53.97
C CYS B 428 7.21 7.62 -53.35
N ALA B 429 6.78 8.72 -53.99
CA ALA B 429 5.58 9.41 -53.54
C ALA B 429 4.35 8.52 -53.63
N LYS B 430 4.27 7.73 -54.70
CA LYS B 430 3.17 6.78 -54.85
C LYS B 430 3.26 5.67 -53.81
N LYS B 431 4.47 5.32 -53.37
CA LYS B 431 4.68 4.25 -52.42
C LYS B 431 4.89 4.74 -51.00
N CYS B 432 4.60 6.02 -50.72
CA CYS B 432 4.68 6.53 -49.36
C CYS B 432 3.31 6.38 -48.70
N PRO B 433 3.16 5.50 -47.71
CA PRO B 433 1.82 5.27 -47.14
C PRO B 433 1.33 6.40 -46.27
N ALA B 434 2.23 7.11 -45.58
CA ALA B 434 1.83 8.17 -44.68
C ALA B 434 1.75 9.53 -45.36
N ASP B 435 1.94 9.58 -46.68
CA ASP B 435 1.83 10.81 -47.48
C ASP B 435 2.83 11.86 -46.99
N ALA B 436 4.11 11.49 -47.00
CA ALA B 436 5.18 12.38 -46.59
C ALA B 436 5.98 12.95 -47.75
N ILE B 437 5.81 12.42 -48.95
CA ILE B 437 6.66 12.75 -50.09
C ILE B 437 5.88 13.66 -51.02
N SER B 438 6.44 14.83 -51.31
CA SER B 438 5.80 15.80 -52.20
C SER B 438 6.84 16.38 -53.13
N GLY B 439 6.40 16.79 -54.31
CA GLY B 439 7.30 17.38 -55.28
C GLY B 439 6.71 17.31 -56.68
N GLU B 440 7.54 17.74 -57.64
CA GLU B 440 7.14 17.82 -59.04
C GLU B 440 8.02 16.91 -59.88
N LYS B 441 7.49 16.52 -61.04
CA LYS B 441 8.21 15.61 -61.94
C LYS B 441 9.47 16.27 -62.47
N LYS B 442 10.47 15.44 -62.77
CA LYS B 442 11.80 15.77 -63.28
C LYS B 442 12.65 16.48 -62.22
N LYS B 443 12.06 16.84 -61.07
CA LYS B 443 12.75 17.47 -59.97
C LYS B 443 12.71 16.54 -58.77
N PRO B 444 13.82 16.38 -58.03
CA PRO B 444 13.77 15.59 -56.80
C PRO B 444 12.74 16.14 -55.82
N TYR B 445 12.00 15.22 -55.21
CA TYR B 445 10.86 15.58 -54.38
C TYR B 445 11.33 16.12 -53.04
N ASN B 446 10.37 16.56 -52.21
CA ASN B 446 10.66 16.96 -50.84
C ASN B 446 9.85 16.09 -49.88
N ILE B 447 10.46 15.75 -48.75
CA ILE B 447 9.91 14.76 -47.84
C ILE B 447 9.81 15.37 -46.45
N ASP B 448 8.70 15.11 -45.77
CA ASP B 448 8.50 15.50 -44.37
C ASP B 448 8.77 14.28 -43.51
N THR B 449 9.88 14.33 -42.76
CA THR B 449 10.22 13.24 -41.86
C THR B 449 9.15 13.07 -40.78
N SER B 450 8.60 14.19 -40.28
CA SER B 450 7.59 14.14 -39.23
C SER B 450 6.26 13.55 -39.72
N LYS B 451 6.05 13.42 -41.03
CA LYS B 451 4.82 12.83 -41.53
C LYS B 451 4.90 11.31 -41.61
N CYS B 452 5.96 10.77 -42.21
CA CYS B 452 6.06 9.34 -42.39
C CYS B 452 6.40 8.64 -41.06
N ILE B 453 6.07 7.35 -41.00
CA ILE B 453 6.34 6.55 -39.82
C ILE B 453 7.71 5.88 -39.98
N LYS B 454 8.48 6.37 -40.96
CA LYS B 454 9.78 5.81 -41.31
C LYS B 454 9.68 4.34 -41.71
N CYS B 455 8.62 4.01 -42.45
CA CYS B 455 8.36 2.62 -42.81
C CYS B 455 9.44 2.08 -43.74
N GLY B 456 9.91 2.89 -44.68
CA GLY B 456 10.97 2.49 -45.58
C GLY B 456 10.52 1.99 -46.94
N ALA B 457 9.24 2.09 -47.26
CA ALA B 457 8.76 1.66 -48.57
C ALA B 457 9.32 2.54 -49.69
N CYS B 458 9.75 3.75 -49.38
CA CYS B 458 10.22 4.67 -50.40
C CYS B 458 11.62 4.34 -50.90
N ILE B 459 12.50 3.88 -50.00
CA ILE B 459 13.90 3.70 -50.36
C ILE B 459 14.07 2.60 -51.41
N GLU B 460 13.29 1.53 -51.30
CA GLU B 460 13.33 0.49 -52.32
C GLU B 460 12.51 0.87 -53.55
N ALA B 461 11.55 1.79 -53.39
CA ALA B 461 10.73 2.24 -54.51
C ALA B 461 11.47 3.13 -55.49
N CYS B 462 12.67 3.60 -55.14
CA CYS B 462 13.43 4.45 -56.04
C CYS B 462 14.14 3.61 -57.09
N PRO B 463 13.88 3.82 -58.39
CA PRO B 463 14.56 3.02 -59.41
C PRO B 463 16.04 3.30 -59.52
N PHE B 464 16.53 4.42 -58.99
CA PHE B 464 17.93 4.78 -59.06
C PHE B 464 18.66 4.62 -57.73
N GLY B 465 17.95 4.25 -56.67
CA GLY B 465 18.58 4.06 -55.37
C GLY B 465 19.16 5.33 -54.78
N SER B 466 18.50 6.47 -54.97
CA SER B 466 19.01 7.75 -54.50
C SER B 466 18.62 8.06 -53.06
N ILE B 467 17.69 7.32 -52.47
CA ILE B 467 17.27 7.58 -51.10
C ILE B 467 18.31 7.01 -50.16
N SER B 468 18.82 7.84 -49.24
CA SER B 468 19.85 7.43 -48.31
C SER B 468 19.33 7.52 -46.88
N LYS B 469 19.79 6.61 -46.04
CA LYS B 469 19.44 6.64 -44.62
C LYS B 469 20.22 7.74 -43.92
N ALA B 470 19.52 8.58 -43.18
CA ALA B 470 20.16 9.69 -42.48
C ALA B 470 20.11 9.49 -40.96
N MET C 1 2.34 -40.03 -46.10
CA MET C 1 1.98 -39.39 -44.85
C MET C 1 0.67 -40.00 -44.32
N ALA C 2 0.72 -40.53 -43.10
CA ALA C 2 -0.46 -41.13 -42.52
C ALA C 2 -1.50 -40.07 -42.16
N GLU C 3 -2.76 -40.38 -42.42
CA GLU C 3 -3.84 -39.44 -42.13
C GLU C 3 -3.98 -39.21 -40.63
N LEU C 4 -4.25 -37.96 -40.26
CA LEU C 4 -4.49 -37.65 -38.86
C LEU C 4 -5.79 -38.31 -38.39
N ILE C 5 -5.70 -38.95 -37.23
CA ILE C 5 -6.87 -39.62 -36.66
C ILE C 5 -7.84 -38.57 -36.12
N PRO C 6 -9.14 -38.66 -36.39
CA PRO C 6 -10.09 -37.71 -35.80
C PRO C 6 -10.04 -37.76 -34.28
N VAL C 7 -10.15 -36.57 -33.67
CA VAL C 7 -9.90 -36.43 -32.24
C VAL C 7 -10.98 -37.09 -31.40
N GLU C 8 -12.15 -37.35 -31.96
CA GLU C 8 -13.23 -38.00 -31.22
C GLU C 8 -13.00 -39.50 -31.05
N ASN C 9 -12.03 -40.08 -31.77
CA ASN C 9 -11.77 -41.52 -31.73
C ASN C 9 -10.84 -41.80 -30.56
N LEU C 10 -11.40 -42.34 -29.47
CA LEU C 10 -10.68 -42.46 -28.22
C LEU C 10 -10.18 -43.86 -27.91
N ASP C 11 -10.55 -44.87 -28.70
CA ASP C 11 -10.03 -46.21 -28.48
C ASP C 11 -8.54 -46.29 -28.78
N VAL C 12 -8.07 -45.53 -29.77
CA VAL C 12 -6.65 -45.49 -30.06
C VAL C 12 -5.87 -44.90 -28.89
N VAL C 13 -6.43 -43.88 -28.25
CA VAL C 13 -5.76 -43.26 -27.10
C VAL C 13 -5.55 -44.27 -25.98
N LYS C 14 -6.60 -45.03 -25.63
CA LYS C 14 -6.47 -46.00 -24.55
C LYS C 14 -5.63 -47.21 -24.98
N ALA C 15 -5.63 -47.56 -26.28
CA ALA C 15 -4.71 -48.58 -26.76
C ALA C 15 -3.26 -48.14 -26.57
N ILE C 16 -2.97 -46.87 -26.87
CA ILE C 16 -1.63 -46.34 -26.64
C ILE C 16 -1.30 -46.36 -25.16
N VAL C 17 -2.26 -46.01 -24.31
CA VAL C 17 -2.05 -46.04 -22.86
C VAL C 17 -1.72 -47.44 -22.40
N ALA C 18 -2.46 -48.44 -22.88
CA ALA C 18 -2.24 -49.82 -22.47
C ALA C 18 -0.90 -50.36 -22.94
N GLU C 19 -0.49 -50.00 -24.16
CA GLU C 19 0.77 -50.54 -24.67
C GLU C 19 1.99 -49.83 -24.06
N HIS C 20 1.89 -48.54 -23.74
CA HIS C 20 2.99 -47.82 -23.09
C HIS C 20 2.72 -47.46 -21.63
N ARG C 21 1.88 -48.23 -20.92
CA ARG C 21 1.71 -47.97 -19.50
C ARG C 21 2.96 -48.32 -18.69
N GLU C 22 3.62 -49.43 -19.04
CA GLU C 22 4.72 -49.94 -18.23
C GLU C 22 5.95 -49.03 -18.27
N VAL C 23 6.08 -48.20 -19.29
CA VAL C 23 7.31 -47.41 -19.47
C VAL C 23 7.39 -46.33 -18.40
N PRO C 24 8.49 -46.25 -17.64
CA PRO C 24 8.63 -45.14 -16.68
C PRO C 24 8.76 -43.80 -17.39
N GLY C 25 8.16 -42.78 -16.78
CA GLY C 25 8.18 -41.44 -17.35
C GLY C 25 7.52 -41.36 -18.72
N CYS C 26 6.38 -42.05 -18.89
CA CYS C 26 5.77 -42.20 -20.20
C CYS C 26 4.89 -41.02 -20.61
N LEU C 27 4.72 -40.02 -19.75
CA LEU C 27 3.79 -38.94 -20.06
C LEU C 27 4.22 -38.18 -21.31
N MET C 28 5.48 -37.74 -21.35
CA MET C 28 5.97 -36.96 -22.49
C MET C 28 5.97 -37.80 -23.77
N GLN C 29 6.39 -39.06 -23.67
CA GLN C 29 6.46 -39.92 -24.85
C GLN C 29 5.07 -40.15 -25.44
N ILE C 30 4.09 -40.46 -24.58
CA ILE C 30 2.73 -40.67 -25.06
C ILE C 30 2.17 -39.37 -25.62
N LEU C 31 2.52 -38.23 -25.00
CA LEU C 31 2.02 -36.95 -25.47
C LEU C 31 2.54 -36.65 -26.88
N GLN C 32 3.84 -36.86 -27.11
CA GLN C 32 4.39 -36.56 -28.44
C GLN C 32 3.91 -37.58 -29.47
N GLU C 33 3.68 -38.82 -29.05
CA GLU C 33 3.22 -39.84 -29.99
C GLU C 33 1.79 -39.58 -30.43
N THR C 34 0.92 -39.19 -29.48
CA THR C 34 -0.44 -38.79 -29.85
C THR C 34 -0.44 -37.48 -30.63
N GLN C 35 0.54 -36.61 -30.38
CA GLN C 35 0.70 -35.43 -31.21
C GLN C 35 1.01 -35.83 -32.65
N LEU C 36 1.88 -36.83 -32.81
CA LEU C 36 2.22 -37.32 -34.15
C LEU C 36 1.00 -37.91 -34.85
N LYS C 37 0.22 -38.72 -34.14
CA LYS C 37 -0.92 -39.37 -34.81
C LYS C 37 -2.07 -38.41 -35.07
N TYR C 38 -2.37 -37.53 -34.12
CA TYR C 38 -3.61 -36.75 -34.20
C TYR C 38 -3.44 -35.38 -34.85
N GLY C 39 -2.23 -34.81 -34.82
CA GLY C 39 -1.99 -33.55 -35.51
C GLY C 39 -2.17 -32.35 -34.63
N TYR C 40 -3.26 -32.32 -33.85
CA TYR C 40 -3.42 -31.38 -32.76
C TYR C 40 -4.20 -32.08 -31.67
N LEU C 41 -4.01 -31.63 -30.43
CA LEU C 41 -4.48 -32.35 -29.26
C LEU C 41 -5.42 -31.45 -28.46
N PRO C 42 -6.72 -31.54 -28.66
CA PRO C 42 -7.67 -30.74 -27.87
C PRO C 42 -7.78 -31.23 -26.43
N LEU C 43 -8.59 -30.51 -25.66
CA LEU C 43 -8.59 -30.64 -24.20
C LEU C 43 -9.16 -31.98 -23.72
N GLU C 44 -10.18 -32.49 -24.41
CA GLU C 44 -10.77 -33.76 -24.02
C GLU C 44 -9.76 -34.90 -24.13
N LEU C 45 -8.69 -34.71 -24.91
CA LEU C 45 -7.63 -35.70 -24.92
C LEU C 45 -6.87 -35.73 -23.60
N GLN C 46 -6.55 -34.56 -23.01
CA GLN C 46 -6.04 -34.59 -21.65
C GLN C 46 -7.03 -35.24 -20.70
N GLY C 47 -8.32 -34.91 -20.82
CA GLY C 47 -9.30 -35.52 -19.93
C GLY C 47 -9.30 -37.03 -20.01
N THR C 48 -9.34 -37.56 -21.24
CA THR C 48 -9.42 -39.00 -21.44
C THR C 48 -8.12 -39.69 -21.01
N ILE C 49 -6.97 -39.12 -21.37
CA ILE C 49 -5.71 -39.78 -21.04
C ILE C 49 -5.47 -39.78 -19.54
N ALA C 50 -5.87 -38.69 -18.85
CA ALA C 50 -5.70 -38.66 -17.40
C ALA C 50 -6.68 -39.60 -16.71
N ASP C 51 -7.89 -39.76 -17.26
CA ASP C 51 -8.81 -40.75 -16.72
C ASP C 51 -8.27 -42.17 -16.89
N GLU C 52 -7.65 -42.46 -18.04
CA GLU C 52 -7.02 -43.77 -18.22
C GLU C 52 -5.85 -43.96 -17.26
N LEU C 53 -5.05 -42.92 -17.06
CA LEU C 53 -3.96 -43.01 -16.10
C LEU C 53 -4.44 -42.93 -14.66
N GLY C 54 -5.60 -42.32 -14.42
CA GLY C 54 -6.11 -42.18 -13.07
C GLY C 54 -5.34 -41.19 -12.22
N ILE C 55 -4.64 -40.25 -12.85
CA ILE C 55 -3.83 -39.26 -12.15
C ILE C 55 -4.36 -37.90 -12.60
N PRO C 56 -4.51 -36.90 -11.71
CA PRO C 56 -5.21 -35.65 -12.09
C PRO C 56 -4.67 -34.93 -13.31
N LEU C 57 -5.50 -34.04 -13.87
CA LEU C 57 -5.23 -33.41 -15.15
C LEU C 57 -4.19 -32.30 -15.08
N THR C 58 -3.82 -31.86 -13.86
CA THR C 58 -3.01 -30.65 -13.73
C THR C 58 -1.64 -30.80 -14.39
N GLU C 59 -0.91 -31.87 -14.06
CA GLU C 59 0.43 -32.02 -14.60
C GLU C 59 0.40 -32.27 -16.11
N VAL C 60 -0.61 -33.01 -16.59
CA VAL C 60 -0.72 -33.28 -18.02
C VAL C 60 -0.98 -31.99 -18.78
N TYR C 61 -1.91 -31.17 -18.28
CA TYR C 61 -2.19 -29.91 -18.94
C TYR C 61 -0.99 -28.96 -18.87
N GLY C 62 -0.28 -28.97 -17.75
CA GLY C 62 0.91 -28.13 -17.63
C GLY C 62 1.98 -28.51 -18.62
N VAL C 63 2.31 -29.80 -18.69
CA VAL C 63 3.36 -30.24 -19.61
C VAL C 63 2.90 -30.11 -21.05
N ALA C 64 1.58 -30.10 -21.28
CA ALA C 64 1.09 -29.74 -22.60
C ALA C 64 1.37 -28.28 -22.91
N THR C 65 1.19 -27.40 -21.91
CA THR C 65 1.42 -25.97 -22.16
C THR C 65 2.88 -25.57 -21.96
N PHE C 66 3.65 -26.31 -21.17
CA PHE C 66 5.01 -25.90 -20.89
C PHE C 66 5.93 -26.17 -22.07
N TYR C 67 5.61 -27.15 -22.91
CA TYR C 67 6.37 -27.39 -24.12
C TYR C 67 5.74 -26.61 -25.25
N SER C 68 6.44 -25.59 -25.75
CA SER C 68 5.90 -24.75 -26.81
C SER C 68 5.75 -25.49 -28.13
N GLN C 69 6.46 -26.61 -28.30
CA GLN C 69 6.40 -27.40 -29.52
C GLN C 69 5.14 -28.24 -29.61
N PHE C 70 4.29 -28.24 -28.59
CA PHE C 70 3.05 -29.00 -28.60
C PHE C 70 1.90 -28.05 -28.87
N THR C 71 1.00 -28.43 -29.77
CA THR C 71 -0.04 -27.56 -30.28
C THR C 71 -1.40 -27.99 -29.77
N LEU C 72 -2.24 -27.01 -29.41
CA LEU C 72 -3.59 -27.27 -28.93
C LEU C 72 -4.66 -26.88 -29.94
N LYS C 73 -4.33 -26.06 -30.93
CA LYS C 73 -5.27 -25.55 -31.91
C LYS C 73 -4.93 -26.07 -33.30
N PRO C 74 -5.94 -26.29 -34.15
CA PRO C 74 -5.65 -26.74 -35.52
C PRO C 74 -4.84 -25.72 -36.29
N LYS C 75 -3.92 -26.22 -37.12
CA LYS C 75 -3.03 -25.38 -37.90
C LYS C 75 -3.35 -25.51 -39.39
N GLY C 76 -2.57 -24.81 -40.20
CA GLY C 76 -2.75 -24.82 -41.64
C GLY C 76 -2.14 -26.05 -42.29
N LYS C 77 -2.29 -26.10 -43.61
CA LYS C 77 -1.71 -27.22 -44.38
C LYS C 77 -0.19 -27.19 -44.34
N TYR C 78 0.40 -26.03 -44.64
CA TYR C 78 1.84 -25.88 -44.69
C TYR C 78 2.28 -24.88 -43.63
N LYS C 79 3.31 -25.25 -42.87
CA LYS C 79 3.94 -24.39 -41.87
C LYS C 79 5.24 -23.85 -42.43
N ILE C 80 5.42 -22.54 -42.35
CA ILE C 80 6.63 -21.87 -42.81
C ILE C 80 7.41 -21.42 -41.58
N GLY C 81 8.60 -21.99 -41.41
CA GLY C 81 9.46 -21.62 -40.31
C GLY C 81 10.73 -20.96 -40.81
N ILE C 82 10.89 -19.68 -40.47
CA ILE C 82 12.05 -18.90 -40.88
C ILE C 82 13.08 -18.95 -39.76
N CYS C 83 14.35 -19.18 -40.12
CA CYS C 83 15.41 -19.33 -39.14
C CYS C 83 15.72 -18.02 -38.44
N LEU C 84 15.42 -17.93 -37.14
CA LEU C 84 15.81 -16.78 -36.32
C LEU C 84 17.16 -16.99 -35.64
N GLY C 85 18.04 -17.81 -36.23
CA GLY C 85 19.36 -17.98 -35.66
C GLY C 85 20.24 -16.77 -35.90
N THR C 86 21.34 -16.73 -35.13
CA THR C 86 22.22 -15.56 -35.16
C THR C 86 22.87 -15.37 -36.52
N ALA C 87 23.30 -16.46 -37.15
CA ALA C 87 23.89 -16.36 -38.49
C ALA C 87 22.87 -15.86 -39.50
N CYS C 88 21.62 -16.32 -39.38
CA CYS C 88 20.55 -15.77 -40.22
C CYS C 88 20.18 -14.35 -39.79
N TYR C 89 20.33 -14.05 -38.50
CA TYR C 89 19.97 -12.71 -38.00
C TYR C 89 20.90 -11.64 -38.55
N VAL C 90 22.21 -11.90 -38.53
CA VAL C 90 23.19 -10.87 -38.92
C VAL C 90 23.04 -10.53 -40.39
N ARG C 91 22.52 -11.45 -41.20
CA ARG C 91 22.19 -11.15 -42.59
C ARG C 91 21.07 -10.14 -42.73
N GLY C 92 20.29 -9.90 -41.67
CA GLY C 92 19.15 -9.01 -41.75
C GLY C 92 17.84 -9.75 -41.96
N SER C 93 17.56 -10.72 -41.09
CA SER C 93 16.37 -11.56 -41.23
C SER C 93 15.07 -10.79 -40.97
N GLN C 94 15.14 -9.64 -40.28
CA GLN C 94 13.92 -8.88 -40.02
C GLN C 94 13.30 -8.36 -41.32
N ALA C 95 14.13 -8.07 -42.33
CA ALA C 95 13.59 -7.71 -43.64
C ALA C 95 12.79 -8.86 -44.24
N ILE C 96 13.29 -10.08 -44.10
CA ILE C 96 12.56 -11.25 -44.58
C ILE C 96 11.27 -11.44 -43.79
N ILE C 97 11.32 -11.19 -42.48
CA ILE C 97 10.13 -11.31 -41.65
C ILE C 97 9.06 -10.33 -42.09
N ASP C 98 9.45 -9.07 -42.34
CA ASP C 98 8.49 -8.07 -42.79
C ASP C 98 7.97 -8.38 -44.18
N LYS C 99 8.84 -8.90 -45.07
CA LYS C 99 8.38 -9.27 -46.40
C LYS C 99 7.38 -10.43 -46.36
N VAL C 100 7.63 -11.40 -45.48
CA VAL C 100 6.69 -12.52 -45.31
C VAL C 100 5.37 -12.01 -44.75
N ASN C 101 5.44 -11.10 -43.77
CA ASN C 101 4.23 -10.50 -43.23
C ASN C 101 3.45 -9.74 -44.29
N SER C 102 4.16 -9.07 -45.20
CA SER C 102 3.51 -8.30 -46.26
C SER C 102 2.85 -9.22 -47.29
N VAL C 103 3.58 -10.23 -47.77
CA VAL C 103 3.07 -11.08 -48.83
C VAL C 103 1.96 -11.99 -48.30
N LEU C 104 2.17 -12.59 -47.13
CA LEU C 104 1.19 -13.49 -46.55
C LEU C 104 -0.07 -12.77 -46.12
N GLY C 105 -0.01 -11.47 -45.86
CA GLY C 105 -1.15 -10.73 -45.35
C GLY C 105 -1.61 -11.19 -43.98
N THR C 106 -0.69 -11.73 -43.17
CA THR C 106 -1.03 -12.28 -41.88
C THR C 106 0.12 -12.01 -40.92
N GLN C 107 -0.20 -11.78 -39.65
CA GLN C 107 0.82 -11.50 -38.66
C GLN C 107 1.48 -12.79 -38.18
N VAL C 108 2.61 -12.63 -37.50
CA VAL C 108 3.41 -13.78 -37.06
C VAL C 108 2.67 -14.52 -35.96
N GLY C 109 2.58 -15.84 -36.11
CA GLY C 109 1.91 -16.67 -35.13
C GLY C 109 0.44 -16.94 -35.38
N ASP C 110 -0.07 -16.62 -36.58
CA ASP C 110 -1.47 -16.80 -36.91
C ASP C 110 -1.60 -17.68 -38.15
N THR C 111 -2.65 -18.49 -38.17
CA THR C 111 -2.94 -19.38 -39.28
C THR C 111 -3.95 -18.71 -40.21
N THR C 112 -3.69 -18.75 -41.51
CA THR C 112 -4.60 -18.20 -42.49
C THR C 112 -5.95 -18.91 -42.43
N GLU C 113 -7.02 -18.14 -42.69
CA GLU C 113 -8.37 -18.67 -42.56
C GLU C 113 -8.63 -19.82 -43.53
N ASP C 114 -7.89 -19.87 -44.64
CA ASP C 114 -8.02 -20.98 -45.58
C ASP C 114 -7.51 -22.30 -45.01
N GLY C 115 -6.77 -22.27 -43.90
CA GLY C 115 -6.22 -23.49 -43.36
C GLY C 115 -5.10 -24.09 -44.17
N LYS C 116 -4.42 -23.27 -44.98
CA LYS C 116 -3.32 -23.73 -45.83
C LYS C 116 -1.97 -23.20 -45.40
N TRP C 117 -1.90 -21.94 -44.99
CA TRP C 117 -0.65 -21.28 -44.64
C TRP C 117 -0.62 -20.98 -43.15
N SER C 118 0.51 -21.33 -42.51
CA SER C 118 0.80 -20.91 -41.16
C SER C 118 2.26 -20.48 -41.10
N VAL C 119 2.56 -19.54 -40.22
CA VAL C 119 3.92 -19.04 -40.06
C VAL C 119 4.33 -19.22 -38.60
N ASP C 120 5.57 -19.62 -38.39
CA ASP C 120 6.09 -19.79 -37.04
C ASP C 120 7.49 -19.23 -36.95
N ALA C 121 7.85 -18.77 -35.76
CA ALA C 121 9.18 -18.22 -35.50
C ALA C 121 10.06 -19.30 -34.89
N THR C 122 10.44 -20.25 -35.75
CA THR C 122 11.40 -21.28 -35.36
C THR C 122 12.75 -20.62 -35.13
N ARG C 123 13.33 -20.84 -33.95
CA ARG C 123 14.57 -20.11 -33.62
C ARG C 123 15.76 -20.69 -34.38
N CYS C 124 15.83 -22.00 -34.52
CA CYS C 124 16.76 -22.62 -35.45
C CYS C 124 16.20 -23.93 -35.98
N VAL C 125 16.44 -24.16 -37.27
CA VAL C 125 16.34 -25.49 -37.85
C VAL C 125 17.72 -26.13 -37.98
N GLY C 126 18.78 -25.37 -37.81
CA GLY C 126 20.14 -25.87 -37.82
C GLY C 126 20.90 -25.60 -39.10
N ALA C 127 20.21 -25.22 -40.19
CA ALA C 127 20.88 -24.95 -41.45
C ALA C 127 21.31 -23.49 -41.53
N CYS C 128 22.27 -23.14 -40.68
CA CYS C 128 22.78 -21.78 -40.58
C CYS C 128 23.94 -21.51 -41.53
N GLY C 129 24.11 -22.30 -42.58
CA GLY C 129 25.22 -22.15 -43.49
C GLY C 129 24.89 -21.47 -44.80
N MET D 1 -19.86 21.78 39.96
CA MET D 1 -19.89 20.71 38.96
C MET D 1 -21.33 20.29 38.70
N LYS D 2 -21.71 20.33 37.42
CA LYS D 2 -23.07 20.06 36.99
C LYS D 2 -23.21 18.62 36.51
N GLU D 3 -24.30 17.97 36.88
CA GLU D 3 -24.56 16.58 36.49
C GLU D 3 -25.46 16.55 35.26
N ILE D 4 -25.02 15.85 34.22
CA ILE D 4 -25.71 15.74 32.95
C ILE D 4 -26.12 14.29 32.76
N THR D 5 -27.39 14.08 32.39
CA THR D 5 -27.94 12.75 32.18
C THR D 5 -28.07 12.51 30.68
N PHE D 6 -27.59 11.36 30.21
CA PHE D 6 -27.77 11.04 28.79
C PHE D 6 -28.05 9.56 28.60
N LYS D 7 -28.81 9.28 27.55
CA LYS D 7 -29.36 7.96 27.28
C LYS D 7 -28.83 7.52 25.92
N ILE D 8 -27.91 6.56 25.92
CA ILE D 8 -27.27 6.09 24.71
C ILE D 8 -27.39 4.58 24.59
N ASN D 9 -27.93 4.12 23.47
CA ASN D 9 -27.85 2.73 23.02
C ASN D 9 -28.35 1.75 24.07
N GLY D 10 -29.40 2.15 24.79
CA GLY D 10 -30.01 1.29 25.80
C GLY D 10 -29.53 1.51 27.23
N GLN D 11 -28.58 2.40 27.48
CA GLN D 11 -28.04 2.63 28.81
C GLN D 11 -27.95 4.12 29.12
N GLU D 12 -28.32 4.49 30.34
CA GLU D 12 -28.29 5.87 30.81
C GLU D 12 -27.07 6.11 31.69
N MET D 13 -26.56 7.35 31.68
CA MET D 13 -25.33 7.63 32.41
C MET D 13 -25.29 9.10 32.80
N ILE D 14 -24.62 9.36 33.94
CA ILE D 14 -24.43 10.70 34.50
C ILE D 14 -22.96 11.09 34.32
N VAL D 15 -22.73 12.30 33.82
CA VAL D 15 -21.36 12.81 33.68
C VAL D 15 -21.30 14.25 34.18
N PRO D 16 -20.10 14.71 34.53
CA PRO D 16 -19.93 16.14 34.83
C PRO D 16 -20.09 16.99 33.58
N GLU D 17 -20.27 18.29 33.81
CA GLU D 17 -20.37 19.26 32.72
C GLU D 17 -19.09 19.29 31.90
N GLY D 18 -19.25 19.39 30.58
CA GLY D 18 -18.13 19.44 29.67
C GLY D 18 -17.59 18.09 29.24
N THR D 19 -18.10 17.00 29.80
CA THR D 19 -17.65 15.66 29.44
C THR D 19 -18.29 15.28 28.11
N THR D 20 -17.52 15.34 27.02
CA THR D 20 -18.08 15.03 25.72
C THR D 20 -18.28 13.52 25.58
N ILE D 21 -18.95 13.14 24.49
CA ILE D 21 -19.53 11.81 24.39
C ILE D 21 -18.48 10.71 24.18
N LEU D 22 -17.30 11.06 23.67
CA LEU D 22 -16.33 10.03 23.27
C LEU D 22 -15.81 9.26 24.48
N GLU D 23 -15.31 9.97 25.50
CA GLU D 23 -14.84 9.26 26.69
C GLU D 23 -16.00 8.68 27.48
N ALA D 24 -17.19 9.24 27.34
CA ALA D 24 -18.38 8.64 27.93
C ALA D 24 -18.63 7.25 27.37
N ALA D 25 -18.48 7.10 26.05
CA ALA D 25 -18.57 5.78 25.43
C ALA D 25 -17.38 4.91 25.82
N ARG D 26 -16.20 5.52 25.94
CA ARG D 26 -14.99 4.77 26.31
C ARG D 26 -15.17 4.08 27.66
N MET D 27 -15.64 4.83 28.66
CA MET D 27 -15.86 4.23 29.97
C MET D 27 -17.08 3.31 29.98
N ASN D 28 -17.94 3.40 28.97
CA ASN D 28 -19.06 2.49 28.80
C ASN D 28 -18.71 1.36 27.81
N ASN D 29 -17.41 1.17 27.55
CA ASN D 29 -16.89 0.08 26.72
C ASN D 29 -17.43 0.13 25.29
N ILE D 30 -17.33 1.30 24.67
CA ILE D 30 -17.66 1.50 23.27
C ILE D 30 -16.59 2.38 22.64
N ASP D 31 -16.10 1.99 21.47
CA ASP D 31 -15.01 2.68 20.80
C ASP D 31 -15.50 3.41 19.57
N ILE D 32 -14.94 4.58 19.31
CA ILE D 32 -15.28 5.40 18.15
C ILE D 32 -13.99 5.75 17.42
N PRO D 33 -13.95 5.66 16.09
CA PRO D 33 -12.72 5.97 15.35
C PRO D 33 -12.31 7.44 15.47
N THR D 34 -11.02 7.66 15.72
CA THR D 34 -10.46 9.00 15.87
C THR D 34 -9.23 9.15 15.00
N LEU D 35 -9.14 10.26 14.27
CA LEU D 35 -7.91 10.67 13.60
C LEU D 35 -7.34 11.96 14.19
N CYS D 36 -8.10 13.05 14.15
CA CYS D 36 -7.60 14.37 14.51
C CYS D 36 -7.72 14.67 16.00
N TYR D 37 -8.18 13.73 16.79
CA TYR D 37 -8.36 13.96 18.21
C TYR D 37 -7.13 13.54 19.00
N LEU D 38 -6.70 14.39 19.91
CA LEU D 38 -5.69 14.08 20.92
C LEU D 38 -6.22 14.52 22.27
N LYS D 39 -5.83 13.80 23.31
CA LYS D 39 -6.31 14.14 24.64
C LYS D 39 -5.73 15.47 25.08
N ASP D 40 -6.59 16.45 25.28
CA ASP D 40 -6.29 17.76 25.85
C ASP D 40 -5.38 18.61 24.96
N ILE D 41 -5.21 18.25 23.69
CA ILE D 41 -4.30 18.98 22.83
C ILE D 41 -5.00 19.50 21.59
N ASN D 42 -5.58 18.60 20.79
CA ASN D 42 -6.21 18.96 19.52
C ASN D 42 -7.68 18.54 19.57
N GLU D 43 -8.56 19.53 19.74
CA GLU D 43 -10.01 19.32 19.74
C GLU D 43 -10.60 20.30 18.74
N ILE D 44 -10.67 19.89 17.47
CA ILE D 44 -11.17 20.80 16.44
C ILE D 44 -12.20 20.17 15.52
N GLY D 45 -12.26 18.86 15.38
CA GLY D 45 -13.24 18.28 14.48
C GLY D 45 -12.89 18.42 13.01
N ALA D 46 -11.60 18.40 12.67
CA ALA D 46 -11.21 18.47 11.27
C ALA D 46 -11.32 17.12 10.59
N CYS D 47 -11.12 16.02 11.32
CA CYS D 47 -11.04 14.71 10.68
C CYS D 47 -12.35 14.35 10.01
N ARG D 48 -13.47 14.58 10.70
CA ARG D 48 -14.81 14.25 10.21
C ARG D 48 -14.92 12.76 9.90
N MET D 49 -14.38 11.93 10.80
CA MET D 49 -14.46 10.48 10.72
C MET D 49 -15.39 9.86 11.75
N CYS D 50 -15.65 10.55 12.86
CA CYS D 50 -16.27 9.97 14.04
C CYS D 50 -17.76 10.24 14.10
N LEU D 51 -18.45 10.19 12.96
CA LEU D 51 -19.84 10.61 12.89
C LEU D 51 -20.75 9.67 13.68
N VAL D 52 -21.74 10.25 14.36
CA VAL D 52 -22.75 9.49 15.09
C VAL D 52 -24.09 10.18 14.88
N GLU D 53 -25.15 9.38 14.87
CA GLU D 53 -26.50 9.91 14.77
C GLU D 53 -26.92 10.55 16.08
N ILE D 54 -27.63 11.67 15.98
CA ILE D 54 -28.20 12.36 17.13
C ILE D 54 -29.69 12.52 16.90
N ALA D 55 -30.49 12.21 17.92
CA ALA D 55 -31.94 12.31 17.80
C ALA D 55 -32.36 13.75 17.55
N GLY D 56 -33.25 13.94 16.57
CA GLY D 56 -33.77 15.24 16.25
C GLY D 56 -32.86 16.10 15.41
N ALA D 57 -31.72 15.58 14.97
CA ALA D 57 -30.75 16.36 14.21
C ALA D 57 -31.04 16.25 12.71
N ARG D 58 -30.90 17.39 12.02
CA ARG D 58 -31.06 17.40 10.58
C ARG D 58 -30.02 16.53 9.90
N ALA D 59 -28.77 16.62 10.34
CA ALA D 59 -27.70 15.83 9.75
C ALA D 59 -26.88 15.16 10.85
N LEU D 60 -25.77 14.56 10.48
CA LEU D 60 -24.92 13.89 11.45
C LEU D 60 -23.97 14.90 12.10
N GLN D 61 -23.49 14.57 13.30
CA GLN D 61 -22.52 15.39 13.99
C GLN D 61 -21.29 14.58 14.36
N ALA D 62 -20.16 15.27 14.51
CA ALA D 62 -18.91 14.64 14.86
C ALA D 62 -18.86 14.44 16.37
N ALA D 63 -18.75 13.19 16.81
CA ALA D 63 -18.73 12.88 18.23
C ALA D 63 -17.49 13.39 18.93
N CYS D 64 -16.45 13.78 18.19
CA CYS D 64 -15.18 14.11 18.82
C CYS D 64 -15.29 15.35 19.69
N VAL D 65 -16.01 16.37 19.25
CA VAL D 65 -15.98 17.65 19.94
C VAL D 65 -17.44 18.01 20.26
N TYR D 66 -18.31 17.00 20.24
CA TYR D 66 -19.73 17.23 20.46
C TYR D 66 -20.04 17.19 21.94
N PRO D 67 -20.40 18.31 22.57
CA PRO D 67 -20.71 18.28 24.00
C PRO D 67 -22.00 17.54 24.27
N VAL D 68 -22.08 16.89 25.43
CA VAL D 68 -23.26 16.13 25.81
C VAL D 68 -24.34 17.11 26.20
N ALA D 69 -25.60 16.70 26.12
CA ALA D 69 -26.72 17.48 26.61
C ALA D 69 -27.68 16.54 27.34
N ASN D 70 -28.62 17.13 28.06
CA ASN D 70 -29.55 16.34 28.87
C ASN D 70 -30.68 15.78 28.00
N GLY D 71 -31.03 14.52 28.24
CA GLY D 71 -32.16 13.92 27.57
C GLY D 71 -31.95 13.58 26.12
N ILE D 72 -30.71 13.47 25.67
CA ILE D 72 -30.44 13.18 24.27
C ILE D 72 -30.48 11.68 24.03
N GLU D 73 -30.68 11.31 22.77
CA GLU D 73 -30.62 9.93 22.33
C GLU D 73 -29.60 9.81 21.21
N VAL D 74 -28.71 8.83 21.33
CA VAL D 74 -27.59 8.67 20.40
C VAL D 74 -27.60 7.25 19.87
N LEU D 75 -27.60 7.12 18.55
CA LEU D 75 -27.49 5.83 17.88
C LEU D 75 -26.18 5.79 17.09
N THR D 76 -25.42 4.73 17.26
CA THR D 76 -24.07 4.66 16.74
C THR D 76 -23.88 3.69 15.57
N ASN D 77 -24.93 3.00 15.15
CA ASN D 77 -24.80 1.99 14.11
C ASN D 77 -25.93 2.07 13.09
N SER D 78 -26.32 3.28 12.71
CA SER D 78 -27.27 3.42 11.63
C SER D 78 -26.57 3.18 10.28
N PRO D 79 -27.32 2.76 9.25
CA PRO D 79 -26.69 2.62 7.92
C PRO D 79 -26.13 3.92 7.38
N LYS D 80 -26.75 5.06 7.71
CA LYS D 80 -26.25 6.35 7.28
C LYS D 80 -24.83 6.59 7.80
N VAL D 81 -24.59 6.24 9.06
CA VAL D 81 -23.27 6.43 9.66
C VAL D 81 -22.23 5.60 8.93
N ARG D 82 -22.55 4.33 8.66
CA ARG D 82 -21.60 3.46 7.97
C ARG D 82 -21.31 3.96 6.56
N GLU D 83 -22.33 4.37 5.82
CA GLU D 83 -22.10 4.87 4.47
C GLU D 83 -21.27 6.14 4.48
N ALA D 84 -21.55 7.04 5.43
CA ALA D 84 -20.77 8.27 5.53
C ALA D 84 -19.31 8.00 5.88
N ARG D 85 -19.07 7.09 6.83
CA ARG D 85 -17.68 6.75 7.17
C ARG D 85 -16.96 6.15 5.98
N ARG D 86 -17.63 5.23 5.27
CA ARG D 86 -16.98 4.61 4.12
C ARG D 86 -16.64 5.65 3.05
N VAL D 87 -17.57 6.57 2.76
CA VAL D 87 -17.32 7.54 1.70
C VAL D 87 -16.23 8.52 2.11
N ASN D 88 -16.18 8.90 3.40
CA ASN D 88 -15.10 9.80 3.80
C ASN D 88 -13.74 9.13 3.82
N LEU D 89 -13.63 7.85 4.17
CA LEU D 89 -12.35 7.17 3.98
C LEU D 89 -11.98 7.07 2.50
N GLU D 90 -12.95 6.78 1.64
CA GLU D 90 -12.67 6.72 0.21
C GLU D 90 -12.18 8.07 -0.29
N LEU D 91 -12.75 9.15 0.22
CA LEU D 91 -12.33 10.48 -0.20
C LEU D 91 -10.92 10.80 0.30
N ILE D 92 -10.66 10.56 1.59
CA ILE D 92 -9.39 10.98 2.18
C ILE D 92 -8.23 10.15 1.65
N LEU D 93 -8.47 8.88 1.31
CA LEU D 93 -7.38 8.07 0.77
C LEU D 93 -7.03 8.43 -0.66
N SER D 94 -7.87 9.21 -1.35
CA SER D 94 -7.55 9.59 -2.72
C SER D 94 -6.42 10.59 -2.82
N ASN D 95 -5.96 11.17 -1.71
CA ASN D 95 -4.79 12.02 -1.70
C ASN D 95 -3.56 11.34 -1.12
N HIS D 96 -3.70 10.65 -0.01
CA HIS D 96 -2.58 9.91 0.56
C HIS D 96 -2.06 8.91 -0.44
N ASN D 97 -0.75 8.97 -0.70
CA ASN D 97 -0.14 8.04 -1.64
C ASN D 97 -0.33 6.62 -1.16
N ARG D 98 -0.86 5.76 -2.02
CA ARG D 98 -1.21 4.41 -1.62
C ARG D 98 -0.03 3.45 -1.63
N GLU D 99 1.20 3.96 -1.69
CA GLU D 99 2.39 3.11 -1.62
C GLU D 99 2.70 2.83 -0.15
N CYS D 100 1.90 1.96 0.44
CA CYS D 100 2.06 1.66 1.86
C CYS D 100 3.05 0.54 2.13
N THR D 101 3.76 0.04 1.12
CA THR D 101 4.80 -0.94 1.41
C THR D 101 5.99 -0.29 2.10
N THR D 102 6.34 0.95 1.73
CA THR D 102 7.60 1.54 2.17
C THR D 102 7.44 2.83 2.97
N CYS D 103 6.29 3.08 3.57
CA CYS D 103 6.25 4.12 4.59
C CYS D 103 7.08 3.66 5.78
N ILE D 104 7.72 4.62 6.45
CA ILE D 104 8.43 4.31 7.69
C ILE D 104 7.45 3.78 8.73
N ARG D 105 6.28 4.40 8.82
CA ARG D 105 5.28 3.95 9.77
C ARG D 105 4.80 2.54 9.43
N SER D 106 4.44 2.31 8.16
CA SER D 106 4.12 1.00 7.64
C SER D 106 3.04 0.26 8.43
N GLU D 107 3.46 -0.60 9.35
CA GLU D 107 2.53 -1.50 10.01
C GLU D 107 1.53 -0.75 10.89
N ASN D 108 1.99 0.26 11.63
CA ASN D 108 1.11 0.94 12.58
C ASN D 108 0.74 2.36 12.15
N CYS D 109 0.53 2.57 10.86
CA CYS D 109 -0.12 3.78 10.37
C CYS D 109 -1.59 3.72 10.71
N GLU D 110 -2.10 4.72 11.43
CA GLU D 110 -3.49 4.69 11.86
C GLU D 110 -4.46 4.72 10.67
N LEU D 111 -4.06 5.30 9.54
CA LEU D 111 -4.88 5.21 8.35
C LEU D 111 -5.05 3.77 7.88
N GLN D 112 -3.98 2.96 7.95
CA GLN D 112 -4.10 1.56 7.58
C GLN D 112 -5.05 0.82 8.52
N THR D 113 -4.94 1.09 9.82
CA THR D 113 -5.82 0.43 10.78
C THR D 113 -7.27 0.80 10.52
N LEU D 114 -7.54 2.08 10.24
CA LEU D 114 -8.92 2.47 9.89
C LEU D 114 -9.37 1.87 8.58
N ALA D 115 -8.49 1.80 7.59
CA ALA D 115 -8.87 1.25 6.29
C ALA D 115 -9.24 -0.22 6.40
N THR D 116 -8.48 -0.98 7.16
CA THR D 116 -8.86 -2.36 7.42
C THR D 116 -10.12 -2.44 8.28
N ASP D 117 -10.25 -1.51 9.23
CA ASP D 117 -11.36 -1.54 10.18
C ASP D 117 -12.70 -1.35 9.49
N LEU D 118 -12.78 -0.37 8.58
CA LEU D 118 -14.03 -0.11 7.88
C LEU D 118 -14.24 -1.08 6.73
N GLY D 119 -13.20 -1.80 6.33
CA GLY D 119 -13.32 -2.79 5.28
C GLY D 119 -13.65 -2.20 3.93
N VAL D 120 -12.99 -1.10 3.56
CA VAL D 120 -13.30 -0.44 2.30
C VAL D 120 -12.93 -1.33 1.12
N SER D 121 -13.83 -1.39 0.13
CA SER D 121 -13.64 -2.29 -1.00
C SER D 121 -12.67 -1.71 -2.02
N ASP D 122 -13.02 -0.60 -2.65
CA ASP D 122 -12.20 -0.01 -3.70
C ASP D 122 -12.40 1.50 -3.65
N ILE D 123 -11.51 2.23 -4.32
CA ILE D 123 -11.58 3.68 -4.36
C ILE D 123 -11.88 4.09 -5.81
N PRO D 124 -13.15 4.31 -6.16
CA PRO D 124 -13.47 4.68 -7.54
C PRO D 124 -13.14 6.13 -7.87
N PHE D 125 -12.97 6.97 -6.86
CA PHE D 125 -12.98 8.42 -7.05
C PHE D 125 -11.54 8.89 -7.30
N GLU D 126 -11.09 8.72 -8.54
CA GLU D 126 -9.70 8.92 -8.88
C GLU D 126 -9.41 10.41 -9.07
N GLY D 127 -8.23 10.72 -9.58
CA GLY D 127 -7.82 12.09 -9.78
C GLY D 127 -6.32 12.21 -9.63
N GLU D 128 -5.87 13.43 -9.35
CA GLU D 128 -4.46 13.71 -9.14
C GLU D 128 -4.25 14.30 -7.76
N LYS D 129 -3.05 14.08 -7.23
CA LYS D 129 -2.71 14.51 -5.89
C LYS D 129 -2.32 15.98 -5.87
N SER D 130 -2.07 16.50 -4.68
CA SER D 130 -1.56 17.85 -4.55
C SER D 130 -0.09 17.89 -4.95
N GLY D 131 0.41 19.10 -5.17
CA GLY D 131 1.80 19.27 -5.53
C GLY D 131 2.72 18.76 -4.43
N LYS D 132 3.83 18.15 -4.83
CA LYS D 132 4.70 17.45 -3.89
C LYS D 132 6.12 17.98 -4.00
N LEU D 133 6.80 17.97 -2.86
CA LEU D 133 8.22 18.24 -2.77
C LEU D 133 8.70 17.75 -1.42
N ILE D 134 9.91 17.19 -1.38
CA ILE D 134 10.49 16.64 -0.17
C ILE D 134 11.59 17.58 0.29
N ASP D 135 11.46 18.11 1.50
CA ASP D 135 12.45 19.01 2.06
C ASP D 135 13.51 18.13 2.75
N ASP D 136 14.31 17.49 1.92
CA ASP D 136 15.38 16.60 2.38
C ASP D 136 16.68 17.39 2.56
N LEU D 137 16.62 18.43 3.38
CA LEU D 137 17.73 19.34 3.57
C LEU D 137 18.07 19.62 5.02
N SER D 138 17.08 19.55 5.93
CA SER D 138 17.33 19.87 7.32
C SER D 138 18.18 18.79 8.00
N THR D 139 18.74 19.18 9.15
CA THR D 139 19.66 18.30 9.85
C THR D 139 18.96 17.07 10.41
N SER D 140 17.78 17.24 11.00
CA SER D 140 17.14 16.17 11.74
C SER D 140 15.79 15.76 11.17
N VAL D 141 14.89 16.70 10.96
CA VAL D 141 13.50 16.39 10.62
C VAL D 141 13.34 16.42 9.10
N VAL D 142 12.63 15.42 8.57
CA VAL D 142 12.38 15.30 7.15
C VAL D 142 10.87 15.29 6.91
N ARG D 143 10.44 16.09 5.95
CA ARG D 143 9.04 16.27 5.60
C ARG D 143 8.75 15.67 4.23
N ASP D 144 7.58 15.07 4.07
CA ASP D 144 7.12 14.58 2.76
C ASP D 144 5.66 14.98 2.66
N GLU D 145 5.38 16.05 1.91
CA GLU D 145 4.02 16.57 1.85
C GLU D 145 3.07 15.71 1.02
N SER D 146 3.58 14.75 0.27
CA SER D 146 2.70 13.89 -0.51
C SER D 146 1.82 13.00 0.35
N LYS D 147 2.14 12.85 1.63
CA LYS D 147 1.45 11.92 2.50
C LYS D 147 0.42 12.57 3.40
N CYS D 148 0.69 13.80 3.84
CA CYS D 148 -0.03 14.39 4.96
C CYS D 148 -1.49 14.65 4.60
N ILE D 149 -2.36 14.53 5.61
CA ILE D 149 -3.80 14.57 5.40
C ILE D 149 -4.46 15.72 6.16
N LEU D 150 -3.68 16.74 6.52
CA LEU D 150 -4.16 17.92 7.25
C LEU D 150 -4.85 17.55 8.57
N CYS D 151 -4.17 16.72 9.35
CA CYS D 151 -4.63 16.36 10.68
C CYS D 151 -4.51 17.50 11.68
N LYS D 152 -3.55 18.41 11.47
CA LYS D 152 -3.30 19.56 12.33
C LYS D 152 -2.86 19.21 13.76
N ARG D 153 -2.54 17.94 14.02
CA ARG D 153 -1.94 17.59 15.30
C ARG D 153 -0.55 18.19 15.44
N CYS D 154 0.24 18.14 14.38
CA CYS D 154 1.62 18.63 14.45
C CYS D 154 1.68 20.12 14.75
N VAL D 155 0.82 20.91 14.09
CA VAL D 155 0.85 22.35 14.31
C VAL D 155 0.38 22.68 15.72
N SER D 156 -0.63 21.96 16.23
CA SER D 156 -1.07 22.21 17.59
C SER D 156 0.01 21.86 18.60
N VAL D 157 0.74 20.77 18.37
CA VAL D 157 1.81 20.40 19.28
C VAL D 157 2.90 21.45 19.27
N CYS D 158 3.34 21.86 18.07
CA CYS D 158 4.42 22.83 18.00
C CYS D 158 3.98 24.22 18.45
N ARG D 159 2.68 24.50 18.52
CA ARG D 159 2.23 25.79 19.02
C ARG D 159 2.01 25.78 20.54
N ASP D 160 1.30 24.78 21.06
CA ASP D 160 0.87 24.82 22.45
C ASP D 160 1.97 24.36 23.39
N VAL D 161 2.35 23.09 23.31
CA VAL D 161 3.19 22.51 24.34
C VAL D 161 4.66 22.93 24.20
N GLN D 162 5.07 23.40 23.03
CA GLN D 162 6.44 23.81 22.83
C GLN D 162 6.64 25.32 22.82
N SER D 163 5.58 26.09 22.58
CA SER D 163 5.63 27.55 22.54
C SER D 163 6.65 28.05 21.53
N VAL D 164 6.79 27.35 20.41
CA VAL D 164 7.68 27.74 19.33
C VAL D 164 6.90 28.18 18.10
N ALA D 165 6.09 27.27 17.55
CA ALA D 165 5.14 27.55 16.47
C ALA D 165 5.85 28.11 15.23
N VAL D 166 6.60 27.22 14.58
CA VAL D 166 7.19 27.52 13.29
C VAL D 166 6.49 26.75 12.17
N LEU D 167 5.29 26.23 12.42
CA LEU D 167 4.48 25.60 11.39
C LEU D 167 3.14 26.30 11.27
N GLY D 168 2.64 26.39 10.04
CA GLY D 168 1.36 27.03 9.81
C GLY D 168 0.70 26.44 8.57
N THR D 169 -0.46 26.99 8.22
CA THR D 169 -1.21 26.56 7.06
C THR D 169 -1.22 27.67 6.02
N VAL D 170 -1.14 27.28 4.74
CA VAL D 170 -1.18 28.23 3.65
C VAL D 170 -2.18 27.77 2.59
N GLY D 171 -2.66 28.74 1.82
CA GLY D 171 -3.40 28.47 0.60
C GLY D 171 -4.88 28.14 0.79
N ARG D 172 -5.52 27.84 -0.33
CA ARG D 172 -6.93 27.53 -0.42
C ARG D 172 -7.12 26.25 -1.23
N GLY D 173 -8.11 25.45 -0.85
CA GLY D 173 -8.37 24.21 -1.57
C GLY D 173 -7.20 23.25 -1.50
N PHE D 174 -6.78 22.77 -2.67
CA PHE D 174 -5.59 21.93 -2.75
C PHE D 174 -4.33 22.67 -2.31
N THR D 175 -4.24 23.96 -2.59
CA THR D 175 -3.05 24.71 -2.22
C THR D 175 -2.86 24.80 -0.71
N SER D 176 -3.91 24.51 0.07
CA SER D 176 -3.79 24.53 1.52
C SER D 176 -2.86 23.41 1.97
N GLN D 177 -1.68 23.77 2.44
CA GLN D 177 -0.72 22.81 2.96
C GLN D 177 -0.13 23.34 4.25
N VAL D 178 0.33 22.43 5.10
CA VAL D 178 1.09 22.82 6.28
C VAL D 178 2.56 23.01 5.87
N GLN D 179 3.13 24.13 6.27
CA GLN D 179 4.46 24.52 5.84
C GLN D 179 5.14 25.38 6.88
N PRO D 180 6.45 25.48 6.84
CA PRO D 180 7.14 26.52 7.62
C PRO D 180 6.89 27.90 7.05
N VAL D 181 7.51 28.88 7.64
CA VAL D 181 7.30 30.29 7.31
C VAL D 181 8.18 30.66 6.13
N PHE D 182 7.64 31.48 5.23
CA PHE D 182 8.39 32.14 4.14
C PHE D 182 8.93 31.14 3.12
N ASN D 183 8.28 29.97 3.00
CA ASN D 183 8.63 28.94 2.02
C ASN D 183 10.07 28.44 2.20
N LYS D 184 10.59 28.50 3.42
CA LYS D 184 11.96 28.10 3.71
C LYS D 184 12.00 26.64 4.13
N SER D 185 13.19 26.19 4.52
CA SER D 185 13.35 24.85 5.06
C SER D 185 13.27 24.88 6.57
N LEU D 186 13.10 23.69 7.16
CA LEU D 186 12.95 23.58 8.61
C LEU D 186 14.20 24.05 9.33
N ALA D 187 15.38 23.68 8.80
CA ALA D 187 16.63 24.09 9.44
C ALA D 187 16.91 25.58 9.26
N ASP D 188 16.22 26.25 8.34
CA ASP D 188 16.45 27.67 8.12
C ASP D 188 15.72 28.55 9.11
N VAL D 189 14.87 27.99 9.96
CA VAL D 189 14.10 28.77 10.93
C VAL D 189 14.38 28.24 12.33
N GLY D 190 13.72 28.82 13.33
CA GLY D 190 14.04 28.52 14.70
C GLY D 190 13.47 27.22 15.25
N CYS D 191 13.57 26.14 14.48
CA CYS D 191 13.15 24.85 14.99
C CYS D 191 14.12 24.37 16.06
N ILE D 192 13.59 23.69 17.07
CA ILE D 192 14.35 23.35 18.27
C ILE D 192 14.79 21.88 18.23
N ASN D 193 14.40 21.15 17.19
CA ASN D 193 14.53 19.68 17.15
C ASN D 193 13.87 19.05 18.36
N CYS D 194 12.61 19.43 18.60
CA CYS D 194 11.86 18.91 19.73
C CYS D 194 11.65 17.40 19.60
N GLY D 195 11.28 16.93 18.41
CA GLY D 195 10.92 15.56 18.21
C GLY D 195 9.47 15.22 18.50
N GLN D 196 8.73 16.09 19.20
CA GLN D 196 7.31 15.82 19.44
C GLN D 196 6.52 15.79 18.14
N CYS D 197 6.83 16.71 17.21
CA CYS D 197 6.13 16.74 15.93
C CYS D 197 6.32 15.44 15.17
N ILE D 198 7.48 14.81 15.33
CA ILE D 198 7.70 13.51 14.69
C ILE D 198 6.86 12.43 15.37
N ILE D 199 6.88 12.39 16.69
CA ILE D 199 6.28 11.27 17.39
C ILE D 199 4.75 11.31 17.31
N ASN D 200 4.15 12.50 17.21
CA ASN D 200 2.71 12.58 17.36
C ASN D 200 1.93 12.39 16.06
N CYS D 201 2.59 12.35 14.92
CA CYS D 201 1.86 12.37 13.65
C CYS D 201 1.29 11.00 13.33
N PRO D 202 -0.01 10.87 13.10
CA PRO D 202 -0.63 9.56 12.92
C PRO D 202 -0.65 9.04 11.49
N VAL D 203 0.22 9.51 10.60
CA VAL D 203 0.15 9.07 9.21
C VAL D 203 1.51 8.73 8.63
N GLY D 204 2.62 9.19 9.18
CA GLY D 204 3.90 8.93 8.58
C GLY D 204 4.38 9.95 7.59
N ALA D 205 3.81 11.16 7.61
CA ALA D 205 4.28 12.23 6.75
C ALA D 205 5.60 12.81 7.21
N LEU D 206 5.96 12.63 8.48
CA LEU D 206 7.17 13.18 9.05
C LEU D 206 8.10 12.05 9.47
N LYS D 207 9.40 12.24 9.29
CA LYS D 207 10.34 11.23 9.73
C LYS D 207 11.62 11.89 10.21
N GLU D 208 12.49 11.09 10.83
CA GLU D 208 13.78 11.58 11.29
C GLU D 208 14.84 11.32 10.23
N LYS D 209 15.95 12.04 10.34
CA LYS D 209 17.05 11.87 9.41
C LYS D 209 17.69 10.50 9.62
N SER D 210 17.82 9.73 8.55
CA SER D 210 18.30 8.36 8.62
C SER D 210 19.79 8.31 8.27
N ASP D 211 20.57 7.67 9.14
CA ASP D 211 21.99 7.50 8.93
C ASP D 211 22.41 6.04 9.08
N ILE D 212 21.48 5.11 8.90
CA ILE D 212 21.81 3.69 9.02
C ILE D 212 22.81 3.27 7.96
N GLN D 213 22.79 3.94 6.79
CA GLN D 213 23.78 3.64 5.76
C GLN D 213 25.19 3.99 6.24
N ARG D 214 25.34 5.13 6.90
CA ARG D 214 26.64 5.49 7.46
C ARG D 214 27.08 4.49 8.53
N VAL D 215 26.12 4.00 9.33
CA VAL D 215 26.43 3.01 10.35
C VAL D 215 26.95 1.72 9.71
N TRP D 216 26.26 1.25 8.67
CA TRP D 216 26.67 0.02 8.01
C TRP D 216 28.00 0.21 7.29
N ASP D 217 28.27 1.40 6.76
CA ASP D 217 29.58 1.68 6.20
C ASP D 217 30.66 1.62 7.27
N ALA D 218 30.39 2.20 8.44
CA ALA D 218 31.39 2.25 9.50
C ALA D 218 31.70 0.86 10.05
N ILE D 219 30.65 0.06 10.31
CA ILE D 219 30.87 -1.29 10.83
C ILE D 219 31.53 -2.19 9.79
N ALA D 220 31.37 -1.88 8.50
CA ALA D 220 31.99 -2.68 7.45
C ALA D 220 33.50 -2.51 7.40
N ASP D 221 34.06 -1.52 8.08
CA ASP D 221 35.48 -1.26 8.02
C ASP D 221 36.23 -2.13 9.02
N PRO D 222 37.10 -3.03 8.57
CA PRO D 222 37.94 -3.77 9.53
C PRO D 222 39.04 -2.92 10.13
N SER D 223 39.49 -1.89 9.41
CA SER D 223 40.54 -1.01 9.93
C SER D 223 40.02 -0.09 11.03
N LYS D 224 38.71 0.03 11.19
CA LYS D 224 38.10 0.87 12.21
C LYS D 224 37.41 0.00 13.24
N THR D 225 37.73 0.21 14.51
CA THR D 225 37.07 -0.49 15.60
C THR D 225 35.97 0.41 16.19
N VAL D 226 34.87 -0.22 16.56
CA VAL D 226 33.63 0.49 16.89
C VAL D 226 33.33 0.35 18.38
N ILE D 227 32.97 1.47 19.00
CA ILE D 227 32.54 1.52 20.39
C ILE D 227 31.13 2.09 20.42
N VAL D 228 30.18 1.32 20.95
CA VAL D 228 28.78 1.73 20.99
C VAL D 228 28.46 2.20 22.41
N GLN D 229 27.62 3.21 22.49
CA GLN D 229 27.31 3.91 23.74
C GLN D 229 25.82 3.82 23.98
N THR D 230 25.41 3.42 25.19
CA THR D 230 24.00 3.27 25.51
C THR D 230 23.56 4.28 26.55
N ALA D 231 22.39 4.85 26.34
CA ALA D 231 21.74 5.72 27.31
C ALA D 231 20.93 4.89 28.30
N PRO D 232 20.70 5.41 29.51
CA PRO D 232 19.92 4.65 30.50
C PRO D 232 18.45 4.51 30.14
N ALA D 233 17.92 5.36 29.26
CA ALA D 233 16.50 5.35 28.91
C ALA D 233 16.22 4.52 27.66
N VAL D 234 17.21 3.77 27.18
CA VAL D 234 17.00 2.94 25.99
C VAL D 234 16.10 1.77 26.32
N ARG D 235 16.33 1.10 27.44
CA ARG D 235 15.54 -0.06 27.82
C ARG D 235 14.22 0.31 28.47
N ALA D 236 13.92 1.61 28.57
CA ALA D 236 12.64 2.04 29.12
C ALA D 236 11.48 1.66 28.20
N ALA D 237 11.69 1.68 26.89
CA ALA D 237 10.60 1.43 25.96
C ALA D 237 10.98 0.55 24.78
N LEU D 238 12.17 -0.06 24.79
CA LEU D 238 12.57 -0.91 23.68
C LEU D 238 11.67 -2.14 23.56
N GLY D 239 11.32 -2.74 24.70
CA GLY D 239 10.54 -3.97 24.68
C GLY D 239 9.19 -3.84 23.99
N GLU D 240 8.62 -2.63 24.00
CA GLU D 240 7.35 -2.40 23.33
C GLU D 240 7.43 -2.70 21.84
N GLU D 241 8.62 -2.66 21.26
CA GLU D 241 8.73 -3.01 19.85
C GLU D 241 8.44 -4.48 19.61
N PHE D 242 8.85 -5.35 20.53
CA PHE D 242 8.76 -6.80 20.33
C PHE D 242 7.52 -7.41 20.95
N GLY D 243 6.49 -6.61 21.22
CA GLY D 243 5.27 -7.12 21.82
C GLY D 243 5.33 -7.35 23.31
N TYR D 244 6.43 -7.00 23.97
CA TYR D 244 6.54 -7.16 25.41
C TYR D 244 5.62 -6.15 26.11
N PRO D 245 5.15 -6.48 27.31
CA PRO D 245 4.35 -5.53 28.09
C PRO D 245 5.15 -4.30 28.47
N MET D 246 4.46 -3.34 29.07
CA MET D 246 5.09 -2.09 29.49
C MET D 246 6.01 -2.34 30.68
N GLY D 247 7.23 -1.80 30.60
CA GLY D 247 8.14 -1.87 31.72
C GLY D 247 9.01 -3.11 31.80
N THR D 248 9.49 -3.63 30.68
CA THR D 248 10.36 -4.80 30.66
C THR D 248 11.81 -4.38 30.45
N SER D 249 12.71 -4.93 31.26
CA SER D 249 14.13 -4.68 31.16
C SER D 249 14.80 -5.79 30.37
N VAL D 250 15.47 -5.43 29.28
CA VAL D 250 16.16 -6.39 28.42
C VAL D 250 17.64 -6.02 28.31
N THR D 251 18.20 -5.45 29.37
CA THR D 251 19.53 -4.84 29.31
C THR D 251 20.60 -5.85 28.92
N GLY D 252 20.67 -6.98 29.62
CA GLY D 252 21.58 -8.02 29.22
C GLY D 252 21.25 -8.61 27.87
N LYS D 253 19.96 -8.72 27.56
CA LYS D 253 19.54 -9.16 26.23
C LYS D 253 20.01 -8.18 25.17
N MET D 254 19.91 -6.88 25.47
CA MET D 254 20.42 -5.87 24.53
C MET D 254 21.92 -5.99 24.35
N ALA D 255 22.66 -6.22 25.44
CA ALA D 255 24.11 -6.38 25.31
C ALA D 255 24.46 -7.58 24.44
N ALA D 256 23.74 -8.70 24.64
CA ALA D 256 23.97 -9.88 23.81
C ALA D 256 23.65 -9.59 22.35
N ALA D 257 22.53 -8.91 22.09
CA ALA D 257 22.13 -8.61 20.72
C ALA D 257 23.15 -7.71 20.03
N LEU D 258 23.64 -6.70 20.75
CA LEU D 258 24.67 -5.81 20.20
C LEU D 258 25.95 -6.57 19.92
N ARG D 259 26.32 -7.51 20.79
CA ARG D 259 27.52 -8.31 20.54
C ARG D 259 27.34 -9.18 19.30
N ARG D 260 26.12 -9.69 19.07
CA ARG D 260 25.86 -10.44 17.85
C ARG D 260 25.92 -9.56 16.60
N LEU D 261 25.83 -8.25 16.75
CA LEU D 261 25.88 -7.33 15.61
C LEU D 261 27.29 -7.06 15.11
N GLY D 262 28.31 -7.47 15.85
CA GLY D 262 29.69 -7.23 15.44
C GLY D 262 30.32 -5.97 15.99
N PHE D 263 29.70 -5.31 16.97
CA PHE D 263 30.34 -4.20 17.64
C PHE D 263 31.49 -4.69 18.53
N ASP D 264 32.63 -4.01 18.44
CA ASP D 264 33.80 -4.41 19.20
C ASP D 264 33.65 -4.10 20.68
N LYS D 265 33.18 -2.89 21.00
CA LYS D 265 33.10 -2.48 22.40
C LYS D 265 31.70 -1.94 22.72
N VAL D 266 31.23 -2.22 23.93
CA VAL D 266 29.94 -1.71 24.41
C VAL D 266 30.20 -0.93 25.70
N PHE D 267 29.50 0.18 25.87
CA PHE D 267 29.70 0.99 27.07
C PHE D 267 28.42 1.71 27.47
N ASP D 268 28.32 1.99 28.76
CA ASP D 268 27.20 2.69 29.38
C ASP D 268 27.62 4.10 29.76
N THR D 269 26.75 5.07 29.48
CA THR D 269 27.08 6.47 29.68
C THR D 269 27.12 6.90 31.14
N ASP D 270 26.73 6.02 32.07
CA ASP D 270 26.63 6.40 33.48
C ASP D 270 27.94 6.90 34.05
N PHE D 271 29.07 6.38 33.55
CA PHE D 271 30.38 6.83 34.02
C PHE D 271 30.61 8.30 33.70
N GLY D 272 30.42 8.68 32.43
CA GLY D 272 30.56 10.07 32.05
C GLY D 272 29.52 10.96 32.70
N ALA D 273 28.33 10.43 32.92
CA ALA D 273 27.30 11.19 33.63
C ALA D 273 27.75 11.51 35.05
N ASP D 274 28.36 10.54 35.74
CA ASP D 274 28.88 10.77 37.07
C ASP D 274 29.99 11.83 37.05
N VAL D 275 30.87 11.76 36.04
CA VAL D 275 31.93 12.74 35.92
C VAL D 275 31.34 14.14 35.72
N CYS D 276 30.30 14.24 34.88
CA CYS D 276 29.65 15.52 34.65
C CYS D 276 29.00 16.05 35.93
N ILE D 277 28.41 15.15 36.73
CA ILE D 277 27.82 15.57 37.99
C ILE D 277 28.89 16.12 38.92
N MET D 278 30.05 15.48 38.98
CA MET D 278 31.16 16.03 39.76
C MET D 278 31.58 17.41 39.26
N GLU D 279 31.69 17.58 37.94
CA GLU D 279 32.10 18.87 37.41
C GLU D 279 31.08 19.95 37.73
N GLU D 280 29.79 19.63 37.60
CA GLU D 280 28.74 20.58 37.95
C GLU D 280 28.78 20.93 39.44
N GLY D 281 29.02 19.94 40.30
CA GLY D 281 29.13 20.23 41.72
C GLY D 281 30.35 21.05 42.09
N THR D 282 31.46 20.81 41.40
CA THR D 282 32.65 21.62 41.63
C THR D 282 32.41 23.06 41.19
N GLU D 283 31.69 23.24 40.08
CA GLU D 283 31.31 24.60 39.68
C GLU D 283 30.33 25.22 40.67
N LEU D 284 29.44 24.40 41.25
CA LEU D 284 28.60 24.86 42.35
C LEU D 284 29.44 25.44 43.48
N ILE D 285 30.42 24.67 43.95
CA ILE D 285 31.25 25.10 45.06
C ILE D 285 32.03 26.35 44.70
N GLY D 286 32.56 26.39 43.48
CA GLY D 286 33.31 27.56 43.04
C GLY D 286 32.46 28.81 42.99
N ARG D 287 31.27 28.71 42.40
CA ARG D 287 30.43 29.90 42.27
C ARG D 287 29.86 30.34 43.61
N VAL D 288 29.66 29.41 44.55
CA VAL D 288 29.33 29.81 45.91
C VAL D 288 30.50 30.55 46.54
N THR D 289 31.72 30.02 46.39
CA THR D 289 32.88 30.58 47.06
C THR D 289 33.48 31.78 46.34
N ASN D 290 33.11 32.02 45.08
CA ASN D 290 33.66 33.14 44.32
C ASN D 290 32.58 34.10 43.83
N GLY D 291 31.32 33.90 44.25
CA GLY D 291 30.24 34.75 43.79
C GLY D 291 29.98 34.66 42.30
N GLY D 292 29.91 33.44 41.78
CA GLY D 292 29.69 33.24 40.37
C GLY D 292 28.29 33.67 39.93
N VAL D 293 28.07 33.63 38.62
CA VAL D 293 26.80 34.04 38.06
C VAL D 293 25.71 33.09 38.50
N LEU D 294 24.61 33.64 38.99
CA LEU D 294 23.49 32.86 39.49
C LEU D 294 22.21 33.31 38.81
N PRO D 295 21.22 32.40 38.65
CA PRO D 295 21.21 30.97 39.00
C PRO D 295 22.02 30.08 38.07
N MET D 296 22.27 28.85 38.54
CA MET D 296 22.91 27.82 37.74
C MET D 296 21.89 27.03 36.94
N ILE D 297 22.24 26.76 35.68
CA ILE D 297 21.48 25.84 34.83
C ILE D 297 22.46 24.85 34.23
N THR D 298 21.92 23.70 33.81
CA THR D 298 22.74 22.65 33.23
C THR D 298 23.14 23.00 31.80
N SER D 299 23.77 22.04 31.14
CA SER D 299 24.02 22.10 29.71
C SER D 299 23.82 20.73 29.10
N CYS D 300 22.79 20.01 29.56
CA CYS D 300 22.67 18.58 29.25
C CYS D 300 21.97 18.36 27.92
N SER D 301 20.73 18.79 27.81
CA SER D 301 19.96 18.49 26.61
C SER D 301 20.26 19.52 25.53
N PRO D 302 20.65 19.09 24.33
CA PRO D 302 20.93 20.06 23.25
C PRO D 302 19.73 20.90 22.86
N GLY D 303 18.51 20.37 23.01
CA GLY D 303 17.35 21.08 22.52
C GLY D 303 17.13 22.42 23.19
N TRP D 304 17.10 22.43 24.53
CA TRP D 304 16.71 23.67 25.19
C TRP D 304 17.83 24.69 25.10
N ILE D 305 19.08 24.24 25.11
CA ILE D 305 20.19 25.18 24.97
C ILE D 305 20.24 25.74 23.55
N LYS D 306 19.85 24.94 22.56
CA LYS D 306 19.62 25.48 21.23
C LYS D 306 18.56 26.56 21.26
N PHE D 307 17.48 26.31 21.99
CA PHE D 307 16.42 27.31 22.14
C PHE D 307 16.94 28.58 22.80
N ILE D 308 17.75 28.43 23.85
CA ILE D 308 18.24 29.60 24.59
C ILE D 308 19.17 30.42 23.72
N GLU D 309 20.13 29.78 23.06
CA GLU D 309 21.05 30.55 22.23
C GLU D 309 20.35 31.16 21.03
N THR D 310 19.29 30.51 20.53
CA THR D 310 18.58 31.04 19.38
C THR D 310 17.71 32.23 19.76
N TYR D 311 17.02 32.16 20.89
CA TYR D 311 16.02 33.16 21.24
C TYR D 311 16.46 34.12 22.34
N TYR D 312 17.18 33.65 23.35
CA TYR D 312 17.49 34.45 24.54
C TYR D 312 18.99 34.44 24.78
N PRO D 313 19.74 35.28 24.07
CA PRO D 313 21.19 35.33 24.27
C PRO D 313 21.60 35.86 25.64
N GLU D 314 20.69 36.51 26.37
CA GLU D 314 21.03 37.11 27.65
C GLU D 314 21.32 36.09 28.75
N ALA D 315 21.02 34.82 28.51
CA ALA D 315 21.20 33.78 29.53
C ALA D 315 22.53 33.04 29.41
N ILE D 316 23.40 33.47 28.49
CA ILE D 316 24.70 32.80 28.34
C ILE D 316 25.56 32.86 29.61
N PRO D 317 25.70 33.99 30.31
CA PRO D 317 26.52 33.98 31.53
C PRO D 317 26.02 33.04 32.62
N HIS D 318 24.73 32.72 32.62
CA HIS D 318 24.15 31.82 33.62
C HIS D 318 24.34 30.36 33.27
N LEU D 319 24.88 30.06 32.10
CA LEU D 319 25.00 28.70 31.62
C LEU D 319 26.31 28.07 32.11
N SER D 320 26.34 26.74 32.09
CA SER D 320 27.47 25.97 32.57
C SER D 320 28.30 25.47 31.39
N SER D 321 29.62 25.60 31.51
CA SER D 321 30.53 25.27 30.42
C SER D 321 30.66 23.78 30.16
N CYS D 322 30.13 22.93 31.03
CA CYS D 322 30.28 21.49 30.87
C CYS D 322 29.52 20.99 29.65
N LYS D 323 30.05 19.92 29.05
CA LYS D 323 29.44 19.31 27.88
C LYS D 323 28.49 18.19 28.32
N SER D 324 27.76 17.63 27.35
CA SER D 324 26.79 16.60 27.65
C SER D 324 27.50 15.30 28.05
N PRO D 325 26.86 14.47 28.89
CA PRO D 325 27.53 13.25 29.35
C PRO D 325 27.95 12.31 28.23
N GLN D 326 27.15 12.19 27.17
CA GLN D 326 27.58 11.37 26.04
C GLN D 326 28.78 12.01 25.35
N ASN D 327 28.82 13.34 25.28
CA ASN D 327 29.95 14.01 24.65
C ASN D 327 31.22 13.86 25.49
N ILE D 328 31.09 13.99 26.81
CA ILE D 328 32.24 13.81 27.69
C ILE D 328 32.76 12.39 27.62
N THR D 329 31.86 11.40 27.62
CA THR D 329 32.30 10.01 27.51
C THR D 329 32.98 9.77 26.16
N GLY D 330 32.43 10.33 25.08
CA GLY D 330 33.06 10.18 23.79
C GLY D 330 34.46 10.76 23.75
N ALA D 331 34.64 11.95 24.32
CA ALA D 331 35.98 12.53 24.39
C ALA D 331 36.91 11.69 25.24
N LEU D 332 36.40 11.14 26.34
CA LEU D 332 37.23 10.30 27.22
C LEU D 332 37.70 9.05 26.49
N LEU D 333 36.79 8.41 25.74
CA LEU D 333 37.21 7.28 24.91
C LEU D 333 38.16 7.71 23.80
N LYS D 334 37.99 8.93 23.28
CA LYS D 334 38.88 9.40 22.23
C LYS D 334 40.28 9.70 22.74
N ASN D 335 40.44 10.01 24.03
CA ASN D 335 41.75 10.38 24.53
C ASN D 335 42.36 9.35 25.47
N HIS D 336 41.70 9.03 26.58
CA HIS D 336 42.33 8.20 27.60
C HIS D 336 42.38 6.74 27.17
N TYR D 337 41.29 6.24 26.61
CA TYR D 337 41.27 4.87 26.10
C TYR D 337 42.25 4.70 24.94
N ALA D 338 42.36 5.72 24.10
CA ALA D 338 43.34 5.69 23.01
C ALA D 338 44.76 5.66 23.55
N GLN D 339 45.03 6.45 24.61
CA GLN D 339 46.35 6.43 25.23
C GLN D 339 46.67 5.06 25.82
N THR D 340 45.72 4.46 26.53
CA THR D 340 45.96 3.15 27.13
C THR D 340 46.15 2.08 26.05
N ASN D 341 45.34 2.12 24.99
CA ASN D 341 45.36 1.11 23.96
C ASN D 341 46.37 1.40 22.86
N ASN D 342 46.98 2.58 22.84
CA ASN D 342 48.01 2.97 21.87
C ASN D 342 47.52 2.82 20.42
N ILE D 343 46.28 3.23 20.18
CA ILE D 343 45.66 3.13 18.87
C ILE D 343 45.34 4.55 18.41
N ASP D 344 45.58 4.81 17.12
CA ASP D 344 45.46 6.16 16.57
C ASP D 344 44.03 6.67 16.74
N PRO D 345 43.85 7.91 17.22
CA PRO D 345 42.48 8.38 17.54
C PRO D 345 41.52 8.35 16.37
N LYS D 346 41.99 8.59 15.15
CA LYS D 346 41.11 8.47 13.99
C LYS D 346 40.73 7.03 13.68
N ASP D 347 41.38 6.05 14.28
CA ASP D 347 41.09 4.66 13.99
C ASP D 347 39.93 4.10 14.82
N MET D 348 39.36 4.89 15.72
CA MET D 348 38.15 4.50 16.43
C MET D 348 36.94 5.18 15.81
N VAL D 349 35.82 4.46 15.79
CA VAL D 349 34.52 5.03 15.46
C VAL D 349 33.60 4.79 16.65
N VAL D 350 32.99 5.86 17.14
CA VAL D 350 32.13 5.81 18.32
C VAL D 350 30.72 6.14 17.87
N VAL D 351 29.78 5.25 18.20
CA VAL D 351 28.37 5.45 17.87
C VAL D 351 27.59 5.51 19.17
N SER D 352 26.59 6.38 19.21
CA SER D 352 25.82 6.65 20.41
C SER D 352 24.34 6.37 20.18
N ILE D 353 23.66 5.89 21.22
CA ILE D 353 22.25 5.53 21.11
C ILE D 353 21.45 6.52 21.93
N MET D 354 21.00 7.58 21.32
CA MET D 354 20.35 8.58 22.15
C MET D 354 18.86 8.63 21.90
N PRO D 355 18.05 8.86 22.93
CA PRO D 355 16.62 9.10 22.70
C PRO D 355 16.32 10.52 22.24
N CYS D 356 17.23 11.46 22.44
CA CYS D 356 17.06 12.77 21.82
C CYS D 356 17.20 12.63 20.32
N THR D 357 16.56 13.53 19.58
CA THR D 357 16.93 13.75 18.20
C THR D 357 17.82 14.98 18.02
N ALA D 358 17.87 15.85 19.03
CA ALA D 358 18.71 17.04 18.94
C ALA D 358 20.19 16.69 18.88
N LYS D 359 20.57 15.49 19.31
CA LYS D 359 21.96 15.08 19.21
C LYS D 359 22.42 14.98 17.75
N LYS D 360 21.48 14.78 16.83
CA LYS D 360 21.84 14.77 15.41
C LYS D 360 22.35 16.13 14.97
N TYR D 361 21.69 17.21 15.40
CA TYR D 361 22.23 18.54 15.16
C TYR D 361 23.46 18.80 16.02
N GLU D 362 23.49 18.25 17.23
CA GLU D 362 24.57 18.52 18.18
C GLU D 362 25.91 18.01 17.66
N VAL D 363 25.92 16.79 17.09
CA VAL D 363 27.17 16.25 16.57
C VAL D 363 27.62 17.02 15.33
N GLN D 364 26.69 17.60 14.58
CA GLN D 364 27.04 18.41 13.43
C GLN D 364 27.70 19.72 13.82
N ARG D 365 27.66 20.12 15.09
CA ARG D 365 28.30 21.34 15.53
C ARG D 365 29.81 21.21 15.43
N GLU D 366 30.45 22.22 14.82
CA GLU D 366 31.89 22.16 14.60
C GLU D 366 32.67 22.39 15.88
N GLU D 367 32.11 23.13 16.84
CA GLU D 367 32.85 23.46 18.06
C GLU D 367 33.01 22.26 18.99
N LEU D 368 32.21 21.21 18.83
CA LEU D 368 32.25 20.07 19.75
C LEU D 368 33.25 19.02 19.28
N CYS D 369 34.49 19.46 19.08
CA CYS D 369 35.58 18.60 18.68
C CYS D 369 36.78 18.87 19.57
N THR D 370 37.54 17.80 19.85
CA THR D 370 38.70 17.87 20.72
C THR D 370 39.95 17.57 19.92
N ASP D 371 40.91 18.50 19.95
CA ASP D 371 42.19 18.38 19.26
C ASP D 371 42.02 18.14 17.76
N GLY D 372 40.95 18.70 17.18
CA GLY D 372 40.65 18.46 15.79
C GLY D 372 40.11 17.09 15.48
N ASN D 373 39.75 16.31 16.50
CA ASN D 373 39.26 14.96 16.34
C ASN D 373 37.78 14.91 16.71
N ALA D 374 37.00 14.15 15.95
CA ALA D 374 35.58 14.01 16.22
C ALA D 374 35.39 13.18 17.48
N ASP D 375 34.71 13.76 18.47
CA ASP D 375 34.47 13.05 19.73
C ASP D 375 33.58 11.84 19.52
N VAL D 376 32.45 12.02 18.84
CA VAL D 376 31.56 10.94 18.45
C VAL D 376 31.22 11.14 16.98
N ASP D 377 30.96 10.03 16.28
CA ASP D 377 30.80 10.07 14.84
C ASP D 377 29.35 10.00 14.40
N ILE D 378 28.60 9.01 14.87
CA ILE D 378 27.24 8.77 14.40
C ILE D 378 26.34 8.60 15.62
N SER D 379 25.16 9.23 15.56
CA SER D 379 24.14 9.05 16.58
C SER D 379 22.85 8.56 15.91
N ILE D 380 22.21 7.56 16.50
CA ILE D 380 20.97 7.01 15.97
C ILE D 380 19.97 6.89 17.11
N THR D 381 18.69 6.99 16.74
CA THR D 381 17.60 6.92 17.70
C THR D 381 17.26 5.47 18.05
N THR D 382 16.36 5.30 19.00
CA THR D 382 15.92 3.96 19.39
C THR D 382 15.12 3.29 18.29
N ARG D 383 14.26 4.04 17.59
CA ARG D 383 13.42 3.45 16.56
C ARG D 383 14.25 2.86 15.43
N GLU D 384 15.24 3.61 14.95
CA GLU D 384 16.06 3.07 13.88
C GLU D 384 17.06 2.03 14.38
N LEU D 385 17.39 2.02 15.67
CA LEU D 385 18.05 0.86 16.24
C LEU D 385 17.17 -0.37 16.15
N ALA D 386 15.87 -0.22 16.44
CA ALA D 386 14.95 -1.34 16.32
C ALA D 386 14.86 -1.80 14.87
N ARG D 387 14.84 -0.86 13.93
CA ARG D 387 14.81 -1.23 12.52
C ARG D 387 16.09 -1.98 12.12
N MET D 388 17.24 -1.51 12.57
CA MET D 388 18.49 -2.17 12.18
C MET D 388 18.61 -3.55 12.82
N ILE D 389 18.10 -3.72 14.04
CA ILE D 389 18.17 -5.05 14.66
C ILE D 389 17.12 -5.97 14.05
N LYS D 390 15.99 -5.42 13.60
CA LYS D 390 14.99 -6.25 12.94
C LYS D 390 15.50 -6.75 11.60
N GLU D 391 16.16 -5.88 10.82
CA GLU D 391 16.73 -6.37 9.57
C GLU D 391 17.98 -7.22 9.83
N ALA D 392 18.62 -7.02 10.98
CA ALA D 392 19.65 -7.97 11.42
C ALA D 392 19.04 -9.32 11.77
N ARG D 393 17.80 -9.31 12.28
CA ARG D 393 16.93 -10.46 12.44
C ARG D 393 17.59 -11.59 13.26
N ILE D 394 17.80 -11.26 14.52
CA ILE D 394 18.02 -12.25 15.57
C ILE D 394 16.77 -12.28 16.43
N LEU D 395 16.37 -13.47 16.85
CA LEU D 395 15.13 -13.62 17.61
C LEU D 395 15.31 -13.08 19.02
N PHE D 396 14.95 -11.81 19.21
CA PHE D 396 15.34 -11.08 20.41
C PHE D 396 14.69 -11.63 21.68
N ASN D 397 13.55 -12.30 21.56
CA ASN D 397 12.80 -12.74 22.73
C ASN D 397 13.44 -13.92 23.47
N LYS D 398 14.48 -14.57 22.93
CA LYS D 398 15.13 -15.65 23.65
C LYS D 398 16.61 -15.37 23.94
N LEU D 399 17.01 -14.12 23.96
CA LEU D 399 18.42 -13.86 24.24
C LEU D 399 18.72 -13.99 25.73
N PRO D 400 19.89 -14.54 26.09
CA PRO D 400 20.36 -14.46 27.47
C PRO D 400 20.96 -13.11 27.79
N ASP D 401 21.51 -12.94 29.01
CA ASP D 401 21.97 -11.66 29.49
C ASP D 401 23.50 -11.58 29.47
N GLU D 402 24.02 -10.36 29.32
CA GLU D 402 25.45 -10.11 29.29
C GLU D 402 25.76 -8.84 30.08
N ASP D 403 27.03 -8.70 30.44
CA ASP D 403 27.51 -7.59 31.25
C ASP D 403 28.26 -6.59 30.37
N PHE D 404 28.61 -5.44 30.96
CA PHE D 404 29.29 -4.37 30.25
C PHE D 404 30.76 -4.31 30.62
N ASP D 405 31.54 -3.68 29.75
CA ASP D 405 33.00 -3.75 29.81
C ASP D 405 33.55 -2.66 30.73
N ASP D 406 34.75 -2.90 31.25
CA ASP D 406 35.38 -2.02 32.23
C ASP D 406 36.17 -0.91 31.53
N TYR D 407 36.38 0.21 32.21
CA TYR D 407 35.85 0.51 33.54
C TYR D 407 34.64 1.41 33.39
N TYR D 408 34.25 1.62 32.13
CA TYR D 408 33.33 2.68 31.77
C TYR D 408 31.91 2.17 31.51
N GLY D 409 31.65 0.91 31.84
CA GLY D 409 30.31 0.36 31.82
C GLY D 409 29.64 0.24 33.18
N GLU D 410 30.37 0.51 34.26
CA GLU D 410 29.80 0.42 35.60
C GLU D 410 28.77 1.52 35.81
N SER D 411 27.80 1.22 36.67
CA SER D 411 26.62 2.08 36.83
C SER D 411 26.34 2.32 38.30
N THR D 412 25.72 3.47 38.58
CA THR D 412 25.21 3.80 39.90
C THR D 412 23.77 4.28 39.76
N GLY D 413 22.98 4.09 40.82
CA GLY D 413 21.60 4.52 40.80
C GLY D 413 21.46 6.03 40.62
N ALA D 414 22.39 6.79 41.19
CA ALA D 414 22.44 8.23 40.97
C ALA D 414 22.62 8.57 39.49
N ALA D 415 23.22 7.67 38.71
CA ALA D 415 23.28 7.82 37.27
C ALA D 415 22.19 7.04 36.55
N VAL D 416 21.55 6.06 37.22
CA VAL D 416 20.38 5.41 36.64
C VAL D 416 19.24 6.39 36.53
N ILE D 417 19.09 7.28 37.51
CA ILE D 417 17.99 8.25 37.54
C ILE D 417 18.20 9.37 36.54
N PHE D 418 19.23 9.26 35.69
CA PHE D 418 19.54 10.29 34.71
C PHE D 418 18.37 10.52 33.74
N GLY D 419 17.78 9.44 33.23
CA GLY D 419 16.70 9.57 32.26
C GLY D 419 15.42 10.12 32.87
N ALA D 420 15.12 9.75 34.11
CA ALA D 420 13.89 10.19 34.76
C ALA D 420 13.93 11.69 35.01
N THR D 421 12.75 12.24 35.35
CA THR D 421 12.62 13.67 35.54
C THR D 421 13.27 14.10 36.85
N GLY D 422 14.31 14.92 36.76
CA GLY D 422 14.94 15.50 37.93
C GLY D 422 16.06 14.68 38.55
N GLY D 423 16.34 13.49 38.04
CA GLY D 423 17.33 12.63 38.67
C GLY D 423 18.73 13.19 38.64
N VAL D 424 19.07 13.94 37.59
CA VAL D 424 20.40 14.52 37.48
C VAL D 424 20.66 15.47 38.63
N MET D 425 19.71 16.38 38.86
CA MET D 425 19.80 17.36 39.93
C MET D 425 19.69 16.69 41.29
N GLU D 426 18.87 15.63 41.38
CA GLU D 426 18.80 14.82 42.59
C GLU D 426 20.18 14.29 42.97
N ALA D 427 20.86 13.66 42.01
CA ALA D 427 22.20 13.12 42.26
C ALA D 427 23.17 14.24 42.59
N ALA D 428 23.05 15.38 41.91
CA ALA D 428 23.95 16.50 42.16
C ALA D 428 23.84 16.99 43.59
N VAL D 429 22.61 17.22 44.08
CA VAL D 429 22.45 17.73 45.43
C VAL D 429 22.82 16.66 46.46
N ARG D 430 22.49 15.39 46.19
CA ARG D 430 22.90 14.31 47.09
C ARG D 430 24.41 14.26 47.23
N THR D 431 25.13 14.32 46.10
CA THR D 431 26.57 14.19 46.13
C THR D 431 27.23 15.42 46.76
N VAL D 432 26.72 16.62 46.47
CA VAL D 432 27.34 17.80 47.08
C VAL D 432 27.08 17.83 48.58
N ALA D 433 25.90 17.36 49.02
CA ALA D 433 25.66 17.27 50.45
C ALA D 433 26.59 16.24 51.10
N ASP D 434 26.81 15.11 50.43
CA ASP D 434 27.75 14.11 50.93
C ASP D 434 29.15 14.70 51.04
N VAL D 435 29.57 15.47 50.04
CA VAL D 435 30.92 16.02 50.02
C VAL D 435 31.09 17.06 51.12
N LEU D 436 30.13 17.99 51.24
CA LEU D 436 30.34 19.18 52.04
C LEU D 436 29.89 19.02 53.48
N ASN D 437 28.80 18.28 53.72
CA ASN D 437 28.25 18.16 55.07
C ASN D 437 28.05 16.72 55.52
N LYS D 438 28.42 15.73 54.70
CA LYS D 438 28.18 14.31 54.98
C LYS D 438 26.71 14.04 55.26
N LYS D 439 25.83 14.69 54.48
CA LYS D 439 24.39 14.56 54.69
C LYS D 439 23.85 13.48 53.77
N ASP D 440 23.06 12.57 54.34
CA ASP D 440 22.54 11.40 53.63
C ASP D 440 21.06 11.62 53.33
N ILE D 441 20.76 12.02 52.10
CA ILE D 441 19.40 12.21 51.64
C ILE D 441 19.14 11.28 50.46
N GLN D 442 17.95 10.72 50.41
CA GLN D 442 17.54 9.85 49.32
C GLN D 442 16.48 10.47 48.42
N GLU D 443 15.59 11.30 48.97
CA GLU D 443 14.56 11.94 48.16
C GLU D 443 14.23 13.29 48.79
N ILE D 444 13.81 14.23 47.93
CA ILE D 444 13.53 15.60 48.31
C ILE D 444 12.08 15.92 48.00
N ASP D 445 11.38 16.47 48.99
CA ASP D 445 10.00 16.89 48.79
C ASP D 445 9.93 18.04 47.79
N TYR D 446 8.95 17.99 46.89
CA TYR D 446 8.80 18.95 45.82
C TYR D 446 7.51 19.74 45.97
N GLN D 447 7.58 21.04 45.72
CA GLN D 447 6.44 21.94 45.77
C GLN D 447 5.84 22.05 44.37
N ILE D 448 4.60 21.62 44.21
CA ILE D 448 3.89 21.76 42.94
C ILE D 448 3.26 23.14 42.87
N VAL D 449 3.65 23.93 41.87
CA VAL D 449 3.13 25.29 41.74
C VAL D 449 1.69 25.22 41.24
N ARG D 450 0.82 26.00 41.87
CA ARG D 450 -0.61 25.98 41.53
C ARG D 450 -0.86 26.59 40.16
N GLY D 451 -1.65 25.88 39.35
CA GLY D 451 -2.07 26.36 38.06
C GLY D 451 -1.22 25.91 36.89
N VAL D 452 0.03 25.52 37.14
CA VAL D 452 0.92 25.03 36.10
C VAL D 452 1.46 23.68 36.56
N ASP D 453 1.19 22.64 35.80
CA ASP D 453 1.67 21.30 36.10
C ASP D 453 2.89 20.99 35.24
N GLY D 454 3.90 20.39 35.84
CA GLY D 454 5.18 20.20 35.22
C GLY D 454 6.28 21.13 35.71
N ILE D 455 5.91 22.23 36.35
CA ILE D 455 6.87 23.08 37.04
C ILE D 455 6.96 22.64 38.50
N LYS D 456 8.18 22.48 38.98
CA LYS D 456 8.40 21.76 40.22
C LYS D 456 9.52 22.44 41.01
N LYS D 457 9.26 22.68 42.29
CA LYS D 457 10.11 23.48 43.15
C LYS D 457 10.43 22.73 44.44
N ALA D 458 11.64 22.95 44.96
CA ALA D 458 12.07 22.36 46.22
C ALA D 458 13.12 23.25 46.86
N SER D 459 13.26 23.14 48.18
CA SER D 459 14.35 23.81 48.90
C SER D 459 14.59 23.04 50.20
N VAL D 460 15.66 22.25 50.22
CA VAL D 460 16.09 21.50 51.40
C VAL D 460 17.47 21.96 51.79
N GLU D 461 17.72 21.97 53.10
CA GLU D 461 18.97 22.43 53.69
C GLU D 461 20.11 21.52 53.26
N VAL D 462 20.91 22.00 52.30
CA VAL D 462 22.11 21.27 51.90
C VAL D 462 23.14 21.29 53.03
N THR D 463 23.40 22.48 53.56
CA THR D 463 24.20 22.68 54.76
C THR D 463 23.44 23.65 55.64
N PRO D 464 23.65 23.61 56.96
CA PRO D 464 22.98 24.58 57.83
C PRO D 464 23.30 26.03 57.51
N ASP D 465 24.43 26.29 56.86
CA ASP D 465 24.77 27.63 56.42
C ASP D 465 24.35 27.94 54.99
N LEU D 466 23.85 26.96 54.24
CA LEU D 466 23.50 27.18 52.84
C LEU D 466 22.39 26.22 52.43
N THR D 467 21.22 26.77 52.15
CA THR D 467 20.10 26.02 51.57
C THR D 467 19.98 26.41 50.10
N VAL D 468 19.98 25.40 49.23
CA VAL D 468 20.03 25.62 47.79
C VAL D 468 18.62 25.55 47.22
N ASN D 469 18.23 26.59 46.49
CA ASN D 469 16.91 26.64 45.88
C ASN D 469 16.87 25.82 44.60
N LEU D 470 15.80 25.05 44.45
CA LEU D 470 15.76 23.96 43.49
C LEU D 470 14.49 24.06 42.65
N VAL D 471 14.65 24.09 41.31
CA VAL D 471 13.52 24.13 40.39
C VAL D 471 13.81 23.18 39.23
N VAL D 472 12.80 22.39 38.85
CA VAL D 472 12.88 21.47 37.72
C VAL D 472 11.79 21.85 36.72
N ALA D 473 12.14 21.93 35.44
CA ALA D 473 11.18 22.30 34.41
C ALA D 473 11.30 21.37 33.20
N HIS D 474 10.16 20.92 32.70
CA HIS D 474 10.07 20.11 31.50
C HIS D 474 8.83 20.52 30.73
N GLY D 475 9.00 20.80 29.45
CA GLY D 475 7.90 21.30 28.62
C GLY D 475 8.28 22.68 28.10
N GLY D 476 8.13 22.85 26.79
CA GLY D 476 8.56 24.09 26.15
C GLY D 476 7.84 25.30 26.68
N ALA D 477 6.54 25.19 26.93
CA ALA D 477 5.80 26.29 27.54
C ALA D 477 6.31 26.60 28.93
N ASN D 478 6.64 25.56 29.70
CA ASN D 478 7.22 25.76 31.02
C ASN D 478 8.59 26.40 30.94
N ILE D 479 9.39 26.00 29.94
CA ILE D 479 10.69 26.65 29.72
C ILE D 479 10.50 28.13 29.42
N ARG D 480 9.52 28.44 28.56
CA ARG D 480 9.24 29.84 28.22
C ARG D 480 8.82 30.61 29.45
N GLU D 481 7.97 30.02 30.29
CA GLU D 481 7.48 30.69 31.48
C GLU D 481 8.62 30.96 32.46
N VAL D 482 9.46 29.96 32.71
CA VAL D 482 10.54 30.14 33.69
C VAL D 482 11.60 31.08 33.14
N MET D 483 11.82 31.07 31.82
CA MET D 483 12.77 32.02 31.23
C MET D 483 12.25 33.45 31.32
N GLU D 484 10.94 33.64 31.09
CA GLU D 484 10.37 34.97 31.26
C GLU D 484 10.47 35.44 32.70
N GLN D 485 10.22 34.54 33.65
CA GLN D 485 10.36 34.90 35.07
C GLN D 485 11.81 35.22 35.41
N LEU D 486 12.75 34.48 34.83
CA LEU D 486 14.18 34.74 35.05
C LEU D 486 14.57 36.10 34.51
N LYS D 487 14.08 36.45 33.31
CA LYS D 487 14.34 37.77 32.75
C LYS D 487 13.73 38.86 33.61
N ALA D 488 12.54 38.61 34.15
CA ALA D 488 11.93 39.54 35.09
C ALA D 488 12.68 39.64 36.41
N GLY D 489 13.55 38.67 36.72
CA GLY D 489 14.34 38.73 37.92
C GLY D 489 13.69 38.17 39.17
N GLU D 490 12.55 37.50 39.04
CA GLU D 490 11.89 36.93 40.22
C GLU D 490 12.65 35.76 40.81
N LEU D 491 13.52 35.12 40.04
CA LEU D 491 14.27 33.94 40.49
C LEU D 491 15.69 34.29 40.89
N ALA D 492 15.89 35.47 41.49
CA ALA D 492 17.21 35.86 41.94
C ALA D 492 17.71 34.94 43.05
N ASP D 493 16.82 34.55 43.97
CA ASP D 493 17.20 33.67 45.06
C ASP D 493 17.44 32.24 44.62
N THR D 494 16.95 31.87 43.43
CA THR D 494 17.07 30.50 42.96
C THR D 494 18.52 30.16 42.60
N HIS D 495 18.90 28.91 42.81
CA HIS D 495 20.23 28.42 42.43
C HIS D 495 20.20 27.45 41.27
N PHE D 496 19.49 26.33 41.39
CA PHE D 496 19.44 25.35 40.31
C PHE D 496 18.10 25.32 39.61
N ILE D 497 18.14 25.27 38.28
CA ILE D 497 16.97 24.94 37.47
C ILE D 497 17.41 23.90 36.45
N GLU D 498 16.67 22.80 36.38
CA GLU D 498 16.81 21.84 35.29
C GLU D 498 15.87 22.24 34.17
N LEU D 499 16.36 22.14 32.94
CA LEU D 499 15.53 22.39 31.75
C LEU D 499 15.61 21.16 30.87
N MET D 500 14.48 20.48 30.71
CA MET D 500 14.37 19.41 29.72
C MET D 500 13.36 19.85 28.67
N ALA D 501 13.80 19.91 27.42
CA ALA D 501 12.96 20.46 26.36
C ALA D 501 11.73 19.59 26.10
N CYS D 502 11.93 18.29 25.91
CA CYS D 502 10.80 17.40 25.76
C CYS D 502 10.05 17.27 27.08
N PRO D 503 8.72 17.39 27.08
CA PRO D 503 7.97 17.29 28.34
C PRO D 503 8.10 15.91 28.96
N GLY D 504 8.16 15.87 30.28
CA GLY D 504 8.24 14.63 31.00
C GLY D 504 9.62 13.99 31.05
N GLY D 505 10.63 14.66 30.52
CA GLY D 505 11.97 14.12 30.51
C GLY D 505 12.24 13.21 29.33
N CYS D 506 13.51 12.80 29.20
CA CYS D 506 13.96 12.09 28.02
C CYS D 506 13.28 10.73 27.85
N VAL D 507 12.64 10.20 28.89
CA VAL D 507 11.86 8.99 28.74
C VAL D 507 10.70 9.23 27.79
N ASN D 508 10.27 10.48 27.63
CA ASN D 508 9.25 10.86 26.67
C ASN D 508 9.85 11.57 25.46
N GLY D 509 11.05 11.16 25.05
CA GLY D 509 11.77 11.87 24.01
C GLY D 509 11.32 11.50 22.61
N GLY D 510 11.89 12.22 21.64
CA GLY D 510 11.52 11.99 20.25
C GLY D 510 12.02 10.68 19.70
N GLY D 511 13.08 10.13 20.29
CA GLY D 511 13.58 8.85 19.82
C GLY D 511 12.83 7.64 20.33
N GLN D 512 11.90 7.83 21.26
CA GLN D 512 11.16 6.70 21.79
C GLN D 512 10.22 6.13 20.74
N PRO D 513 9.87 4.84 20.85
CA PRO D 513 9.03 4.22 19.82
C PRO D 513 7.64 4.82 19.78
N ILE D 514 7.04 4.75 18.60
CA ILE D 514 5.73 5.35 18.36
C ILE D 514 4.66 4.58 19.11
N VAL D 515 3.72 5.30 19.71
CA VAL D 515 2.54 4.69 20.33
C VAL D 515 1.30 5.39 19.78
N SER D 516 0.18 4.70 19.87
CA SER D 516 -1.07 5.20 19.33
C SER D 516 -1.86 5.92 20.40
N ALA D 517 -2.89 6.65 19.97
CA ALA D 517 -3.70 7.42 20.90
C ALA D 517 -4.46 6.53 21.87
N LYS D 518 -4.78 5.30 21.46
CA LYS D 518 -5.42 4.35 22.36
C LYS D 518 -4.54 4.07 23.57
N ASP D 519 -3.23 3.98 23.36
CA ASP D 519 -2.32 3.86 24.50
C ASP D 519 -2.34 5.12 25.36
N LYS D 520 -2.48 6.28 24.72
CA LYS D 520 -2.32 7.54 25.45
C LYS D 520 -3.53 7.88 26.29
N MET D 521 -4.73 7.44 25.89
CA MET D 521 -5.93 7.81 26.63
C MET D 521 -5.98 7.16 28.01
N ASP D 522 -5.72 5.85 28.09
CA ASP D 522 -5.96 5.15 29.34
C ASP D 522 -4.78 5.27 30.31
N ILE D 523 -3.56 5.12 29.83
CA ILE D 523 -2.37 5.09 30.67
C ILE D 523 -1.33 6.06 30.10
N ASP D 524 -0.62 6.75 31.00
CA ASP D 524 0.50 7.57 30.59
C ASP D 524 1.73 6.68 30.46
N ILE D 525 2.30 6.63 29.25
CA ILE D 525 3.51 5.84 29.04
C ILE D 525 4.67 6.43 29.84
N ARG D 526 4.65 7.74 30.09
CA ARG D 526 5.64 8.33 30.97
C ARG D 526 5.60 7.69 32.35
N THR D 527 4.40 7.46 32.88
CA THR D 527 4.26 6.91 34.22
C THR D 527 4.86 5.51 34.31
N GLU D 528 4.55 4.64 33.34
CA GLU D 528 5.07 3.28 33.38
C GLU D 528 6.56 3.25 33.14
N ARG D 529 7.06 4.11 32.25
CA ARG D 529 8.50 4.19 32.03
C ARG D 529 9.23 4.66 33.28
N ALA D 530 8.68 5.65 33.97
CA ALA D 530 9.28 6.13 35.21
C ALA D 530 9.24 5.06 36.29
N LYS D 531 8.15 4.30 36.38
CA LYS D 531 8.09 3.21 37.35
C LYS D 531 9.13 2.14 37.05
N ALA D 532 9.30 1.80 35.77
CA ALA D 532 10.31 0.81 35.40
C ALA D 532 11.71 1.31 35.75
N LEU D 533 12.00 2.58 35.46
CA LEU D 533 13.32 3.12 35.75
C LEU D 533 13.56 3.19 37.26
N TYR D 534 12.54 3.57 38.03
CA TYR D 534 12.70 3.66 39.47
C TYR D 534 12.85 2.29 40.12
N ASP D 535 12.14 1.28 39.60
CA ASP D 535 12.33 -0.08 40.08
C ASP D 535 13.74 -0.57 39.75
N GLU D 536 14.26 -0.22 38.58
CA GLU D 536 15.65 -0.51 38.25
C GLU D 536 16.60 0.19 39.22
N ASP D 537 16.27 1.44 39.59
CA ASP D 537 17.09 2.18 40.54
C ASP D 537 17.11 1.51 41.91
N ALA D 538 15.95 1.02 42.37
CA ALA D 538 15.89 0.39 43.68
C ALA D 538 16.65 -0.93 43.73
N ASN D 539 16.94 -1.53 42.57
CA ASN D 539 17.66 -2.79 42.51
C ASN D 539 19.17 -2.59 42.32
N VAL D 540 19.63 -1.36 42.19
CA VAL D 540 21.06 -1.09 42.05
C VAL D 540 21.70 -1.36 43.41
N LEU D 541 22.33 -2.52 43.54
CA LEU D 541 22.93 -2.96 44.79
C LEU D 541 24.43 -2.73 44.84
N THR D 542 24.99 -2.00 43.87
CA THR D 542 26.42 -1.71 43.88
C THR D 542 26.73 -0.36 44.52
N TYR D 543 26.02 0.71 44.12
CA TYR D 543 26.21 2.04 44.68
C TYR D 543 25.06 2.96 44.31
N ARG D 544 24.47 3.64 45.29
CA ARG D 544 23.47 4.65 45.04
C ARG D 544 24.06 6.05 44.93
N LYS D 545 25.36 6.19 45.08
CA LYS D 545 26.05 7.47 45.02
C LYS D 545 27.17 7.40 43.99
N SER D 546 27.31 8.48 43.22
CA SER D 546 28.29 8.49 42.13
C SER D 546 29.72 8.45 42.66
N HIS D 547 30.03 9.27 43.66
CA HIS D 547 31.41 9.45 44.11
C HIS D 547 31.94 8.27 44.91
N GLN D 548 31.09 7.32 45.27
CA GLN D 548 31.60 6.11 45.90
C GLN D 548 32.02 5.04 44.90
N ASN D 549 31.72 5.22 43.62
CA ASN D 549 32.13 4.25 42.60
C ASN D 549 33.64 4.25 42.47
N PRO D 550 34.31 3.10 42.58
CA PRO D 550 35.77 3.07 42.44
C PRO D 550 36.29 3.50 41.09
N SER D 551 35.47 3.37 40.03
CA SER D 551 35.93 3.71 38.69
C SER D 551 36.15 5.21 38.53
N VAL D 552 35.16 6.01 38.94
CA VAL D 552 35.31 7.46 38.84
C VAL D 552 36.41 7.95 39.78
N ILE D 553 36.55 7.32 40.94
CA ILE D 553 37.64 7.67 41.85
C ILE D 553 38.99 7.39 41.21
N ARG D 554 39.12 6.23 40.57
CA ARG D 554 40.36 5.89 39.87
C ARG D 554 40.68 6.89 38.78
N LEU D 555 39.69 7.22 37.95
CA LEU D 555 39.95 8.15 36.84
C LEU D 555 40.29 9.54 37.35
N TYR D 556 39.64 9.99 38.43
CA TYR D 556 39.94 11.30 38.97
C TYR D 556 41.33 11.33 39.59
N GLU D 557 41.74 10.24 40.25
CA GLU D 557 43.07 10.20 40.86
C GLU D 557 44.18 10.09 39.83
N GLU D 558 43.98 9.29 38.79
CA GLU D 558 45.07 8.97 37.86
C GLU D 558 45.16 9.93 36.68
N TYR D 559 44.03 10.38 36.14
CA TYR D 559 44.04 11.10 34.88
C TYR D 559 43.38 12.48 34.99
N LEU D 560 42.35 12.60 35.81
CA LEU D 560 41.60 13.84 35.92
C LEU D 560 42.08 14.74 37.05
N GLU D 561 43.05 14.28 37.86
CA GLU D 561 43.64 15.07 38.93
C GLU D 561 42.59 15.57 39.91
N GLU D 562 42.14 16.80 39.71
CA GLU D 562 41.06 17.42 40.47
C GLU D 562 40.05 18.00 39.48
N PRO D 563 38.76 17.97 39.82
CA PRO D 563 37.77 18.66 38.99
C PRO D 563 38.06 20.15 38.92
N ASN D 564 37.65 20.76 37.80
CA ASN D 564 37.88 22.17 37.50
C ASN D 564 39.37 22.49 37.42
N SER D 565 40.17 21.55 36.94
CA SER D 565 41.58 21.80 36.63
C SER D 565 41.68 22.48 35.26
N PRO D 566 42.84 23.10 34.97
CA PRO D 566 43.04 23.61 33.59
C PRO D 566 42.92 22.54 32.53
N LYS D 567 43.40 21.32 32.81
CA LYS D 567 43.19 20.22 31.87
C LYS D 567 41.71 19.88 31.76
N ALA D 568 41.02 19.85 32.90
CA ALA D 568 39.58 19.58 32.90
C ALA D 568 38.82 20.66 32.13
N HIS D 569 39.19 21.92 32.32
CA HIS D 569 38.56 22.99 31.55
C HIS D 569 38.84 22.86 30.06
N HIS D 570 40.09 22.52 29.71
CA HIS D 570 40.45 22.47 28.30
C HIS D 570 39.79 21.29 27.59
N ILE D 571 39.59 20.18 28.28
CA ILE D 571 39.03 18.99 27.63
C ILE D 571 37.51 18.92 27.75
N LEU D 572 36.94 19.32 28.89
CA LEU D 572 35.53 19.09 29.18
C LEU D 572 34.66 20.33 29.20
N HIS D 573 35.24 21.52 29.11
CA HIS D 573 34.48 22.76 29.18
C HIS D 573 34.54 23.50 27.85
N THR D 574 33.42 24.13 27.49
CA THR D 574 33.29 24.79 26.20
C THR D 574 32.43 26.03 26.34
N LYS D 575 32.51 26.91 25.34
CA LYS D 575 31.71 28.11 25.26
C LYS D 575 30.69 27.98 24.14
N TYR D 576 29.58 28.69 24.29
CA TYR D 576 28.51 28.72 23.30
C TYR D 576 28.28 30.15 22.83
N SER D 577 28.09 30.32 21.53
CA SER D 577 27.84 31.62 20.94
C SER D 577 26.41 31.66 20.39
N ALA D 578 25.83 32.86 20.41
CA ALA D 578 24.47 33.03 19.92
C ALA D 578 24.41 32.76 18.42
N LYS D 579 23.37 32.04 18.00
CA LYS D 579 23.21 31.73 16.60
C LYS D 579 22.25 32.73 15.95
N PRO D 580 22.46 33.06 14.67
CA PRO D 580 21.53 33.98 14.00
C PRO D 580 20.14 33.39 13.88
N LYS D 581 19.14 34.24 14.02
CA LYS D 581 17.74 33.83 13.99
C LYS D 581 17.12 34.24 12.66
N LEU D 582 16.36 33.33 12.06
CA LEU D 582 15.58 33.62 10.85
C LEU D 582 14.15 33.23 11.19
N VAL D 583 13.42 34.14 11.81
CA VAL D 583 12.06 33.86 12.23
C VAL D 583 11.10 34.80 11.50
N ASN E 1 -28.61 62.55 5.62
CA ASN E 1 -29.07 63.77 6.28
C ASN E 1 -29.99 63.43 7.45
N ILE E 2 -29.61 63.88 8.65
CA ILE E 2 -30.37 63.54 9.86
C ILE E 2 -31.75 64.20 9.84
N ASP E 3 -31.89 65.35 9.19
CA ASP E 3 -33.17 66.03 9.16
C ASP E 3 -34.17 65.31 8.26
N GLU E 4 -33.69 64.61 7.23
CA GLU E 4 -34.59 63.93 6.30
C GLU E 4 -35.28 62.75 6.97
N TYR E 5 -34.52 61.92 7.71
CA TYR E 5 -35.10 60.73 8.32
C TYR E 5 -36.11 61.09 9.41
N ILE E 6 -35.79 62.09 10.23
CA ILE E 6 -36.68 62.47 11.32
C ILE E 6 -37.94 63.16 10.79
N GLY E 7 -37.90 63.69 9.57
CA GLY E 7 -39.09 64.25 8.95
C GLY E 7 -40.06 63.23 8.39
N PHE E 8 -39.67 61.96 8.35
CA PHE E 8 -40.51 60.87 7.86
C PHE E 8 -40.84 59.89 8.99
N ASP E 9 -41.20 60.44 10.15
CA ASP E 9 -41.42 59.67 11.38
C ASP E 9 -40.16 58.88 11.75
N GLY E 10 -39.10 59.64 12.08
CA GLY E 10 -37.80 59.05 12.33
C GLY E 10 -37.53 58.78 13.79
N TYR E 11 -36.87 57.66 14.06
CA TYR E 11 -36.36 57.27 15.37
C TYR E 11 -37.46 57.15 16.42
N LEU E 12 -38.70 56.97 16.00
CA LEU E 12 -39.81 56.93 16.95
C LEU E 12 -39.84 55.60 17.71
N ALA E 13 -39.30 54.54 17.13
CA ALA E 13 -39.32 53.23 17.80
C ALA E 13 -38.53 53.26 19.10
N LEU E 14 -37.37 53.91 19.09
CA LEU E 14 -36.58 54.08 20.31
C LEU E 14 -37.34 54.93 21.33
N GLU E 15 -37.98 56.00 20.87
CA GLU E 15 -38.75 56.86 21.75
C GLU E 15 -39.91 56.09 22.38
N LYS E 16 -40.57 55.23 21.60
CA LYS E 16 -41.68 54.43 22.12
C LYS E 16 -41.20 53.35 23.09
N VAL E 17 -40.17 52.60 22.69
CA VAL E 17 -39.78 51.42 23.46
C VAL E 17 -39.04 51.80 24.74
N LEU E 18 -38.13 52.77 24.66
CA LEU E 18 -37.31 53.15 25.82
C LEU E 18 -38.14 53.72 26.97
N LEU E 19 -39.38 54.14 26.71
CA LEU E 19 -40.24 54.69 27.74
C LEU E 19 -41.46 53.84 28.07
N THR E 20 -41.86 52.94 27.18
CA THR E 20 -43.09 52.17 27.38
C THR E 20 -42.88 50.66 27.34
N MET E 21 -42.02 50.17 26.46
CA MET E 21 -41.91 48.73 26.18
C MET E 21 -40.73 48.12 26.92
N SER E 22 -41.01 47.02 27.62
CA SER E 22 -39.97 46.28 28.31
C SER E 22 -39.21 45.39 27.33
N PRO E 23 -37.97 45.01 27.67
CA PRO E 23 -37.21 44.11 26.78
C PRO E 23 -37.89 42.78 26.52
N VAL E 24 -38.58 42.22 27.51
CA VAL E 24 -39.27 40.94 27.32
C VAL E 24 -40.44 41.09 26.36
N ASP E 25 -41.15 42.23 26.44
CA ASP E 25 -42.31 42.45 25.56
C ASP E 25 -41.89 42.49 24.10
N VAL E 26 -40.68 42.94 23.79
CA VAL E 26 -40.21 42.97 22.41
C VAL E 26 -40.08 41.55 21.87
N ILE E 27 -39.57 40.62 22.69
CA ILE E 27 -39.49 39.22 22.28
C ILE E 27 -40.87 38.66 22.02
N ASN E 28 -41.84 39.01 22.87
CA ASN E 28 -43.21 38.56 22.66
C ASN E 28 -43.79 39.10 21.35
N GLU E 29 -43.53 40.38 21.05
CA GLU E 29 -44.09 40.99 19.87
C GLU E 29 -43.52 40.39 18.60
N VAL E 30 -42.20 40.17 18.56
CA VAL E 30 -41.58 39.58 17.37
C VAL E 30 -41.99 38.12 17.22
N LYS E 31 -42.17 37.42 18.35
CA LYS E 31 -42.70 36.07 18.29
C LYS E 31 -44.14 36.06 17.78
N ALA E 32 -44.94 37.05 18.21
CA ALA E 32 -46.28 37.22 17.68
C ALA E 32 -46.27 37.65 16.23
N SER E 33 -45.18 38.25 15.75
CA SER E 33 -45.08 38.63 14.35
C SER E 33 -44.82 37.45 13.43
N GLY E 34 -44.36 36.32 13.96
CA GLY E 34 -44.13 35.14 13.13
C GLY E 34 -42.99 35.27 12.15
N LEU E 35 -42.08 36.21 12.36
CA LEU E 35 -40.97 36.38 11.44
C LEU E 35 -39.91 35.30 11.64
N ARG E 36 -39.34 34.85 10.54
CA ARG E 36 -38.28 33.86 10.54
C ARG E 36 -37.12 34.37 9.70
N GLY E 37 -35.91 33.90 10.04
CA GLY E 37 -34.70 34.41 9.41
C GLY E 37 -34.63 34.21 7.92
N ARG E 38 -34.36 35.29 7.19
CA ARG E 38 -34.26 35.27 5.74
C ARG E 38 -32.83 35.12 5.24
N GLY E 39 -31.86 34.88 6.13
CA GLY E 39 -30.51 34.63 5.69
C GLY E 39 -30.29 33.28 5.06
N GLY E 40 -31.27 32.38 5.16
CA GLY E 40 -31.16 31.08 4.54
C GLY E 40 -31.47 29.94 5.50
N GLY E 41 -31.16 30.14 6.78
CA GLY E 41 -31.39 29.09 7.76
C GLY E 41 -32.86 28.86 8.07
N GLY E 42 -33.70 29.87 7.84
CA GLY E 42 -35.11 29.74 8.12
C GLY E 42 -35.47 29.64 9.58
N PHE E 43 -34.55 29.96 10.47
CA PHE E 43 -34.81 29.85 11.90
C PHE E 43 -35.76 30.96 12.35
N PRO E 44 -36.68 30.67 13.26
CA PRO E 44 -37.55 31.71 13.80
C PRO E 44 -36.75 32.78 14.52
N THR E 45 -37.19 34.03 14.37
CA THR E 45 -36.40 35.17 14.86
C THR E 45 -36.46 35.27 16.38
N GLY E 46 -37.67 35.45 16.93
CA GLY E 46 -37.81 35.68 18.36
C GLY E 46 -37.31 34.54 19.21
N LEU E 47 -37.28 33.32 18.66
CA LEU E 47 -36.72 32.19 19.38
C LEU E 47 -35.22 32.39 19.65
N LYS E 48 -34.52 32.97 18.68
CA LYS E 48 -33.11 33.32 18.88
C LYS E 48 -32.94 34.33 19.99
N TRP E 49 -33.83 35.32 20.06
CA TRP E 49 -33.74 36.35 21.10
C TRP E 49 -33.98 35.76 22.48
N GLN E 50 -34.88 34.79 22.57
CA GLN E 50 -35.16 34.14 23.85
C GLN E 50 -33.93 33.42 24.39
N PHE E 51 -33.18 32.76 23.51
CA PHE E 51 -32.03 31.97 23.95
C PHE E 51 -30.94 32.87 24.52
N ALA E 52 -30.57 33.93 23.80
CA ALA E 52 -29.50 34.81 24.26
C ALA E 52 -29.91 35.58 25.52
N HIS E 53 -31.14 36.05 25.57
CA HIS E 53 -31.59 36.85 26.71
C HIS E 53 -31.64 36.01 27.98
N ASP E 54 -32.06 34.75 27.86
CA ASP E 54 -32.13 33.86 29.01
C ASP E 54 -30.79 33.21 29.35
N ALA E 55 -29.80 33.29 28.45
CA ALA E 55 -28.49 32.76 28.76
C ALA E 55 -27.80 33.64 29.80
N VAL E 56 -26.81 33.06 30.47
CA VAL E 56 -26.12 33.71 31.58
C VAL E 56 -24.65 33.87 31.22
N SER E 57 -24.14 35.09 31.34
CA SER E 57 -22.73 35.39 31.14
C SER E 57 -22.05 35.60 32.49
N GLU E 58 -20.73 35.40 32.50
CA GLU E 58 -19.98 35.47 33.75
C GLU E 58 -19.85 36.90 34.25
N ASP E 59 -19.51 37.83 33.35
CA ASP E 59 -19.22 39.20 33.73
C ASP E 59 -20.37 40.16 33.43
N GLY E 60 -21.55 39.65 33.10
CA GLY E 60 -22.67 40.52 32.79
C GLY E 60 -22.50 41.29 31.50
N ILE E 61 -21.76 40.74 30.54
CA ILE E 61 -21.49 41.40 29.27
C ILE E 61 -22.09 40.55 28.15
N LYS E 62 -22.89 41.19 27.30
CA LYS E 62 -23.50 40.55 26.15
C LYS E 62 -23.18 41.32 24.89
N TYR E 63 -23.12 40.60 23.77
CA TYR E 63 -22.68 41.13 22.49
C TYR E 63 -23.76 40.97 21.44
N VAL E 64 -23.75 41.88 20.46
CA VAL E 64 -24.63 41.83 19.31
C VAL E 64 -23.80 42.10 18.05
N ALA E 65 -24.12 41.41 16.97
CA ALA E 65 -23.40 41.55 15.71
C ALA E 65 -24.39 41.78 14.58
N CYS E 66 -24.02 42.65 13.64
CA CYS E 66 -24.82 42.94 12.47
C CYS E 66 -24.09 42.45 11.23
N ASN E 67 -24.75 41.61 10.45
CA ASN E 67 -24.14 41.04 9.25
C ASN E 67 -24.53 41.89 8.05
N ALA E 68 -23.53 42.41 7.34
CA ALA E 68 -23.76 43.22 6.14
C ALA E 68 -22.92 42.72 4.97
N ASP E 69 -22.59 41.43 4.95
CA ASP E 69 -21.71 40.87 3.93
C ASP E 69 -22.56 40.36 2.76
N GLU E 70 -22.39 40.97 1.59
CA GLU E 70 -22.98 40.49 0.35
C GLU E 70 -22.03 39.47 -0.27
N GLY E 71 -22.37 38.20 -0.21
CA GLY E 71 -21.49 37.18 -0.73
C GLY E 71 -21.82 36.69 -2.13
N ASP E 72 -23.08 36.30 -2.35
CA ASP E 72 -23.44 35.69 -3.62
C ASP E 72 -23.48 36.74 -4.74
N PRO E 73 -23.12 36.36 -5.97
CA PRO E 73 -23.19 37.30 -7.08
C PRO E 73 -24.63 37.68 -7.43
N GLY E 74 -24.80 38.89 -7.95
CA GLY E 74 -26.06 39.36 -8.45
C GLY E 74 -27.01 39.90 -7.42
N ALA E 75 -26.69 39.81 -6.13
CA ALA E 75 -27.52 40.35 -5.07
C ALA E 75 -26.87 41.61 -4.53
N PHE E 76 -27.61 42.72 -4.59
CA PHE E 76 -27.06 44.01 -4.18
C PHE E 76 -28.02 44.77 -3.28
N MET E 77 -28.97 44.09 -2.65
CA MET E 77 -29.96 44.76 -1.81
C MET E 77 -29.39 45.17 -0.46
N ASP E 78 -28.48 44.37 0.10
CA ASP E 78 -27.93 44.66 1.42
C ASP E 78 -27.10 45.93 1.41
N ARG E 79 -26.29 46.13 0.37
CA ARG E 79 -25.61 47.41 0.23
C ARG E 79 -26.60 48.52 -0.12
N SER E 80 -27.69 48.18 -0.82
CA SER E 80 -28.65 49.18 -1.25
C SER E 80 -29.37 49.82 -0.08
N VAL E 81 -29.80 49.01 0.89
CA VAL E 81 -30.46 49.56 2.07
C VAL E 81 -29.47 50.37 2.90
N LEU E 82 -28.21 49.92 2.95
CA LEU E 82 -27.16 50.72 3.57
C LEU E 82 -26.92 52.01 2.80
N GLU E 83 -26.89 51.93 1.47
CA GLU E 83 -26.75 53.12 0.65
C GLU E 83 -28.03 53.94 0.58
N GLY E 84 -29.17 53.35 0.92
CA GLY E 84 -30.44 54.04 0.84
C GLY E 84 -30.82 54.75 2.11
N ASP E 85 -30.78 54.04 3.23
CA ASP E 85 -31.16 54.62 4.51
C ASP E 85 -30.52 53.85 5.66
N PRO E 86 -29.27 54.15 6.02
CA PRO E 86 -28.68 53.51 7.21
C PRO E 86 -29.27 54.00 8.52
N HIS E 87 -30.02 55.10 8.52
CA HIS E 87 -30.60 55.62 9.74
C HIS E 87 -31.60 54.63 10.34
N ALA E 88 -32.43 54.04 9.50
CA ALA E 88 -33.34 52.99 9.96
C ALA E 88 -32.58 51.74 10.38
N VAL E 89 -31.42 51.50 9.76
CA VAL E 89 -30.63 50.31 10.09
C VAL E 89 -30.05 50.42 11.50
N ILE E 90 -29.39 51.54 11.80
CA ILE E 90 -28.72 51.69 13.09
C ILE E 90 -29.75 51.79 14.21
N GLU E 91 -30.95 52.28 13.90
CA GLU E 91 -32.01 52.34 14.91
C GLU E 91 -32.41 50.95 15.38
N ALA E 92 -32.30 49.95 14.51
CA ALA E 92 -32.76 48.60 14.83
C ALA E 92 -31.93 47.95 15.93
N MET E 93 -30.60 48.03 15.82
CA MET E 93 -29.74 47.35 16.79
C MET E 93 -29.86 47.95 18.18
N ALA E 94 -30.24 49.24 18.26
CA ALA E 94 -30.51 49.84 19.56
C ALA E 94 -31.71 49.19 20.24
N ILE E 95 -32.75 48.87 19.46
CA ILE E 95 -33.83 48.04 19.98
C ILE E 95 -33.30 46.65 20.35
N ALA E 96 -32.44 46.10 19.49
CA ALA E 96 -31.86 44.78 19.74
C ALA E 96 -31.01 44.78 21.01
N GLY E 97 -30.19 45.82 21.19
CA GLY E 97 -29.39 45.91 22.40
C GLY E 97 -30.22 46.08 23.65
N TYR E 98 -31.35 46.79 23.54
CA TYR E 98 -32.24 46.96 24.68
C TYR E 98 -32.88 45.64 25.07
N ALA E 99 -33.31 44.85 24.09
CA ALA E 99 -33.99 43.59 24.37
C ALA E 99 -33.03 42.58 24.98
N VAL E 100 -31.76 42.61 24.59
CA VAL E 100 -30.77 41.65 25.07
C VAL E 100 -30.03 42.18 26.30
N GLY E 101 -29.97 43.49 26.49
CA GLY E 101 -29.09 44.03 27.51
C GLY E 101 -27.65 44.13 27.08
N ALA E 102 -27.39 44.23 25.78
CA ALA E 102 -26.04 44.37 25.25
C ALA E 102 -25.70 45.85 25.12
N SER E 103 -24.59 46.25 25.75
CA SER E 103 -24.23 47.66 25.78
C SER E 103 -23.27 48.07 24.68
N LYS E 104 -22.70 47.13 23.93
CA LYS E 104 -21.78 47.48 22.86
C LYS E 104 -21.90 46.48 21.73
N GLY E 105 -21.92 46.99 20.49
CA GLY E 105 -22.12 46.16 19.33
C GLY E 105 -21.08 46.43 18.25
N TYR E 106 -21.12 45.60 17.22
CA TYR E 106 -20.20 45.70 16.09
C TYR E 106 -20.98 45.57 14.79
N VAL E 107 -20.50 46.27 13.76
CA VAL E 107 -21.04 46.18 12.42
C VAL E 107 -19.90 45.76 11.47
N TYR E 108 -20.17 44.76 10.64
CA TYR E 108 -19.15 44.16 9.79
C TYR E 108 -19.51 44.45 8.34
N VAL E 109 -18.61 45.14 7.63
CA VAL E 109 -18.87 45.65 6.29
C VAL E 109 -17.71 45.32 5.38
N ARG E 110 -18.02 44.98 4.12
CA ARG E 110 -16.98 44.80 3.12
C ARG E 110 -16.30 46.13 2.80
N ALA E 111 -14.99 46.08 2.58
CA ALA E 111 -14.22 47.29 2.34
C ALA E 111 -14.27 47.78 0.90
N GLU E 112 -14.74 46.97 -0.05
CA GLU E 112 -14.78 47.38 -1.45
C GLU E 112 -16.04 48.16 -1.81
N TYR E 113 -16.82 48.60 -0.83
CA TYR E 113 -17.98 49.46 -1.04
C TYR E 113 -17.71 50.79 -0.37
N PRO E 114 -16.88 51.65 -0.97
CA PRO E 114 -16.52 52.92 -0.32
C PRO E 114 -17.71 53.84 -0.10
N ILE E 115 -18.72 53.79 -0.98
CA ILE E 115 -19.90 54.63 -0.82
C ILE E 115 -20.66 54.22 0.43
N ALA E 116 -20.86 52.91 0.62
CA ALA E 116 -21.60 52.42 1.77
C ALA E 116 -20.84 52.69 3.08
N VAL E 117 -19.52 52.48 3.07
CA VAL E 117 -18.73 52.70 4.28
C VAL E 117 -18.73 54.17 4.67
N ASN E 118 -18.56 55.07 3.69
CA ASN E 118 -18.56 56.49 3.97
C ASN E 118 -19.94 56.95 4.45
N ARG E 119 -21.00 56.42 3.85
CA ARG E 119 -22.36 56.85 4.22
C ARG E 119 -22.70 56.43 5.65
N LEU E 120 -22.28 55.22 6.06
CA LEU E 120 -22.67 54.73 7.37
C LEU E 120 -21.98 55.49 8.49
N GLN E 121 -20.70 55.83 8.32
CA GLN E 121 -19.97 56.50 9.39
C GLN E 121 -20.47 57.93 9.58
N ILE E 122 -20.99 58.56 8.53
CA ILE E 122 -21.64 59.86 8.67
C ILE E 122 -22.88 59.74 9.54
N ALA E 123 -23.68 58.69 9.32
CA ALA E 123 -24.86 58.46 10.16
C ALA E 123 -24.47 58.16 11.60
N ILE E 124 -23.31 57.52 11.82
CA ILE E 124 -22.82 57.31 13.17
C ILE E 124 -22.55 58.63 13.86
N ASP E 125 -21.93 59.57 13.13
CA ASP E 125 -21.65 60.88 13.70
C ASP E 125 -22.92 61.65 14.01
N GLN E 126 -23.89 61.63 13.09
CA GLN E 126 -25.14 62.35 13.31
C GLN E 126 -25.91 61.79 14.49
N ALA E 127 -25.91 60.47 14.63
CA ALA E 127 -26.61 59.83 15.75
C ALA E 127 -25.97 60.21 17.08
N LYS E 128 -24.64 60.11 17.16
CA LYS E 128 -23.95 60.43 18.40
C LYS E 128 -23.95 61.93 18.67
N GLU E 129 -24.16 62.75 17.64
CA GLU E 129 -24.32 64.19 17.84
C GLU E 129 -25.65 64.50 18.52
N TYR E 130 -26.73 63.89 18.04
CA TYR E 130 -28.05 64.08 18.64
C TYR E 130 -28.19 63.35 19.97
N GLY E 131 -27.23 62.48 20.30
CA GLY E 131 -27.27 61.71 21.52
C GLY E 131 -27.72 60.27 21.35
N ILE E 132 -27.98 59.84 20.11
CA ILE E 132 -28.45 58.48 19.89
C ILE E 132 -27.37 57.47 20.24
N LEU E 133 -26.13 57.72 19.82
CA LEU E 133 -25.03 56.81 20.06
C LEU E 133 -24.18 57.32 21.21
N GLY E 134 -23.93 56.44 22.18
CA GLY E 134 -23.17 56.82 23.35
C GLY E 134 -23.83 56.40 24.65
N GLU E 135 -23.96 57.34 25.59
CA GLU E 135 -24.49 57.06 26.92
C GLU E 135 -25.74 57.89 27.18
N ASN E 136 -26.63 57.34 28.01
CA ASN E 136 -27.89 57.98 28.39
C ASN E 136 -28.73 58.32 27.17
N ILE E 137 -29.08 57.28 26.41
CA ILE E 137 -29.78 57.46 25.14
C ILE E 137 -31.20 57.90 25.41
N PHE E 138 -31.55 59.09 24.92
CA PHE E 138 -32.88 59.69 25.08
C PHE E 138 -33.28 59.77 26.55
N GLU E 139 -32.37 60.36 27.35
CA GLU E 139 -32.50 60.54 28.80
C GLU E 139 -32.97 59.28 29.53
N THR E 140 -32.57 58.11 29.03
CA THR E 140 -32.79 56.84 29.70
C THR E 140 -31.47 56.35 30.30
N ASP E 141 -31.51 55.17 30.90
CA ASP E 141 -30.32 54.55 31.47
C ASP E 141 -29.59 53.66 30.48
N PHE E 142 -30.06 53.60 29.23
CA PHE E 142 -29.51 52.68 28.24
C PHE E 142 -28.34 53.35 27.51
N SER E 143 -27.18 52.70 27.55
CA SER E 143 -25.98 53.16 26.85
C SER E 143 -25.57 52.11 25.84
N PHE E 144 -25.38 52.52 24.60
CA PHE E 144 -25.07 51.60 23.51
C PHE E 144 -23.95 52.21 22.68
N ASP E 145 -22.97 51.39 22.31
CA ASP E 145 -21.81 51.84 21.55
C ASP E 145 -21.60 50.94 20.35
N LEU E 146 -21.11 51.53 19.26
CA LEU E 146 -20.89 50.82 18.01
C LEU E 146 -19.47 51.03 17.52
N GLU E 147 -19.01 50.13 16.66
CA GLU E 147 -17.70 50.23 16.03
C GLU E 147 -17.72 49.48 14.71
N ILE E 148 -16.98 50.00 13.74
CA ILE E 148 -16.91 49.42 12.41
C ILE E 148 -15.87 48.31 12.36
N ARG E 149 -16.16 47.27 11.59
CA ARG E 149 -15.22 46.23 11.23
C ARG E 149 -15.04 46.21 9.71
N LEU E 150 -13.79 46.16 9.27
CA LEU E 150 -13.46 46.23 7.85
C LEU E 150 -13.18 44.82 7.34
N GLY E 151 -14.24 44.17 6.85
CA GLY E 151 -14.06 42.94 6.11
C GLY E 151 -13.69 43.22 4.66
N ALA E 152 -13.25 42.17 3.97
CA ALA E 152 -12.72 42.35 2.62
C ALA E 152 -13.35 41.35 1.66
N GLY E 153 -14.66 41.15 1.77
CA GLY E 153 -15.40 40.37 0.78
C GLY E 153 -15.00 38.92 0.64
N ALA E 154 -14.69 38.26 1.75
CA ALA E 154 -14.44 36.82 1.73
C ALA E 154 -15.78 36.12 1.80
N PHE E 155 -16.11 35.31 0.79
CA PHE E 155 -17.43 34.68 0.76
C PHE E 155 -17.61 33.71 1.91
N VAL E 156 -16.56 32.96 2.25
CA VAL E 156 -16.69 31.93 3.27
C VAL E 156 -16.93 32.54 4.66
N CYS E 157 -16.55 33.80 4.88
CA CYS E 157 -16.75 34.41 6.19
C CYS E 157 -18.19 34.80 6.45
N GLY E 158 -19.07 34.69 5.44
CA GLY E 158 -20.48 34.99 5.62
C GLY E 158 -21.20 34.07 6.59
N GLU E 159 -20.60 32.94 6.95
CA GLU E 159 -21.11 32.10 8.01
C GLU E 159 -20.85 32.73 9.36
N GLU E 160 -21.78 32.50 10.31
CA GLU E 160 -21.77 33.28 11.54
C GLU E 160 -20.55 32.99 12.41
N THR E 161 -20.11 31.72 12.48
CA THR E 161 -18.92 31.42 13.26
C THR E 161 -17.66 31.88 12.54
N ALA E 162 -17.68 31.86 11.20
CA ALA E 162 -16.50 32.26 10.44
C ALA E 162 -16.18 33.73 10.65
N LEU E 163 -17.19 34.61 10.59
CA LEU E 163 -16.94 36.03 10.79
C LEU E 163 -16.56 36.35 12.23
N MET E 164 -16.90 35.48 13.17
CA MET E 164 -16.55 35.69 14.56
C MET E 164 -15.04 35.76 14.75
N ASN E 165 -14.32 34.81 14.13
CA ASN E 165 -12.87 34.77 14.29
C ASN E 165 -12.20 35.91 13.54
N SER E 166 -12.78 36.34 12.42
CA SER E 166 -12.25 37.48 11.70
C SER E 166 -12.31 38.75 12.54
N ILE E 167 -13.40 38.94 13.28
CA ILE E 167 -13.47 40.04 14.24
C ILE E 167 -12.46 39.81 15.35
N GLU E 168 -12.27 38.56 15.76
CA GLU E 168 -11.23 38.23 16.73
C GLU E 168 -9.82 38.41 16.19
N GLY E 169 -9.66 38.53 14.88
CA GLY E 169 -8.36 38.71 14.28
C GLY E 169 -7.68 37.45 13.79
N LYS E 170 -8.24 36.28 14.07
CA LYS E 170 -7.66 35.03 13.58
C LYS E 170 -8.16 34.74 12.16
N ARG E 171 -7.80 33.57 11.66
CA ARG E 171 -8.24 33.15 10.33
C ARG E 171 -9.76 32.99 10.29
N GLY E 172 -10.33 33.28 9.12
CA GLY E 172 -11.76 33.11 8.91
C GLY E 172 -12.14 31.65 8.75
N GLU E 173 -12.03 30.88 9.82
CA GLU E 173 -12.24 29.45 9.79
C GLU E 173 -13.52 29.11 10.54
N PRO E 174 -14.39 28.25 10.00
CA PRO E 174 -15.65 27.95 10.69
C PRO E 174 -15.44 26.99 11.85
N ARG E 175 -16.16 27.25 12.93
CA ARG E 175 -16.18 26.50 14.18
C ARG E 175 -17.34 25.51 14.19
N PRO E 176 -17.14 24.32 14.72
CA PRO E 176 -18.24 23.35 14.80
C PRO E 176 -19.29 23.78 15.82
N ARG E 177 -20.54 23.39 15.54
CA ARG E 177 -21.62 23.64 16.48
C ARG E 177 -22.28 22.32 16.87
N PRO E 178 -22.71 22.16 18.13
CA PRO E 178 -22.69 23.09 19.28
C PRO E 178 -21.29 23.33 19.82
N PRO E 179 -21.08 24.37 20.66
CA PRO E 179 -22.02 25.38 21.15
C PRO E 179 -22.41 26.44 20.13
N PHE E 180 -23.65 26.91 20.24
CA PHE E 180 -24.14 27.97 19.38
C PHE E 180 -23.52 29.31 19.79
N PRO E 181 -23.36 30.25 18.85
CA PRO E 181 -22.82 31.57 19.22
C PRO E 181 -23.72 32.33 20.18
N ALA E 182 -25.01 32.00 20.23
CA ALA E 182 -25.89 32.60 21.22
C ALA E 182 -25.46 32.24 22.65
N ASN E 183 -24.80 31.10 22.82
CA ASN E 183 -24.33 30.70 24.14
C ASN E 183 -22.88 31.11 24.36
N LYS E 184 -21.97 30.62 23.51
CA LYS E 184 -20.55 30.96 23.56
C LYS E 184 -20.18 31.55 22.21
N GLY E 185 -19.91 32.85 22.17
CA GLY E 185 -19.54 33.49 20.92
C GLY E 185 -18.29 34.34 20.99
N LEU E 186 -18.44 35.61 20.62
CA LEU E 186 -17.32 36.54 20.54
C LEU E 186 -16.75 36.78 21.93
N PHE E 187 -15.47 36.46 22.11
CA PHE E 187 -14.81 36.42 23.42
C PHE E 187 -15.53 35.50 24.40
N GLY E 188 -16.15 34.43 23.90
CA GLY E 188 -16.86 33.51 24.77
C GLY E 188 -18.09 34.06 25.43
N LYS E 189 -18.68 35.11 24.86
CA LYS E 189 -19.86 35.78 25.39
C LYS E 189 -21.07 35.53 24.49
N PRO E 190 -22.28 35.60 25.03
CA PRO E 190 -23.47 35.45 24.17
C PRO E 190 -23.53 36.53 23.10
N THR E 191 -23.90 36.10 21.88
CA THR E 191 -23.99 36.99 20.73
C THR E 191 -25.30 36.77 20.01
N VAL E 192 -25.71 37.80 19.27
CA VAL E 192 -26.88 37.73 18.39
C VAL E 192 -26.43 38.08 16.99
N LEU E 193 -26.71 37.19 16.03
CA LEU E 193 -26.33 37.37 14.63
C LEU E 193 -27.60 37.56 13.81
N ASN E 194 -27.65 38.67 13.07
CA ASN E 194 -28.81 38.97 12.25
C ASN E 194 -28.35 39.79 11.06
N ASN E 195 -29.10 39.71 9.96
CA ASN E 195 -28.81 40.51 8.79
C ASN E 195 -29.59 41.83 8.81
N VAL E 196 -29.21 42.73 7.91
CA VAL E 196 -29.74 44.10 7.93
C VAL E 196 -31.22 44.11 7.59
N GLU E 197 -31.64 43.28 6.62
CA GLU E 197 -33.03 43.33 6.16
C GLU E 197 -34.01 42.93 7.26
N THR E 198 -33.66 41.92 8.07
CA THR E 198 -34.51 41.55 9.19
C THR E 198 -34.47 42.63 10.27
N TYR E 199 -33.31 43.25 10.47
CA TYR E 199 -33.23 44.44 11.31
C TYR E 199 -34.12 45.55 10.77
N ALA E 200 -34.21 45.67 9.43
CA ALA E 200 -35.03 46.72 8.83
C ALA E 200 -36.52 46.51 9.14
N ASN E 201 -36.93 45.27 9.42
CA ASN E 201 -38.34 44.98 9.66
C ASN E 201 -38.81 45.30 11.06
N ILE E 202 -37.91 45.31 12.06
CA ILE E 202 -38.34 45.49 13.46
C ILE E 202 -38.94 46.88 13.74
N PRO E 203 -38.47 48.00 13.13
CA PRO E 203 -39.18 49.27 13.42
C PRO E 203 -40.65 49.25 13.04
N LYS E 204 -40.99 48.63 11.90
CA LYS E 204 -42.38 48.55 11.50
C LYS E 204 -43.18 47.63 12.41
N ILE E 205 -42.53 46.62 12.99
CA ILE E 205 -43.20 45.72 13.91
C ILE E 205 -43.67 46.47 15.14
N ILE E 206 -42.80 47.31 15.70
CA ILE E 206 -43.16 48.07 16.89
C ILE E 206 -44.16 49.17 16.54
N LEU E 207 -43.91 49.89 15.45
CA LEU E 207 -44.71 51.07 15.15
C LEU E 207 -46.10 50.71 14.66
N ASN E 208 -46.21 49.75 13.74
CA ASN E 208 -47.49 49.43 13.11
C ASN E 208 -48.12 48.17 13.67
N GLY E 209 -47.48 47.50 14.62
CA GLY E 209 -48.02 46.29 15.20
C GLY E 209 -47.64 45.05 14.41
N ALA E 210 -47.61 43.91 15.11
CA ALA E 210 -47.25 42.65 14.48
C ALA E 210 -48.36 42.15 13.56
N GLU E 211 -49.61 42.51 13.87
CA GLU E 211 -50.74 42.04 13.06
C GLU E 211 -50.71 42.66 11.67
N TRP E 212 -50.25 43.92 11.55
CA TRP E 212 -50.02 44.51 10.23
C TRP E 212 -49.02 43.69 9.43
N PHE E 213 -47.90 43.32 10.06
CA PHE E 213 -46.94 42.44 9.41
C PHE E 213 -47.57 41.07 9.16
N ALA E 214 -48.37 40.59 10.10
CA ALA E 214 -49.11 39.35 9.93
C ALA E 214 -50.20 39.45 8.86
N SER E 215 -50.70 40.65 8.59
CA SER E 215 -51.81 40.81 7.65
C SER E 215 -51.44 40.44 6.22
N VAL E 216 -50.15 40.37 5.91
CA VAL E 216 -49.66 39.97 4.59
C VAL E 216 -48.89 38.66 4.76
N GLY E 217 -49.18 37.69 3.90
CA GLY E 217 -48.48 36.43 3.90
C GLY E 217 -49.34 35.29 4.40
N THR E 218 -48.75 34.09 4.34
CA THR E 218 -49.42 32.87 4.75
C THR E 218 -49.24 32.67 6.26
N GLU E 219 -49.70 31.52 6.77
CA GLU E 219 -49.63 31.26 8.20
C GLU E 219 -48.20 30.94 8.65
N LYS E 220 -47.40 30.29 7.79
CA LYS E 220 -46.06 29.89 8.18
C LYS E 220 -45.12 31.09 8.18
N SER E 221 -45.06 31.81 7.08
CA SER E 221 -44.27 33.03 6.96
C SER E 221 -45.19 34.17 6.56
N LYS E 222 -44.95 35.34 7.16
CA LYS E 222 -45.80 36.50 6.93
C LYS E 222 -44.99 37.63 6.32
N GLY E 223 -45.69 38.54 5.65
CA GLY E 223 -45.08 39.73 5.12
C GLY E 223 -44.70 39.66 3.65
N THR E 224 -43.72 40.48 3.26
CA THR E 224 -43.28 40.59 1.88
C THR E 224 -41.85 40.11 1.75
N LYS E 225 -41.43 39.88 0.51
CA LYS E 225 -40.06 39.45 0.23
C LYS E 225 -39.43 40.34 -0.83
N VAL E 226 -38.12 40.51 -0.72
CA VAL E 226 -37.31 41.23 -1.70
C VAL E 226 -36.37 40.24 -2.36
N PHE E 227 -36.11 40.47 -3.65
CA PHE E 227 -35.23 39.58 -4.41
C PHE E 227 -34.45 40.40 -5.42
N ALA E 228 -33.34 39.85 -5.88
CA ALA E 228 -32.47 40.49 -6.85
C ALA E 228 -32.69 39.81 -8.20
N LEU E 229 -33.67 40.31 -8.95
CA LEU E 229 -33.95 39.78 -10.27
C LEU E 229 -32.82 40.12 -11.23
N GLY E 230 -32.50 39.19 -12.12
CA GLY E 230 -31.42 39.40 -13.06
C GLY E 230 -31.32 38.27 -14.05
N GLY E 231 -30.29 38.34 -14.88
CA GLY E 231 -30.09 37.33 -15.92
C GLY E 231 -30.63 37.79 -17.25
N LYS E 232 -31.04 36.85 -18.10
CA LYS E 232 -31.62 37.18 -19.40
C LYS E 232 -33.05 37.68 -19.18
N ILE E 233 -33.15 38.95 -18.83
CA ILE E 233 -34.42 39.60 -18.54
C ILE E 233 -34.46 40.93 -19.28
N ASN E 234 -35.65 41.29 -19.79
CA ASN E 234 -35.81 42.56 -20.49
C ASN E 234 -35.54 43.74 -19.56
N ASN E 235 -36.04 43.68 -18.34
CA ASN E 235 -35.91 44.77 -17.38
C ASN E 235 -35.18 44.28 -16.14
N THR E 236 -34.15 45.01 -15.73
CA THR E 236 -33.37 44.68 -14.55
C THR E 236 -33.70 45.65 -13.42
N GLY E 237 -33.50 45.18 -12.20
CA GLY E 237 -33.77 46.00 -11.02
C GLY E 237 -34.02 45.14 -9.80
N LEU E 238 -34.85 45.66 -8.90
CA LEU E 238 -35.25 44.96 -7.69
C LEU E 238 -36.77 44.95 -7.59
N LEU E 239 -37.29 43.91 -6.95
CA LEU E 239 -38.73 43.76 -6.74
C LEU E 239 -39.02 43.56 -5.27
N GLU E 240 -40.12 44.17 -4.81
CA GLU E 240 -40.55 44.10 -3.41
C GLU E 240 -41.99 43.62 -3.44
N ILE E 241 -42.18 42.31 -3.44
CA ILE E 241 -43.52 41.76 -3.66
C ILE E 241 -43.97 40.97 -2.43
N PRO E 242 -45.25 41.00 -2.09
CA PRO E 242 -45.76 40.08 -1.07
C PRO E 242 -45.69 38.64 -1.54
N MET E 243 -45.44 37.74 -0.60
CA MET E 243 -45.30 36.33 -0.93
C MET E 243 -46.65 35.72 -1.30
N GLY E 244 -46.58 34.59 -2.00
CA GLY E 244 -47.73 33.99 -2.64
C GLY E 244 -47.80 34.24 -4.12
N THR E 245 -46.86 35.00 -4.68
CA THR E 245 -46.82 35.26 -6.11
C THR E 245 -46.25 34.05 -6.85
N THR E 246 -46.95 33.60 -7.88
CA THR E 246 -46.45 32.51 -8.70
C THR E 246 -45.31 32.98 -9.59
N LEU E 247 -44.38 32.07 -9.88
CA LEU E 247 -43.16 32.42 -10.60
C LEU E 247 -43.45 32.94 -12.01
N ARG E 248 -44.54 32.48 -12.62
CA ARG E 248 -44.89 32.93 -13.97
C ARG E 248 -45.17 34.43 -14.01
N GLU E 249 -45.84 34.95 -12.98
CA GLU E 249 -46.14 36.38 -12.93
C GLU E 249 -44.88 37.23 -12.85
N ILE E 250 -43.88 36.77 -12.09
CA ILE E 250 -42.63 37.53 -11.97
C ILE E 250 -41.92 37.62 -13.31
N ILE E 251 -41.83 36.50 -14.04
CA ILE E 251 -41.14 36.50 -15.33
C ILE E 251 -41.91 37.34 -16.35
N TYR E 252 -43.23 37.21 -16.39
CA TYR E 252 -44.03 37.79 -17.46
C TYR E 252 -44.71 39.10 -17.09
N GLU E 253 -45.52 39.10 -16.02
CA GLU E 253 -46.22 40.33 -15.66
C GLU E 253 -45.27 41.40 -15.14
N ILE E 254 -44.30 41.01 -14.31
CA ILE E 254 -43.37 41.98 -13.74
C ILE E 254 -42.10 42.09 -14.58
N GLY E 255 -41.51 40.95 -14.93
CA GLY E 255 -40.28 40.98 -15.70
C GLY E 255 -40.45 41.45 -17.14
N GLY E 256 -41.66 41.35 -17.67
CA GLY E 256 -41.93 41.73 -19.04
C GLY E 256 -41.66 40.64 -20.05
N GLY E 257 -41.15 39.49 -19.63
CA GLY E 257 -40.91 38.38 -20.51
C GLY E 257 -39.44 38.23 -20.89
N ILE E 258 -39.18 37.14 -21.59
CA ILE E 258 -37.81 36.82 -22.04
C ILE E 258 -37.39 37.83 -23.10
N PRO E 259 -36.20 38.42 -23.01
CA PRO E 259 -35.75 39.32 -24.08
C PRO E 259 -35.57 38.60 -25.40
N ASN E 260 -35.86 39.33 -26.49
CA ASN E 260 -35.74 38.86 -27.87
C ASN E 260 -36.63 37.65 -28.18
N GLY E 261 -37.63 37.40 -27.33
CA GLY E 261 -38.56 36.31 -27.58
C GLY E 261 -37.93 34.93 -27.57
N LYS E 262 -36.91 34.72 -26.74
CA LYS E 262 -36.29 33.42 -26.65
C LYS E 262 -37.19 32.46 -25.86
N ALA E 263 -36.82 31.18 -25.87
CA ALA E 263 -37.55 30.15 -25.14
C ALA E 263 -36.96 30.01 -23.74
N PHE E 264 -37.81 30.17 -22.73
CA PHE E 264 -37.36 29.99 -21.35
C PHE E 264 -37.03 28.52 -21.08
N LYS E 265 -35.93 28.30 -20.37
CA LYS E 265 -35.46 26.94 -20.10
C LYS E 265 -35.44 26.62 -18.60
N ALA E 266 -34.75 27.43 -17.80
CA ALA E 266 -34.66 27.19 -16.36
C ALA E 266 -34.39 28.52 -15.66
N ALA E 267 -34.70 28.55 -14.37
CA ALA E 267 -34.56 29.76 -13.57
C ALA E 267 -33.73 29.46 -12.33
N GLN E 268 -32.70 30.29 -12.10
CA GLN E 268 -31.79 30.10 -10.99
C GLN E 268 -32.27 30.86 -9.77
N THR E 269 -32.12 30.25 -8.60
CA THR E 269 -32.49 30.86 -7.33
C THR E 269 -31.36 30.69 -6.33
N GLY E 270 -31.35 31.56 -5.32
CA GLY E 270 -30.54 31.36 -4.14
C GLY E 270 -29.04 31.42 -4.34
N GLY E 271 -28.57 32.15 -5.35
CA GLY E 271 -27.15 32.29 -5.59
C GLY E 271 -26.52 30.99 -6.07
N PRO E 272 -25.19 30.89 -5.96
CA PRO E 272 -24.51 29.64 -6.33
C PRO E 272 -24.80 28.49 -5.38
N SER E 273 -25.51 28.74 -4.29
CA SER E 273 -25.91 27.70 -3.36
C SER E 273 -27.30 27.13 -3.66
N GLY E 274 -27.99 27.65 -4.66
CA GLY E 274 -29.34 27.23 -4.95
C GLY E 274 -29.47 26.19 -6.05
N GLY E 275 -30.30 26.49 -7.05
CA GLY E 275 -30.51 25.54 -8.12
C GLY E 275 -31.26 26.18 -9.26
N CYS E 276 -31.59 25.35 -10.26
CA CYS E 276 -32.30 25.79 -11.46
C CYS E 276 -33.73 25.29 -11.42
N LEU E 277 -34.68 26.19 -11.70
CA LEU E 277 -36.10 25.86 -11.69
C LEU E 277 -36.65 25.89 -13.10
N PRO E 278 -37.10 24.76 -13.66
CA PRO E 278 -37.56 24.76 -15.06
C PRO E 278 -39.00 25.24 -15.22
N GLU E 279 -39.50 25.15 -16.46
CA GLU E 279 -40.82 25.65 -16.80
C GLU E 279 -41.95 24.81 -16.22
N SER E 280 -41.67 23.59 -15.74
CA SER E 280 -42.70 22.79 -15.11
C SER E 280 -43.16 23.37 -13.77
N LEU E 281 -42.41 24.33 -13.22
CA LEU E 281 -42.71 24.91 -11.93
C LEU E 281 -42.92 26.42 -12.02
N LEU E 282 -43.41 26.90 -13.17
CA LEU E 282 -43.71 28.32 -13.31
C LEU E 282 -44.84 28.79 -12.42
N ASP E 283 -45.72 27.89 -11.99
CA ASP E 283 -46.84 28.23 -11.12
C ASP E 283 -46.60 27.83 -9.67
N THR E 284 -45.36 27.49 -9.31
CA THR E 284 -45.07 27.08 -7.96
C THR E 284 -45.15 28.27 -7.00
N GLU E 285 -45.81 28.05 -5.86
CA GLU E 285 -45.82 29.05 -4.80
C GLU E 285 -44.43 29.16 -4.20
N ILE E 286 -43.85 30.35 -4.29
CA ILE E 286 -42.46 30.56 -3.89
C ILE E 286 -42.41 31.06 -2.45
N ASP E 287 -41.88 30.22 -1.57
CA ASP E 287 -41.64 30.54 -0.16
C ASP E 287 -40.65 29.50 0.39
N TYR E 288 -40.58 29.39 1.72
CA TYR E 288 -39.60 28.52 2.36
C TYR E 288 -39.77 27.05 1.98
N ASP E 289 -40.88 26.45 2.41
CA ASP E 289 -40.99 24.99 2.39
C ASP E 289 -41.13 24.43 0.98
N ASN E 290 -41.74 25.21 0.07
CA ASN E 290 -41.94 24.70 -1.29
C ASN E 290 -40.62 24.55 -2.03
N LEU E 291 -39.70 25.49 -1.87
CA LEU E 291 -38.43 25.43 -2.60
C LEU E 291 -37.49 24.37 -2.01
N ILE E 292 -37.48 24.21 -0.69
CA ILE E 292 -36.67 23.15 -0.11
C ILE E 292 -37.24 21.78 -0.48
N ALA E 293 -38.55 21.70 -0.72
CA ALA E 293 -39.11 20.52 -1.37
C ALA E 293 -38.62 20.40 -2.80
N ALA E 294 -38.50 21.54 -3.50
CA ALA E 294 -38.00 21.54 -4.87
C ALA E 294 -36.48 21.52 -4.94
N GLY E 295 -35.79 21.71 -3.81
CA GLY E 295 -34.35 21.58 -3.76
C GLY E 295 -33.56 22.87 -3.85
N SER E 296 -34.11 24.00 -3.39
CA SER E 296 -33.39 25.26 -3.40
C SER E 296 -33.80 26.08 -2.18
N MET E 297 -33.16 27.24 -2.03
CA MET E 297 -33.39 28.11 -0.89
C MET E 297 -33.27 29.56 -1.35
N MET E 298 -33.47 30.49 -0.41
CA MET E 298 -33.36 31.90 -0.75
C MET E 298 -31.91 32.33 -0.93
N GLY E 299 -30.99 31.70 -0.21
CA GLY E 299 -29.62 32.18 -0.20
C GLY E 299 -29.56 33.58 0.41
N SER E 300 -29.03 34.53 -0.36
CA SER E 300 -29.17 35.94 -0.02
C SER E 300 -30.29 36.61 -0.81
N GLY E 301 -30.94 35.89 -1.72
CA GLY E 301 -32.05 36.43 -2.47
C GLY E 301 -31.79 36.60 -3.95
N GLY E 302 -30.93 35.75 -4.50
CA GLY E 302 -30.54 35.85 -5.90
C GLY E 302 -31.50 35.13 -6.84
N LEU E 303 -31.82 35.80 -7.95
CA LEU E 303 -32.71 35.26 -8.97
C LEU E 303 -32.10 35.53 -10.34
N ILE E 304 -31.77 34.47 -11.08
CA ILE E 304 -31.26 34.56 -12.43
C ILE E 304 -32.11 33.70 -13.34
N VAL E 305 -32.47 34.23 -14.51
CA VAL E 305 -33.32 33.54 -15.47
C VAL E 305 -32.48 33.11 -16.66
N MET E 306 -32.66 31.87 -17.10
CA MET E 306 -31.93 31.30 -18.22
C MET E 306 -32.90 30.98 -19.34
N ASP E 307 -32.41 31.01 -20.56
CA ASP E 307 -33.22 30.77 -21.75
C ASP E 307 -32.70 29.54 -22.51
N GLU E 308 -33.23 29.37 -23.73
CA GLU E 308 -32.87 28.22 -24.56
C GLU E 308 -31.39 28.22 -24.94
N ASP E 309 -30.76 29.39 -25.05
CA ASP E 309 -29.41 29.48 -25.58
C ASP E 309 -28.35 28.97 -24.63
N ASN E 310 -28.68 28.79 -23.35
CA ASN E 310 -27.69 28.41 -22.35
C ASN E 310 -27.69 26.90 -22.17
N CYS E 311 -26.51 26.30 -22.34
CA CYS E 311 -26.34 24.88 -22.06
C CYS E 311 -26.20 24.69 -20.55
N MET E 312 -27.04 23.82 -19.97
CA MET E 312 -27.02 23.63 -18.53
C MET E 312 -25.73 22.97 -18.05
N VAL E 313 -25.03 22.26 -18.93
CA VAL E 313 -23.78 21.62 -18.53
C VAL E 313 -22.75 22.67 -18.15
N ASP E 314 -22.66 23.74 -18.94
CA ASP E 314 -21.68 24.78 -18.67
C ASP E 314 -22.01 25.54 -17.39
N VAL E 315 -23.27 25.93 -17.22
CA VAL E 315 -23.64 26.72 -16.04
C VAL E 315 -23.53 25.88 -14.78
N ALA E 316 -23.73 24.57 -14.88
CA ALA E 316 -23.51 23.68 -13.74
C ALA E 316 -22.05 23.72 -13.30
N ARG E 317 -21.13 23.66 -14.26
CA ARG E 317 -19.72 23.86 -13.94
C ARG E 317 -19.48 25.27 -13.41
N PHE E 318 -20.14 26.27 -14.00
CA PHE E 318 -19.92 27.65 -13.61
C PHE E 318 -20.37 27.93 -12.19
N PHE E 319 -21.35 27.18 -11.68
CA PHE E 319 -21.67 27.26 -10.26
C PHE E 319 -20.65 26.49 -9.43
N LEU E 320 -20.25 25.33 -9.93
CA LEU E 320 -19.46 24.40 -9.11
C LEU E 320 -18.03 24.90 -8.92
N ASP E 321 -17.42 25.44 -9.98
CA ASP E 321 -16.05 25.92 -9.86
C ASP E 321 -15.94 27.13 -8.95
N PHE E 322 -17.02 27.90 -8.81
CA PHE E 322 -17.05 28.98 -7.84
C PHE E 322 -16.78 28.46 -6.43
N THR E 323 -17.49 27.40 -6.05
CA THR E 323 -17.35 26.86 -4.70
C THR E 323 -15.95 26.32 -4.46
N GLN E 324 -15.34 25.73 -5.49
CA GLN E 324 -13.97 25.26 -5.37
C GLN E 324 -13.02 26.41 -5.06
N ASP E 325 -13.32 27.60 -5.55
CA ASP E 325 -12.45 28.75 -5.30
C ASP E 325 -12.60 29.28 -3.87
N GLU E 326 -13.82 29.26 -3.33
CA GLU E 326 -14.10 29.93 -2.06
C GLU E 326 -14.01 29.02 -0.84
N SER E 327 -13.82 27.71 -1.03
CA SER E 327 -13.75 26.79 0.10
C SER E 327 -12.59 27.15 1.02
N CYS E 328 -12.85 27.12 2.34
CA CYS E 328 -11.78 27.44 3.28
C CYS E 328 -10.81 26.28 3.47
N GLY E 329 -11.29 25.05 3.49
CA GLY E 329 -10.42 23.91 3.32
C GLY E 329 -10.13 23.03 4.52
N LYS E 330 -10.98 23.01 5.56
CA LYS E 330 -10.73 22.04 6.62
C LYS E 330 -11.28 20.67 6.27
N CYS E 331 -12.59 20.55 6.10
CA CYS E 331 -13.10 19.20 6.03
C CYS E 331 -12.90 18.62 4.64
N PRO E 332 -12.51 17.35 4.55
CA PRO E 332 -12.18 16.75 3.26
C PRO E 332 -13.30 16.80 2.23
N PRO E 333 -14.59 16.74 2.62
CA PRO E 333 -15.63 16.99 1.60
C PRO E 333 -15.53 18.33 0.90
N CYS E 334 -15.41 19.44 1.64
CA CYS E 334 -15.34 20.73 0.96
C CYS E 334 -13.99 20.99 0.30
N ARG E 335 -12.99 20.14 0.54
CA ARG E 335 -11.67 20.30 -0.07
C ARG E 335 -11.51 19.42 -1.31
N ILE E 336 -11.66 18.11 -1.14
CA ILE E 336 -11.35 17.18 -2.21
C ILE E 336 -12.57 16.87 -3.05
N GLY E 337 -13.73 16.73 -2.40
CA GLY E 337 -14.94 16.35 -3.12
C GLY E 337 -15.33 17.34 -4.20
N THR E 338 -15.16 18.64 -3.95
CA THR E 338 -15.50 19.64 -4.95
C THR E 338 -14.60 19.54 -6.18
N LYS E 339 -13.29 19.40 -5.96
CA LYS E 339 -12.41 19.22 -7.11
C LYS E 339 -12.66 17.89 -7.81
N ARG E 340 -13.05 16.85 -7.08
CA ARG E 340 -13.46 15.63 -7.74
C ARG E 340 -14.69 15.85 -8.60
N MET E 341 -15.63 16.66 -8.11
CA MET E 341 -16.81 17.02 -8.91
C MET E 341 -16.41 17.82 -10.15
N LEU E 342 -15.49 18.77 -9.99
CA LEU E 342 -15.02 19.55 -11.13
C LEU E 342 -14.35 18.67 -12.17
N GLU E 343 -13.62 17.65 -11.72
CA GLU E 343 -12.83 16.82 -12.62
C GLU E 343 -13.69 15.92 -13.50
N ILE E 344 -14.97 15.75 -13.17
CA ILE E 344 -15.86 14.91 -13.97
C ILE E 344 -16.59 15.72 -15.03
N LEU E 345 -17.07 16.92 -14.65
CA LEU E 345 -17.96 17.67 -15.54
C LEU E 345 -17.27 18.13 -16.80
N GLU E 346 -16.07 18.70 -16.68
CA GLU E 346 -15.43 19.31 -17.85
C GLU E 346 -15.02 18.27 -18.86
N ARG E 347 -14.75 17.03 -18.42
CA ARG E 347 -14.46 15.96 -19.36
C ARG E 347 -15.68 15.63 -20.20
N ILE E 348 -16.87 15.72 -19.60
CA ILE E 348 -18.10 15.63 -20.38
C ILE E 348 -18.17 16.78 -21.37
N CYS E 349 -17.79 17.98 -20.92
CA CYS E 349 -17.68 19.11 -21.84
C CYS E 349 -16.56 18.89 -22.86
N ASP E 350 -15.49 18.21 -22.46
CA ASP E 350 -14.39 17.92 -23.37
C ASP E 350 -14.54 16.58 -24.09
N GLY E 351 -15.56 15.80 -23.76
CA GLY E 351 -15.87 14.59 -24.50
C GLY E 351 -15.11 13.35 -24.09
N LYS E 352 -14.21 13.43 -23.11
CA LYS E 352 -13.48 12.25 -22.66
C LYS E 352 -14.23 11.45 -21.61
N GLY E 353 -15.40 11.91 -21.17
CA GLY E 353 -16.19 11.14 -20.24
C GLY E 353 -16.80 9.91 -20.87
N VAL E 354 -17.20 8.97 -20.00
CA VAL E 354 -17.77 7.71 -20.45
C VAL E 354 -19.14 7.51 -19.80
N GLU E 355 -19.79 6.39 -20.10
CA GLU E 355 -21.09 6.10 -19.53
C GLU E 355 -20.96 5.72 -18.06
N GLY E 356 -22.06 5.93 -17.33
CA GLY E 356 -22.10 5.62 -15.92
C GLY E 356 -21.54 6.67 -15.00
N ASP E 357 -21.02 7.78 -15.55
CA ASP E 357 -20.44 8.82 -14.70
C ASP E 357 -21.51 9.62 -13.97
N ILE E 358 -22.72 9.67 -14.51
CA ILE E 358 -23.81 10.38 -13.86
C ILE E 358 -24.17 9.71 -12.53
N GLU E 359 -24.17 8.38 -12.51
CA GLU E 359 -24.36 7.66 -11.26
C GLU E 359 -23.18 7.86 -10.32
N ARG E 360 -21.97 7.99 -10.87
CA ARG E 360 -20.82 8.34 -10.04
C ARG E 360 -20.97 9.72 -9.42
N LEU E 361 -21.73 10.60 -10.07
CA LEU E 361 -21.96 11.93 -9.51
C LEU E 361 -22.79 11.85 -8.24
N GLU E 362 -23.89 11.10 -8.27
CA GLU E 362 -24.86 11.19 -7.18
C GLU E 362 -24.36 10.51 -5.91
N GLU E 363 -23.56 9.45 -6.03
CA GLU E 363 -23.07 8.77 -4.83
C GLU E 363 -22.17 9.68 -4.00
N LEU E 364 -21.31 10.47 -4.66
CA LEU E 364 -20.57 11.51 -3.95
C LEU E 364 -21.50 12.55 -3.37
N ALA E 365 -22.49 12.98 -4.15
CA ALA E 365 -23.29 14.16 -3.79
C ALA E 365 -24.07 13.93 -2.51
N VAL E 366 -24.67 12.75 -2.35
CA VAL E 366 -25.40 12.46 -1.11
C VAL E 366 -24.42 12.34 0.05
N GLY E 367 -23.25 11.73 -0.18
CA GLY E 367 -22.27 11.59 0.89
C GLY E 367 -21.70 12.92 1.33
N ILE E 368 -21.35 13.78 0.37
CA ILE E 368 -20.79 15.09 0.71
C ILE E 368 -21.84 15.97 1.39
N LYS E 369 -23.11 15.79 1.03
CA LYS E 369 -24.17 16.60 1.62
C LYS E 369 -24.27 16.37 3.13
N SER E 370 -24.10 15.13 3.57
CA SER E 370 -24.35 14.76 4.95
C SER E 370 -23.09 14.71 5.81
N SER E 371 -21.92 15.08 5.28
CA SER E 371 -20.69 14.89 6.03
C SER E 371 -19.75 16.10 5.94
N ALA E 372 -20.28 17.30 5.73
CA ALA E 372 -19.48 18.51 5.71
C ALA E 372 -19.81 19.38 6.91
N LEU E 373 -18.91 20.31 7.21
CA LEU E 373 -19.04 21.20 8.36
C LEU E 373 -19.57 22.58 7.98
N CYS E 374 -18.90 23.24 7.03
CA CYS E 374 -19.31 24.57 6.59
C CYS E 374 -20.67 24.52 5.90
N GLY E 375 -21.32 25.67 5.83
CA GLY E 375 -22.57 25.75 5.09
C GLY E 375 -22.39 25.48 3.60
N LEU E 376 -21.23 25.82 3.04
CA LEU E 376 -20.98 25.57 1.62
C LEU E 376 -21.02 24.09 1.30
N GLY E 377 -20.53 23.25 2.23
CA GLY E 377 -20.50 21.83 1.97
C GLY E 377 -21.88 21.23 1.77
N GLN E 378 -22.86 21.70 2.55
CA GLN E 378 -24.24 21.27 2.34
C GLN E 378 -24.75 21.71 0.97
N THR E 379 -24.55 22.97 0.62
CA THR E 379 -25.16 23.57 -0.55
C THR E 379 -24.30 23.44 -1.81
N ALA E 380 -23.15 22.79 -1.73
CA ALA E 380 -22.31 22.66 -2.91
C ALA E 380 -22.96 21.89 -4.06
N PRO E 381 -23.53 20.69 -3.86
CA PRO E 381 -24.05 19.96 -5.02
C PRO E 381 -25.50 20.28 -5.38
N ASN E 382 -26.19 21.09 -4.57
CA ASN E 382 -27.59 21.40 -4.88
C ASN E 382 -27.81 22.01 -6.27
N PRO E 383 -26.97 22.90 -6.79
CA PRO E 383 -27.13 23.27 -8.20
C PRO E 383 -27.01 22.08 -9.14
N VAL E 384 -26.11 21.15 -8.84
CA VAL E 384 -25.94 19.98 -9.69
C VAL E 384 -27.13 19.03 -9.54
N LEU E 385 -27.61 18.83 -8.31
CA LEU E 385 -28.78 17.98 -8.10
C LEU E 385 -30.04 18.60 -8.70
N SER E 386 -30.11 19.94 -8.73
CA SER E 386 -31.27 20.59 -9.34
C SER E 386 -31.36 20.30 -10.82
N THR E 387 -30.22 20.29 -11.51
CA THR E 387 -30.25 20.11 -12.96
C THR E 387 -30.32 18.65 -13.39
N ILE E 388 -29.76 17.73 -12.61
CA ILE E 388 -29.84 16.33 -13.02
C ILE E 388 -31.24 15.77 -12.78
N ARG E 389 -32.01 16.34 -11.86
CA ARG E 389 -33.31 15.78 -11.52
C ARG E 389 -34.32 16.04 -12.64
N PHE E 390 -34.25 17.21 -13.26
CA PHE E 390 -35.22 17.60 -14.27
C PHE E 390 -34.66 17.68 -15.68
N PHE E 391 -33.36 17.97 -15.83
CA PHE E 391 -32.71 18.12 -17.13
C PHE E 391 -31.68 17.02 -17.37
N ARG E 392 -32.02 15.79 -17.00
CA ARG E 392 -31.11 14.67 -17.21
C ARG E 392 -30.95 14.33 -18.69
N ASP E 393 -31.92 14.68 -19.52
CA ASP E 393 -31.90 14.28 -20.92
C ASP E 393 -30.79 14.97 -21.72
N GLU E 394 -30.50 16.24 -21.42
CA GLU E 394 -29.47 16.92 -22.20
C GLU E 394 -28.07 16.35 -21.98
N TYR E 395 -27.84 15.64 -20.87
CA TYR E 395 -26.54 14.99 -20.69
C TYR E 395 -26.31 13.90 -21.72
N GLU E 396 -27.36 13.14 -22.05
CA GLU E 396 -27.25 12.10 -23.07
C GLU E 396 -26.81 12.67 -24.41
N ALA E 397 -27.18 13.92 -24.70
CA ALA E 397 -26.66 14.58 -25.89
C ALA E 397 -25.15 14.75 -25.82
N HIS E 398 -24.64 15.16 -24.64
CA HIS E 398 -23.20 15.30 -24.49
C HIS E 398 -22.49 13.97 -24.28
N ILE E 399 -23.15 12.98 -23.67
CA ILE E 399 -22.53 11.69 -23.47
C ILE E 399 -22.62 10.83 -24.73
N ARG E 400 -23.83 10.62 -25.24
CA ARG E 400 -24.02 9.71 -26.36
C ARG E 400 -23.87 10.40 -27.71
N ASP E 401 -24.66 11.45 -27.95
CA ASP E 401 -24.62 12.13 -29.23
C ASP E 401 -23.33 12.93 -29.39
N LYS E 402 -22.68 13.27 -28.28
CA LYS E 402 -21.48 14.11 -28.28
C LYS E 402 -21.74 15.44 -28.98
N LYS E 403 -22.90 16.02 -28.71
CA LYS E 403 -23.28 17.31 -29.26
C LYS E 403 -23.87 18.20 -28.18
N CYS E 404 -23.66 19.51 -28.35
CA CYS E 404 -24.32 20.50 -27.52
C CYS E 404 -25.45 21.11 -28.32
N PRO E 405 -26.71 20.87 -27.95
CA PRO E 405 -27.83 21.49 -28.70
C PRO E 405 -27.78 23.00 -28.67
N ALA E 406 -27.29 23.60 -27.58
CA ALA E 406 -27.16 25.05 -27.51
C ALA E 406 -25.91 25.56 -28.22
N GLY E 407 -25.02 24.66 -28.67
CA GLY E 407 -23.81 25.09 -29.34
C GLY E 407 -22.81 25.78 -28.44
N VAL E 408 -22.85 25.52 -27.14
CA VAL E 408 -21.96 26.19 -26.20
C VAL E 408 -20.70 25.38 -25.94
N CYS E 409 -20.83 24.06 -25.77
CA CYS E 409 -19.71 23.19 -25.47
C CYS E 409 -18.69 23.21 -26.60
N LYS E 410 -17.51 23.77 -26.33
CA LYS E 410 -16.60 24.16 -27.40
C LYS E 410 -16.00 22.96 -28.13
N HIS E 411 -15.54 21.96 -27.38
CA HIS E 411 -14.78 20.88 -27.99
C HIS E 411 -15.64 19.83 -28.65
N LEU E 412 -16.96 19.92 -28.56
CA LEU E 412 -17.84 18.93 -29.18
C LEU E 412 -18.73 19.51 -30.27
N LEU E 413 -18.80 20.82 -30.41
CA LEU E 413 -19.56 21.41 -31.51
C LEU E 413 -18.79 21.28 -32.81
N ASP E 414 -19.39 21.75 -33.89
CA ASP E 414 -18.74 21.71 -35.19
C ASP E 414 -19.19 22.92 -35.99
N PHE E 415 -18.46 23.22 -37.06
CA PHE E 415 -18.78 24.31 -37.96
C PHE E 415 -19.09 23.78 -39.35
N LYS E 416 -20.22 24.24 -39.90
CA LYS E 416 -20.63 24.07 -41.28
C LYS E 416 -20.95 25.45 -41.85
N ILE E 417 -20.49 25.71 -43.05
CA ILE E 417 -20.78 26.99 -43.70
C ILE E 417 -22.10 26.87 -44.46
N ASN E 418 -22.75 28.01 -44.67
CA ASN E 418 -23.97 28.07 -45.46
C ASN E 418 -23.57 28.32 -46.91
N ALA E 419 -23.57 27.25 -47.71
CA ALA E 419 -23.11 27.34 -49.10
C ALA E 419 -24.00 28.26 -49.93
N ASP E 420 -25.26 28.44 -49.53
CA ASP E 420 -26.16 29.31 -50.29
C ASP E 420 -25.85 30.79 -50.06
N THR E 421 -25.26 31.12 -48.91
CA THR E 421 -24.92 32.50 -48.59
C THR E 421 -23.42 32.79 -48.68
N CYS E 422 -22.58 31.78 -48.42
CA CYS E 422 -21.13 31.97 -48.46
C CYS E 422 -20.68 32.29 -49.89
N LYS E 423 -20.11 33.48 -50.06
CA LYS E 423 -19.60 33.86 -51.37
C LYS E 423 -18.29 33.17 -51.68
N GLY E 424 -17.49 32.85 -50.66
CA GLY E 424 -16.23 32.17 -50.87
C GLY E 424 -15.03 33.09 -50.94
N CYS E 425 -15.00 34.10 -50.07
CA CYS E 425 -13.89 35.05 -50.09
C CYS E 425 -12.60 34.48 -49.51
N GLY E 426 -12.70 33.46 -48.64
CA GLY E 426 -11.51 32.81 -48.12
C GLY E 426 -10.84 33.50 -46.95
N ILE E 427 -11.47 34.52 -46.38
CA ILE E 427 -10.88 35.19 -45.21
C ILE E 427 -10.84 34.25 -44.02
N CYS E 428 -11.85 33.38 -43.90
CA CYS E 428 -11.87 32.38 -42.85
C CYS E 428 -10.68 31.43 -42.96
N ALA E 429 -10.29 31.09 -44.20
CA ALA E 429 -9.08 30.30 -44.40
C ALA E 429 -7.85 31.06 -43.90
N LYS E 430 -7.80 32.37 -44.14
CA LYS E 430 -6.70 33.19 -43.64
C LYS E 430 -6.69 33.24 -42.12
N LYS E 431 -7.88 33.27 -41.50
CA LYS E 431 -8.00 33.38 -40.06
C LYS E 431 -8.12 32.02 -39.37
N CYS E 432 -7.96 30.93 -40.11
CA CYS E 432 -7.96 29.61 -39.49
C CYS E 432 -6.56 29.28 -39.01
N PRO E 433 -6.35 29.16 -37.70
CA PRO E 433 -5.00 28.91 -37.19
C PRO E 433 -4.52 27.48 -37.41
N ALA E 434 -5.42 26.52 -37.50
CA ALA E 434 -5.06 25.12 -37.65
C ALA E 434 -4.90 24.71 -39.11
N ASP E 435 -5.03 25.65 -40.05
CA ASP E 435 -4.94 25.38 -41.49
C ASP E 435 -5.97 24.33 -41.90
N ALA E 436 -7.18 24.45 -41.36
CA ALA E 436 -8.23 23.48 -41.59
C ALA E 436 -9.18 23.84 -42.73
N ILE E 437 -9.05 25.02 -43.32
CA ILE E 437 -9.99 25.53 -44.30
C ILE E 437 -9.30 25.55 -45.66
N SER E 438 -9.92 24.92 -46.65
CA SER E 438 -9.37 24.91 -48.01
C SER E 438 -10.49 25.14 -49.01
N GLY E 439 -10.13 25.67 -50.17
CA GLY E 439 -11.12 25.91 -51.20
C GLY E 439 -10.63 26.97 -52.18
N GLU E 440 -11.54 27.30 -53.10
CA GLU E 440 -11.24 28.22 -54.19
C GLU E 440 -12.16 29.43 -54.11
N LYS E 441 -11.70 30.54 -54.71
CA LYS E 441 -12.45 31.78 -54.71
C LYS E 441 -13.74 31.64 -55.51
N LYS E 442 -14.75 32.43 -55.13
CA LYS E 442 -16.10 32.49 -55.67
C LYS E 442 -16.90 31.24 -55.30
N LYS E 443 -16.26 30.21 -54.74
CA LYS E 443 -16.88 28.98 -54.29
C LYS E 443 -16.75 28.86 -52.78
N PRO E 444 -17.80 28.39 -52.08
CA PRO E 444 -17.65 28.08 -50.66
C PRO E 444 -16.55 27.05 -50.43
N TYR E 445 -15.77 27.29 -49.38
CA TYR E 445 -14.58 26.51 -49.10
C TYR E 445 -14.97 25.16 -48.48
N ASN E 446 -13.98 24.29 -48.30
CA ASN E 446 -14.18 23.03 -47.57
C ASN E 446 -13.26 23.02 -46.35
N ILE E 447 -13.77 22.47 -45.25
CA ILE E 447 -13.11 22.56 -43.95
C ILE E 447 -12.81 21.16 -43.43
N ASP E 448 -11.62 20.98 -42.89
CA ASP E 448 -11.24 19.73 -42.23
C ASP E 448 -11.61 19.86 -40.76
N THR E 449 -12.72 19.22 -40.38
CA THR E 449 -13.16 19.26 -38.99
C THR E 449 -12.14 18.59 -38.07
N SER E 450 -11.51 17.51 -38.55
CA SER E 450 -10.49 16.82 -37.76
C SER E 450 -9.27 17.71 -37.50
N LYS E 451 -9.02 18.72 -38.34
CA LYS E 451 -7.90 19.61 -38.14
C LYS E 451 -8.22 20.77 -37.20
N CYS E 452 -9.48 21.19 -37.14
CA CYS E 452 -9.84 22.35 -36.32
C CYS E 452 -9.56 22.11 -34.84
N ILE E 453 -9.00 23.14 -34.20
CA ILE E 453 -8.94 23.19 -32.73
C ILE E 453 -10.27 23.63 -32.17
N LYS E 454 -11.24 23.94 -33.04
CA LYS E 454 -12.55 24.51 -32.67
C LYS E 454 -12.38 25.83 -31.93
N CYS E 455 -11.38 26.61 -32.36
CA CYS E 455 -11.14 27.91 -31.76
C CYS E 455 -12.30 28.87 -32.03
N GLY E 456 -12.83 28.86 -33.25
CA GLY E 456 -13.90 29.75 -33.61
C GLY E 456 -13.48 31.05 -34.26
N ALA E 457 -12.22 31.19 -34.66
CA ALA E 457 -11.77 32.42 -35.30
C ALA E 457 -12.37 32.58 -36.69
N CYS E 458 -12.82 31.50 -37.33
CA CYS E 458 -13.34 31.59 -38.69
C CYS E 458 -14.76 32.14 -38.74
N ILE E 459 -15.58 31.83 -37.73
CA ILE E 459 -17.00 32.16 -37.79
C ILE E 459 -17.21 33.67 -37.80
N GLU E 460 -16.39 34.41 -37.03
CA GLU E 460 -16.43 35.87 -37.09
C GLU E 460 -15.66 36.42 -38.27
N ALA E 461 -14.80 35.61 -38.89
CA ALA E 461 -14.05 36.03 -40.07
C ALA E 461 -14.90 36.07 -41.32
N CYS E 462 -16.11 35.52 -41.30
CA CYS E 462 -16.94 35.50 -42.48
C CYS E 462 -17.71 36.81 -42.61
N PRO E 463 -17.54 37.56 -43.70
CA PRO E 463 -18.26 38.84 -43.83
C PRO E 463 -19.77 38.68 -44.01
N PHE E 464 -20.24 37.50 -44.39
CA PHE E 464 -21.66 37.26 -44.61
C PHE E 464 -22.32 36.50 -43.47
N GLY E 465 -21.55 36.06 -42.48
CA GLY E 465 -22.10 35.28 -41.38
C GLY E 465 -22.68 33.94 -41.79
N SER E 466 -22.04 33.28 -42.75
CA SER E 466 -22.54 32.02 -43.28
C SER E 466 -22.06 30.79 -42.51
N ILE E 467 -21.09 30.95 -41.61
CA ILE E 467 -20.58 29.82 -40.84
C ILE E 467 -21.56 29.53 -39.70
N SER E 468 -22.04 28.29 -39.64
CA SER E 468 -23.03 27.89 -38.65
C SER E 468 -22.46 26.84 -37.73
N LYS E 469 -22.79 26.93 -36.45
CA LYS E 469 -22.40 25.91 -35.49
C LYS E 469 -23.19 24.63 -35.75
N ALA E 470 -22.49 23.50 -35.68
CA ALA E 470 -23.13 22.20 -35.93
C ALA E 470 -22.90 21.25 -34.76
N MET F 1 -4.36 60.71 -5.07
CA MET F 1 -3.81 59.45 -4.59
C MET F 1 -2.49 59.66 -3.87
N ALA F 2 -2.41 59.17 -2.63
CA ALA F 2 -1.17 59.24 -1.88
C ALA F 2 -0.15 58.27 -2.46
N GLU F 3 1.11 58.70 -2.50
CA GLU F 3 2.18 57.87 -3.03
C GLU F 3 2.43 56.67 -2.12
N LEU F 4 2.72 55.52 -2.74
CA LEU F 4 3.02 54.33 -1.96
C LEU F 4 4.36 54.49 -1.24
N ILE F 5 4.38 54.14 0.03
CA ILE F 5 5.62 54.21 0.81
C ILE F 5 6.55 53.09 0.37
N PRO F 6 7.84 53.35 0.16
CA PRO F 6 8.77 52.25 -0.11
C PRO F 6 8.78 51.27 1.06
N VAL F 7 8.86 49.98 0.72
CA VAL F 7 8.67 48.92 1.71
C VAL F 7 9.82 48.82 2.70
N GLU F 8 10.95 49.47 2.43
CA GLU F 8 12.08 49.44 3.35
C GLU F 8 11.94 50.40 4.52
N ASN F 9 10.97 51.32 4.48
CA ASN F 9 10.77 52.30 5.55
C ASN F 9 9.85 51.67 6.60
N LEU F 10 10.46 51.19 7.68
CA LEU F 10 9.74 50.44 8.70
C LEU F 10 9.25 51.31 9.86
N ASP F 11 9.56 52.60 9.85
CA ASP F 11 9.08 53.49 10.91
C ASP F 11 7.57 53.61 10.90
N VAL F 12 6.97 53.64 9.70
CA VAL F 12 5.52 53.69 9.58
C VAL F 12 4.91 52.41 10.14
N VAL F 13 5.56 51.27 9.92
CA VAL F 13 5.07 49.99 10.45
C VAL F 13 5.07 50.02 11.98
N LYS F 14 6.16 50.51 12.58
CA LYS F 14 6.21 50.63 14.03
C LYS F 14 5.17 51.60 14.55
N ALA F 15 4.94 52.71 13.85
CA ALA F 15 3.95 53.68 14.29
C ALA F 15 2.53 53.11 14.25
N ILE F 16 2.19 52.41 13.16
CA ILE F 16 0.84 51.86 13.05
C ILE F 16 0.67 50.69 14.00
N VAL F 17 1.75 50.02 14.39
CA VAL F 17 1.66 49.08 15.50
C VAL F 17 1.35 49.83 16.80
N ALA F 18 2.11 50.91 17.05
CA ALA F 18 2.06 51.59 18.34
C ALA F 18 0.69 52.21 18.59
N GLU F 19 0.06 52.74 17.55
CA GLU F 19 -1.26 53.34 17.74
C GLU F 19 -2.40 52.32 17.71
N HIS F 20 -2.11 51.03 17.48
CA HIS F 20 -3.17 50.05 17.32
C HIS F 20 -3.02 48.81 18.22
N ARG F 21 -2.04 48.76 19.11
CA ARG F 21 -1.88 47.57 19.95
C ARG F 21 -3.07 47.36 20.87
N GLU F 22 -3.63 48.44 21.41
CA GLU F 22 -4.75 48.32 22.35
C GLU F 22 -6.02 47.81 21.68
N VAL F 23 -6.12 47.87 20.36
CA VAL F 23 -7.31 47.45 19.64
C VAL F 23 -7.36 45.92 19.58
N PRO F 24 -8.44 45.29 20.07
CA PRO F 24 -8.57 43.84 19.91
C PRO F 24 -8.71 43.44 18.45
N GLY F 25 -8.08 42.32 18.10
CA GLY F 25 -8.12 41.82 16.74
C GLY F 25 -7.54 42.77 15.72
N CYS F 26 -6.44 43.44 16.07
CA CYS F 26 -5.90 44.51 15.24
C CYS F 26 -5.12 44.01 14.03
N LEU F 27 -4.89 42.71 13.91
CA LEU F 27 -4.07 42.18 12.82
C LEU F 27 -4.68 42.53 11.46
N MET F 28 -5.99 42.30 11.30
CA MET F 28 -6.67 42.59 10.04
C MET F 28 -6.59 44.06 9.67
N GLN F 29 -6.88 44.94 10.65
CA GLN F 29 -6.89 46.38 10.38
C GLN F 29 -5.50 46.87 10.00
N ILE F 30 -4.48 46.46 10.75
CA ILE F 30 -3.13 46.90 10.46
C ILE F 30 -2.67 46.37 9.12
N LEU F 31 -2.99 45.10 8.81
CA LEU F 31 -2.53 44.52 7.56
C LEU F 31 -3.20 45.16 6.36
N GLN F 32 -4.51 45.45 6.45
CA GLN F 32 -5.16 46.10 5.32
C GLN F 32 -4.68 47.54 5.17
N GLU F 33 -4.34 48.20 6.29
CA GLU F 33 -3.80 49.55 6.20
C GLU F 33 -2.42 49.55 5.53
N THR F 34 -1.58 48.55 5.86
CA THR F 34 -0.31 48.41 5.16
C THR F 34 -0.52 48.12 3.68
N GLN F 35 -1.53 47.31 3.36
CA GLN F 35 -1.85 47.06 1.96
C GLN F 35 -2.24 48.35 1.24
N LEU F 36 -3.05 49.19 1.90
CA LEU F 36 -3.47 50.45 1.30
C LEU F 36 -2.29 51.39 1.09
N LYS F 37 -1.41 51.51 2.08
CA LYS F 37 -0.37 52.53 2.00
C LYS F 37 0.87 52.08 1.23
N TYR F 38 1.35 50.85 1.46
CA TYR F 38 2.60 50.41 0.84
C TYR F 38 2.43 49.86 -0.56
N GLY F 39 1.26 49.30 -0.88
CA GLY F 39 1.00 48.83 -2.22
C GLY F 39 1.00 47.32 -2.36
N TYR F 40 1.92 46.65 -1.68
CA TYR F 40 1.94 45.20 -1.62
C TYR F 40 2.67 44.80 -0.34
N LEU F 41 2.76 43.49 -0.11
CA LEU F 41 3.23 42.96 1.17
C LEU F 41 4.42 42.02 0.96
N PRO F 42 5.63 42.58 0.92
CA PRO F 42 6.83 41.73 0.95
C PRO F 42 7.04 41.13 2.33
N LEU F 43 7.84 40.06 2.36
CA LEU F 43 7.91 39.20 3.53
C LEU F 43 8.50 39.89 4.76
N GLU F 44 9.50 40.76 4.56
CA GLU F 44 10.12 41.43 5.70
C GLU F 44 9.14 42.29 6.47
N LEU F 45 8.05 42.74 5.84
CA LEU F 45 7.01 43.47 6.57
C LEU F 45 6.32 42.56 7.59
N GLN F 46 5.93 41.36 7.18
CA GLN F 46 5.34 40.43 8.15
C GLN F 46 6.35 40.05 9.22
N GLY F 47 7.62 39.86 8.84
CA GLY F 47 8.63 39.59 9.84
C GLY F 47 8.75 40.69 10.87
N THR F 48 8.81 41.94 10.41
CA THR F 48 8.96 43.08 11.31
C THR F 48 7.71 43.24 12.18
N ILE F 49 6.52 43.10 11.60
CA ILE F 49 5.31 43.32 12.37
C ILE F 49 5.13 42.24 13.43
N ALA F 50 5.49 40.99 13.09
CA ALA F 50 5.44 39.92 14.09
C ALA F 50 6.48 40.15 15.17
N ASP F 51 7.64 40.71 14.81
CA ASP F 51 8.63 41.06 15.83
C ASP F 51 8.09 42.13 16.78
N GLU F 52 7.41 43.14 16.25
CA GLU F 52 6.83 44.17 17.11
C GLU F 52 5.72 43.60 17.98
N LEU F 53 4.89 42.72 17.43
CA LEU F 53 3.83 42.11 18.22
C LEU F 53 4.35 41.01 19.14
N GLY F 54 5.54 40.47 18.87
CA GLY F 54 6.10 39.43 19.71
C GLY F 54 5.40 38.10 19.62
N ILE F 55 4.66 37.86 18.55
CA ILE F 55 3.97 36.58 18.32
C ILE F 55 4.59 36.03 17.04
N PRO F 56 4.82 34.72 16.92
CA PRO F 56 5.54 34.18 15.76
C PRO F 56 4.87 34.51 14.43
N LEU F 57 5.61 34.20 13.36
CA LEU F 57 5.22 34.60 12.01
C LEU F 57 4.17 33.69 11.39
N THR F 58 3.84 32.56 12.01
CA THR F 58 2.97 31.59 11.38
C THR F 58 1.57 32.15 11.14
N GLU F 59 0.94 32.72 12.17
CA GLU F 59 -0.42 33.20 11.99
C GLU F 59 -0.46 34.40 11.05
N VAL F 60 0.57 35.25 11.08
CA VAL F 60 0.59 36.43 10.22
C VAL F 60 0.72 36.02 8.77
N TYR F 61 1.66 35.10 8.48
CA TYR F 61 1.82 34.63 7.11
C TYR F 61 0.58 33.87 6.64
N GLY F 62 -0.04 33.10 7.54
CA GLY F 62 -1.24 32.37 7.17
C GLY F 62 -2.39 33.29 6.83
N VAL F 63 -2.62 34.32 7.65
CA VAL F 63 -3.73 35.23 7.35
C VAL F 63 -3.39 36.11 6.16
N ALA F 64 -2.10 36.30 5.87
CA ALA F 64 -1.74 36.99 4.63
C ALA F 64 -2.09 36.14 3.42
N THR F 65 -1.82 34.84 3.46
CA THR F 65 -2.10 33.98 2.31
C THR F 65 -3.54 33.49 2.26
N PHE F 66 -4.33 33.69 3.31
CA PHE F 66 -5.67 33.10 3.37
C PHE F 66 -6.73 34.02 2.79
N TYR F 67 -6.51 35.33 2.84
CA TYR F 67 -7.38 36.29 2.15
C TYR F 67 -6.81 36.51 0.75
N SER F 68 -7.57 36.13 -0.28
CA SER F 68 -7.09 36.26 -1.64
C SER F 68 -6.99 37.71 -2.09
N GLN F 69 -7.66 38.62 -1.40
CA GLN F 69 -7.62 40.04 -1.73
C GLN F 69 -6.31 40.71 -1.36
N PHE F 70 -5.43 40.02 -0.63
CA PHE F 70 -4.17 40.58 -0.18
C PHE F 70 -3.06 40.03 -1.07
N THR F 71 -2.18 40.92 -1.54
CA THR F 71 -1.20 40.60 -2.57
C THR F 71 0.20 40.71 -2.02
N LEU F 72 1.07 39.76 -2.39
CA LEU F 72 2.46 39.75 -1.96
C LEU F 72 3.43 40.23 -3.03
N LYS F 73 2.97 40.38 -4.27
CA LYS F 73 3.83 40.71 -5.39
C LYS F 73 3.42 42.05 -6.00
N PRO F 74 4.38 42.81 -6.54
CA PRO F 74 4.04 44.07 -7.19
C PRO F 74 3.13 43.84 -8.39
N LYS F 75 2.18 44.75 -8.57
CA LYS F 75 1.18 44.66 -9.63
C LYS F 75 1.37 45.79 -10.64
N GLY F 76 0.48 45.84 -11.62
CA GLY F 76 0.53 46.86 -12.64
C GLY F 76 -0.04 48.18 -12.18
N LYS F 77 0.05 49.17 -13.07
CA LYS F 77 -0.51 50.50 -12.78
C LYS F 77 -2.03 50.43 -12.71
N TYR F 78 -2.66 49.79 -13.69
CA TYR F 78 -4.12 49.72 -13.77
C TYR F 78 -4.54 48.26 -13.75
N LYS F 79 -5.50 47.94 -12.89
CA LYS F 79 -6.08 46.61 -12.77
C LYS F 79 -7.45 46.59 -13.44
N ILE F 80 -7.65 45.65 -14.36
CA ILE F 80 -8.92 45.45 -15.04
C ILE F 80 -9.57 44.21 -14.46
N GLY F 81 -10.73 44.41 -13.81
CA GLY F 81 -11.45 43.32 -13.19
C GLY F 81 -12.62 42.90 -14.06
N ILE F 82 -12.71 41.61 -14.33
CA ILE F 82 -13.79 41.03 -15.13
C ILE F 82 -14.73 40.26 -14.21
N CYS F 83 -16.03 40.47 -14.40
CA CYS F 83 -17.04 39.84 -13.57
C CYS F 83 -17.17 38.36 -13.90
N LEU F 84 -17.36 37.54 -12.87
CA LEU F 84 -17.54 36.10 -13.01
C LEU F 84 -18.79 35.63 -12.27
N GLY F 85 -19.81 36.49 -12.21
CA GLY F 85 -21.09 36.11 -11.66
C GLY F 85 -22.09 35.77 -12.74
N THR F 86 -23.12 35.01 -12.35
CA THR F 86 -24.08 34.46 -13.32
C THR F 86 -24.82 35.56 -14.08
N ALA F 87 -25.15 36.66 -13.38
CA ALA F 87 -25.82 37.78 -14.03
C ALA F 87 -24.98 38.37 -15.13
N CYS F 88 -23.68 38.50 -14.91
CA CYS F 88 -22.77 38.94 -15.96
C CYS F 88 -22.15 37.77 -16.73
N TYR F 89 -22.52 36.53 -16.42
CA TYR F 89 -22.04 35.39 -17.19
C TYR F 89 -22.98 34.98 -18.31
N VAL F 90 -24.30 35.03 -18.06
CA VAL F 90 -25.26 34.53 -19.02
C VAL F 90 -25.22 35.35 -20.31
N ARG F 91 -24.75 36.59 -20.23
CA ARG F 91 -24.59 37.42 -21.43
C ARG F 91 -23.37 37.03 -22.26
N GLY F 92 -22.56 36.09 -21.79
CA GLY F 92 -21.41 35.64 -22.55
C GLY F 92 -20.11 36.33 -22.19
N SER F 93 -19.75 36.31 -20.90
CA SER F 93 -18.50 36.92 -20.46
C SER F 93 -17.27 36.13 -20.90
N GLN F 94 -17.44 34.86 -21.29
CA GLN F 94 -16.30 34.06 -21.74
C GLN F 94 -15.69 34.65 -23.00
N ALA F 95 -16.53 35.16 -23.91
CA ALA F 95 -16.02 35.84 -25.10
C ALA F 95 -15.22 37.07 -24.71
N ILE F 96 -15.67 37.80 -23.70
CA ILE F 96 -14.93 38.97 -23.23
C ILE F 96 -13.59 38.56 -22.64
N ILE F 97 -13.56 37.44 -21.90
CA ILE F 97 -12.31 36.94 -21.33
C ILE F 97 -11.34 36.56 -22.44
N ASP F 98 -11.83 35.87 -23.47
CA ASP F 98 -10.95 35.48 -24.57
C ASP F 98 -10.46 36.70 -25.35
N LYS F 99 -11.32 37.70 -25.53
CA LYS F 99 -10.91 38.92 -26.20
C LYS F 99 -9.86 39.67 -25.40
N VAL F 100 -10.01 39.69 -24.07
CA VAL F 100 -9.02 40.31 -23.21
C VAL F 100 -7.70 39.56 -23.30
N ASN F 101 -7.75 38.22 -23.32
CA ASN F 101 -6.54 37.42 -23.48
C ASN F 101 -5.87 37.69 -24.82
N SER F 102 -6.66 37.90 -25.87
CA SER F 102 -6.11 38.15 -27.19
C SER F 102 -5.47 39.53 -27.28
N VAL F 103 -6.17 40.57 -26.83
CA VAL F 103 -5.69 41.94 -27.01
C VAL F 103 -4.58 42.25 -26.02
N LEU F 104 -4.76 41.87 -24.75
CA LEU F 104 -3.81 42.16 -23.70
C LEU F 104 -2.47 41.46 -23.91
N GLY F 105 -2.45 40.38 -24.68
CA GLY F 105 -1.21 39.67 -24.93
C GLY F 105 -0.67 38.91 -23.74
N THR F 106 -1.51 38.64 -22.74
CA THR F 106 -1.09 37.93 -21.54
C THR F 106 -2.29 37.19 -20.96
N GLN F 107 -1.99 36.18 -20.14
CA GLN F 107 -3.02 35.33 -19.58
C GLN F 107 -3.61 35.93 -18.30
N VAL F 108 -4.69 35.32 -17.82
CA VAL F 108 -5.38 35.80 -16.63
C VAL F 108 -4.49 35.60 -15.40
N GLY F 109 -4.52 36.59 -14.50
CA GLY F 109 -3.69 36.55 -13.32
C GLY F 109 -2.25 36.95 -13.54
N ASP F 110 -1.93 37.58 -14.66
CA ASP F 110 -0.57 37.96 -15.00
C ASP F 110 -0.49 39.47 -15.19
N THR F 111 0.62 40.05 -14.74
CA THR F 111 0.89 41.47 -14.90
C THR F 111 1.87 41.66 -16.04
N THR F 112 1.57 42.62 -16.92
CA THR F 112 2.44 42.92 -18.04
C THR F 112 3.81 43.40 -17.55
N GLU F 113 4.83 43.11 -18.34
CA GLU F 113 6.20 43.46 -17.96
C GLU F 113 6.37 44.97 -17.77
N ASP F 114 5.61 45.77 -18.52
CA ASP F 114 5.64 47.21 -18.36
C ASP F 114 5.10 47.67 -17.01
N GLY F 115 4.39 46.81 -16.28
CA GLY F 115 3.83 47.20 -15.00
C GLY F 115 2.70 48.19 -15.08
N LYS F 116 2.00 48.24 -16.22
CA LYS F 116 0.89 49.17 -16.39
C LYS F 116 -0.45 48.49 -16.57
N TRP F 117 -0.48 47.21 -16.96
CA TRP F 117 -1.71 46.44 -17.08
C TRP F 117 -1.66 45.22 -16.18
N SER F 118 -2.76 44.98 -15.47
CA SER F 118 -2.99 43.73 -14.75
C SER F 118 -4.45 43.34 -14.94
N VAL F 119 -4.72 42.04 -14.87
CA VAL F 119 -6.08 41.52 -15.05
C VAL F 119 -6.45 40.68 -13.85
N ASP F 120 -7.70 40.80 -13.41
CA ASP F 120 -8.21 40.05 -12.29
C ASP F 120 -9.62 39.57 -12.57
N ALA F 121 -10.02 38.52 -11.87
CA ALA F 121 -11.33 37.89 -12.02
C ALA F 121 -12.14 38.16 -10.74
N THR F 122 -12.88 39.27 -10.72
CA THR F 122 -13.78 39.58 -9.62
C THR F 122 -15.09 38.85 -9.87
N ARG F 123 -15.70 38.30 -8.81
CA ARG F 123 -16.86 37.45 -9.08
C ARG F 123 -18.04 38.30 -9.56
N CYS F 124 -18.30 39.42 -8.89
CA CYS F 124 -18.87 40.62 -9.52
C CYS F 124 -18.88 41.74 -8.51
N VAL F 125 -19.17 42.95 -9.00
CA VAL F 125 -19.19 44.14 -8.16
C VAL F 125 -20.60 44.60 -7.83
N GLY F 126 -21.63 43.98 -8.39
CA GLY F 126 -23.00 44.31 -8.06
C GLY F 126 -23.68 45.33 -8.95
N ALA F 127 -22.93 46.01 -9.81
CA ALA F 127 -23.53 46.89 -10.81
C ALA F 127 -23.81 46.12 -12.11
N CYS F 128 -24.53 45.02 -11.98
CA CYS F 128 -24.65 44.03 -13.04
C CYS F 128 -25.80 44.31 -13.99
N GLY F 129 -26.67 45.27 -13.67
CA GLY F 129 -27.86 45.52 -14.47
C GLY F 129 -27.62 46.42 -15.66
#